data_9MF0
#
_entry.id   9MF0
#
_cell.length_a   129.736
_cell.length_b   138.300
_cell.length_c   199.626
_cell.angle_alpha   90.00
_cell.angle_beta   90.00
_cell.angle_gamma   90.00
#
_symmetry.space_group_name_H-M   'P 21 21 2'
#
loop_
_entity.id
_entity.type
_entity.pdbx_description
1 polymer 'Isoform 2B of GTPase KRas'
2 polymer 'Leucine-zipper-like transcriptional regulator 1'
3 non-polymer 'MAGNESIUM ION'
4 non-polymer "GUANOSINE-5'-DIPHOSPHATE"
5 water water
#
loop_
_entity_poly.entity_id
_entity_poly.type
_entity_poly.pdbx_seq_one_letter_code
_entity_poly.pdbx_strand_id
1 'polypeptide(L)'
;GMTEYKLVVVGAGGVGKSALTIQLIQNHFVDEYDPAIEDSYRKQVVIDGETCLLDILDTAGQAEYSAMRDQYMRTGEGFL
CVFAINNTKSFEDIHHYREQIKRVKDSEDVPMVLVGNKCDLPSRTVDTKQAQDLARSYGIPFIETSAKTRQGVDDAFYTL
VREIRKHKEK
;
A,C,E,G,I
2 'polypeptide(L)'
;GTVHRWRRLPPCDEFVGARRSKHTVVAYKDAIYVFGGDNGKTMLNDLLRFDVKDCSWCRAFTTGTPPAPRYHHSAVVYGS
SMFVFGGYTGDIYSNSNLKNKNDLFEYKFATGQWTEWKIEGRLPVARSAHGATVYSDKLWIFAGYDGNARLNDMWTIGLQ
DRELTCWEEVAQSGEIPPSCCNFPVAVCRDKMFVFSGQSGAKITNNLFQFEFKDKTWTRIPTEHLLRGSPPPPQRRYGHT
MVAFDRHLYVFGGAADNTLPNELHCYDVDFQTWEVVQPSSDSELPSGRLFHAAAVISDAMYIFGGTVDNNIRSGEMYRFQ
FS
;
B,D,F,H,J
#
loop_
_chem_comp.id
_chem_comp.type
_chem_comp.name
_chem_comp.formula
GDP RNA linking GUANOSINE-5'-DIPHOSPHATE 'C10 H15 N5 O11 P2'
MG non-polymer 'MAGNESIUM ION' 'Mg 2'
#
# COMPACT_ATOMS: atom_id res chain seq x y z
N GLY A 1 -52.46 -5.41 -24.53
CA GLY A 1 -51.25 -4.82 -23.97
C GLY A 1 -50.50 -3.95 -24.95
N MET A 2 -49.88 -2.89 -24.45
CA MET A 2 -49.09 -1.95 -25.26
C MET A 2 -47.69 -1.88 -24.66
N THR A 3 -46.73 -2.54 -25.30
CA THR A 3 -45.35 -2.58 -24.84
C THR A 3 -44.43 -2.18 -25.98
N GLU A 4 -43.35 -1.48 -25.64
CA GLU A 4 -42.36 -1.06 -26.63
C GLU A 4 -41.16 -1.99 -26.59
N TYR A 5 -40.55 -2.19 -27.76
CA TYR A 5 -39.42 -3.10 -27.91
C TYR A 5 -38.37 -2.44 -28.77
N LYS A 6 -37.17 -2.29 -28.23
CA LYS A 6 -36.05 -1.67 -28.94
C LYS A 6 -35.22 -2.78 -29.58
N LEU A 7 -35.24 -2.84 -30.91
CA LEU A 7 -34.50 -3.85 -31.67
C LEU A 7 -33.38 -3.19 -32.44
N VAL A 8 -32.27 -3.91 -32.59
CA VAL A 8 -31.10 -3.43 -33.31
C VAL A 8 -30.68 -4.49 -34.30
N VAL A 9 -30.61 -4.11 -35.58
CA VAL A 9 -30.19 -5.01 -36.64
C VAL A 9 -28.70 -4.81 -36.87
N VAL A 10 -27.90 -5.81 -36.54
CA VAL A 10 -26.46 -5.73 -36.70
C VAL A 10 -26.02 -6.75 -37.75
N GLY A 11 -24.80 -6.56 -38.23
CA GLY A 11 -24.23 -7.44 -39.23
C GLY A 11 -23.32 -6.68 -40.16
N ALA A 12 -22.51 -7.44 -40.91
CA ALA A 12 -21.57 -6.84 -41.84
C ALA A 12 -22.32 -6.06 -42.92
N GLY A 13 -21.59 -5.17 -43.59
CA GLY A 13 -22.21 -4.37 -44.62
C GLY A 13 -22.69 -5.23 -45.78
N GLY A 14 -23.87 -4.90 -46.30
CA GLY A 14 -24.39 -5.56 -47.47
C GLY A 14 -24.93 -6.95 -47.24
N VAL A 15 -25.29 -7.32 -46.02
CA VAL A 15 -25.91 -8.62 -45.80
C VAL A 15 -27.41 -8.58 -46.03
N GLY A 16 -28.04 -7.42 -45.90
CA GLY A 16 -29.47 -7.31 -46.12
C GLY A 16 -30.17 -6.46 -45.10
N LYS A 17 -29.45 -6.01 -44.06
CA LYS A 17 -30.03 -5.31 -42.93
C LYS A 17 -31.05 -4.26 -43.34
N SER A 18 -30.65 -3.32 -44.19
CA SER A 18 -31.55 -2.27 -44.63
C SER A 18 -32.74 -2.85 -45.40
N ALA A 19 -32.46 -3.56 -46.49
CA ALA A 19 -33.54 -4.11 -47.31
C ALA A 19 -34.44 -5.04 -46.51
N LEU A 20 -33.91 -5.65 -45.45
CA LEU A 20 -34.68 -6.58 -44.64
C LEU A 20 -35.61 -5.83 -43.69
N THR A 21 -35.11 -4.76 -43.07
CA THR A 21 -35.97 -3.93 -42.23
C THR A 21 -37.02 -3.19 -43.06
N ILE A 22 -36.64 -2.71 -44.23
CA ILE A 22 -37.58 -2.03 -45.12
C ILE A 22 -38.72 -2.97 -45.49
N GLN A 23 -38.41 -4.26 -45.70
CA GLN A 23 -39.45 -5.21 -46.09
C GLN A 23 -40.49 -5.41 -45.01
N LEU A 24 -40.06 -5.48 -43.75
CA LEU A 24 -41.01 -5.66 -42.65
C LEU A 24 -41.99 -4.51 -42.57
N ILE A 25 -41.58 -3.32 -42.99
CA ILE A 25 -42.34 -2.09 -42.76
C ILE A 25 -43.17 -1.69 -43.97
N GLN A 26 -42.60 -1.75 -45.17
CA GLN A 26 -43.30 -1.30 -46.36
C GLN A 26 -43.67 -2.44 -47.29
N ASN A 27 -43.32 -3.68 -46.94
CA ASN A 27 -43.70 -4.86 -47.71
C ASN A 27 -43.20 -4.75 -49.15
N HIS A 28 -42.00 -4.23 -49.33
CA HIS A 28 -41.41 -4.11 -50.66
C HIS A 28 -39.90 -4.17 -50.57
N PHE A 29 -39.31 -4.89 -51.52
CA PHE A 29 -37.87 -5.05 -51.58
C PHE A 29 -37.23 -3.85 -52.25
N VAL A 30 -36.07 -3.45 -51.74
CA VAL A 30 -35.33 -2.30 -52.27
C VAL A 30 -33.93 -2.77 -52.65
N ASP A 31 -33.62 -2.68 -53.95
CA ASP A 31 -32.33 -3.17 -54.44
C ASP A 31 -31.19 -2.35 -53.87
N GLU A 32 -31.26 -1.03 -54.00
CA GLU A 32 -30.16 -0.15 -53.63
C GLU A 32 -30.66 0.86 -52.62
N TYR A 33 -30.23 0.70 -51.37
CA TYR A 33 -30.43 1.69 -50.31
C TYR A 33 -29.07 2.01 -49.73
N ASP A 34 -28.72 3.31 -49.67
CA ASP A 34 -27.42 3.84 -49.27
C ASP A 34 -26.74 2.96 -48.22
N PRO A 35 -25.59 2.38 -48.53
CA PRO A 35 -25.01 1.38 -47.60
C PRO A 35 -24.50 1.95 -46.29
N ALA A 36 -24.39 3.27 -46.13
CA ALA A 36 -23.85 3.85 -44.90
C ALA A 36 -24.86 4.73 -44.18
N ILE A 37 -26.16 4.57 -44.47
CA ILE A 37 -27.22 5.37 -43.86
C ILE A 37 -27.84 4.58 -42.70
N GLU A 38 -27.83 5.16 -41.50
CA GLU A 38 -28.33 4.51 -40.30
C GLU A 38 -29.39 5.38 -39.61
N ASP A 39 -30.63 4.89 -39.59
CA ASP A 39 -31.73 5.59 -38.94
C ASP A 39 -32.69 4.56 -38.37
N SER A 40 -33.63 5.03 -37.55
CA SER A 40 -34.57 4.14 -36.89
C SER A 40 -35.84 3.97 -37.71
N TYR A 41 -36.53 2.85 -37.47
CA TYR A 41 -37.81 2.56 -38.07
C TYR A 41 -38.80 2.14 -36.98
N ARG A 42 -40.08 2.43 -37.20
CA ARG A 42 -41.10 2.18 -36.20
C ARG A 42 -42.31 1.51 -36.83
N LYS A 43 -42.91 0.56 -36.10
CA LYS A 43 -44.05 -0.18 -36.58
C LYS A 43 -44.86 -0.67 -35.37
N GLN A 44 -46.18 -0.55 -35.49
CA GLN A 44 -47.12 -1.07 -34.50
C GLN A 44 -47.75 -2.34 -35.04
N VAL A 45 -47.50 -3.48 -34.39
CA VAL A 45 -47.99 -4.76 -34.86
C VAL A 45 -48.30 -5.65 -33.66
N VAL A 46 -49.25 -6.57 -33.83
CA VAL A 46 -49.65 -7.49 -32.78
C VAL A 46 -48.77 -8.73 -32.83
N ILE A 47 -48.16 -9.07 -31.69
CA ILE A 47 -47.31 -10.25 -31.55
C ILE A 47 -47.70 -10.98 -30.28
N ASP A 48 -48.02 -12.27 -30.41
CA ASP A 48 -48.45 -13.09 -29.28
C ASP A 48 -49.66 -12.50 -28.58
N GLY A 49 -50.62 -12.02 -29.37
CA GLY A 49 -51.83 -11.44 -28.81
C GLY A 49 -51.61 -10.19 -27.98
N GLU A 50 -50.65 -9.36 -28.38
CA GLU A 50 -50.41 -8.09 -27.71
C GLU A 50 -49.89 -7.10 -28.73
N THR A 51 -50.43 -5.88 -28.72
CA THR A 51 -50.01 -4.83 -29.63
C THR A 51 -48.61 -4.36 -29.24
N CYS A 52 -47.63 -4.65 -30.09
CA CYS A 52 -46.23 -4.35 -29.83
C CYS A 52 -45.82 -3.08 -30.56
N LEU A 53 -45.01 -2.27 -29.91
CA LEU A 53 -44.45 -1.05 -30.48
C LEU A 53 -42.98 -1.31 -30.76
N LEU A 54 -42.63 -1.33 -32.05
CA LEU A 54 -41.29 -1.72 -32.49
C LEU A 54 -40.45 -0.49 -32.80
N ASP A 55 -39.30 -0.38 -32.15
CA ASP A 55 -38.32 0.66 -32.40
C ASP A 55 -37.07 -0.01 -32.94
N ILE A 56 -36.92 -0.04 -34.26
CA ILE A 56 -35.88 -0.82 -34.93
C ILE A 56 -34.85 0.13 -35.53
N LEU A 57 -33.57 -0.16 -35.27
CA LEU A 57 -32.46 0.62 -35.81
C LEU A 57 -31.72 -0.21 -36.84
N ASP A 58 -31.82 0.19 -38.11
CA ASP A 58 -30.98 -0.35 -39.16
C ASP A 58 -29.61 0.30 -39.03
N THR A 59 -28.59 -0.51 -38.73
CA THR A 59 -27.28 0.02 -38.40
C THR A 59 -26.39 0.10 -39.63
N ALA A 60 -25.42 1.01 -39.59
CA ALA A 60 -24.41 1.16 -40.62
C ALA A 60 -23.24 1.92 -40.03
N GLY A 61 -22.18 2.04 -40.80
CA GLY A 61 -21.03 2.75 -40.28
C GLY A 61 -20.04 1.84 -39.58
N GLN A 62 -18.76 2.20 -39.69
CA GLN A 62 -17.68 1.39 -39.15
C GLN A 62 -16.87 2.05 -38.05
N ALA A 63 -16.98 3.37 -37.87
CA ALA A 63 -16.17 4.07 -36.87
C ALA A 63 -16.94 4.10 -35.54
N GLU A 64 -16.54 5.01 -34.65
CA GLU A 64 -17.16 5.08 -33.33
C GLU A 64 -18.65 5.41 -33.46
N TYR A 65 -19.41 4.98 -32.47
CA TYR A 65 -20.86 5.02 -32.57
C TYR A 65 -21.38 6.45 -32.50
N SER A 66 -22.28 6.79 -33.43
CA SER A 66 -23.08 8.00 -33.28
C SER A 66 -23.87 7.93 -31.98
N ALA A 67 -24.14 9.09 -31.39
CA ALA A 67 -24.82 9.12 -30.09
C ALA A 67 -26.13 8.36 -30.12
N MET A 68 -26.82 8.35 -31.26
CA MET A 68 -28.06 7.59 -31.36
C MET A 68 -27.78 6.10 -31.32
N ARG A 69 -26.79 5.64 -32.09
CA ARG A 69 -26.43 4.23 -32.06
C ARG A 69 -25.88 3.83 -30.70
N ASP A 70 -24.96 4.64 -30.17
CA ASP A 70 -24.39 4.38 -28.84
C ASP A 70 -25.49 4.05 -27.84
N GLN A 71 -26.59 4.81 -27.87
CA GLN A 71 -27.68 4.58 -26.93
C GLN A 71 -28.57 3.42 -27.36
N TYR A 72 -28.80 3.25 -28.67
CA TYR A 72 -29.53 2.06 -29.13
C TYR A 72 -28.81 0.78 -28.73
N MET A 73 -27.48 0.77 -28.82
CA MET A 73 -26.72 -0.43 -28.46
C MET A 73 -26.78 -0.70 -26.97
N ARG A 74 -26.88 0.35 -26.15
CA ARG A 74 -26.97 0.17 -24.71
C ARG A 74 -28.40 -0.06 -24.25
N THR A 75 -29.40 0.50 -24.94
CA THR A 75 -30.80 0.36 -24.57
C THR A 75 -31.50 -0.77 -25.33
N GLY A 76 -30.91 -1.26 -26.41
CA GLY A 76 -31.52 -2.30 -27.22
C GLY A 76 -31.95 -3.53 -26.46
N GLU A 77 -33.23 -3.90 -26.59
CA GLU A 77 -33.74 -5.05 -25.84
C GLU A 77 -33.42 -6.37 -26.54
N GLY A 78 -33.23 -6.34 -27.87
CA GLY A 78 -32.91 -7.54 -28.62
C GLY A 78 -32.18 -7.18 -29.89
N PHE A 79 -31.39 -8.13 -30.39
CA PHE A 79 -30.50 -7.88 -31.52
C PHE A 79 -30.66 -8.95 -32.59
N LEU A 80 -30.81 -8.50 -33.84
CA LEU A 80 -30.74 -9.38 -35.01
C LEU A 80 -29.32 -9.41 -35.52
N CYS A 81 -28.68 -10.58 -35.47
CA CYS A 81 -27.34 -10.77 -36.01
C CYS A 81 -27.49 -11.39 -37.39
N VAL A 82 -27.29 -10.58 -38.42
CA VAL A 82 -27.60 -10.97 -39.80
C VAL A 82 -26.30 -11.25 -40.54
N PHE A 83 -26.32 -12.30 -41.37
CA PHE A 83 -25.23 -12.61 -42.27
C PHE A 83 -25.81 -13.09 -43.59
N ALA A 84 -24.99 -13.02 -44.64
CA ALA A 84 -25.41 -13.43 -45.97
C ALA A 84 -24.99 -14.87 -46.21
N ILE A 85 -25.95 -15.72 -46.63
CA ILE A 85 -25.64 -17.12 -46.88
C ILE A 85 -24.77 -17.32 -48.10
N ASN A 86 -24.48 -16.25 -48.85
CA ASN A 86 -23.61 -16.32 -50.01
C ASN A 86 -22.26 -15.66 -49.77
N ASN A 87 -21.99 -15.25 -48.52
CA ASN A 87 -20.75 -14.55 -48.17
C ASN A 87 -20.22 -15.11 -46.87
N THR A 88 -19.11 -15.86 -46.94
CA THR A 88 -18.52 -16.45 -45.75
C THR A 88 -18.12 -15.41 -44.73
N LYS A 89 -17.58 -14.28 -45.20
CA LYS A 89 -17.02 -13.28 -44.28
C LYS A 89 -18.09 -12.73 -43.34
N SER A 90 -19.33 -12.57 -43.85
CA SER A 90 -20.41 -12.10 -42.99
C SER A 90 -20.75 -13.11 -41.90
N PHE A 91 -20.56 -14.41 -42.18
CA PHE A 91 -20.80 -15.43 -41.18
C PHE A 91 -19.69 -15.48 -40.14
N GLU A 92 -18.44 -15.26 -40.58
CA GLU A 92 -17.32 -15.26 -39.64
C GLU A 92 -17.38 -14.09 -38.67
N ASP A 93 -17.91 -12.94 -39.10
CA ASP A 93 -17.98 -11.77 -38.23
C ASP A 93 -19.05 -11.90 -37.15
N ILE A 94 -19.96 -12.86 -37.26
CA ILE A 94 -21.04 -13.00 -36.29
C ILE A 94 -20.46 -13.18 -34.88
N HIS A 95 -19.39 -13.96 -34.75
CA HIS A 95 -18.82 -14.18 -33.43
C HIS A 95 -18.29 -12.88 -32.83
N HIS A 96 -17.78 -11.98 -33.66
CA HIS A 96 -17.37 -10.66 -33.16
C HIS A 96 -18.58 -9.85 -32.73
N TYR A 97 -19.59 -9.76 -33.61
CA TYR A 97 -20.78 -8.96 -33.29
C TYR A 97 -21.47 -9.44 -32.03
N ARG A 98 -21.35 -10.73 -31.71
CA ARG A 98 -21.96 -11.22 -30.47
C ARG A 98 -21.16 -10.74 -29.26
N GLU A 99 -19.84 -10.88 -29.30
CA GLU A 99 -19.00 -10.40 -28.21
C GLU A 99 -19.18 -8.90 -28.00
N GLN A 100 -19.38 -8.15 -29.09
CA GLN A 100 -19.69 -6.73 -28.99
C GLN A 100 -20.91 -6.50 -28.11
N ILE A 101 -22.02 -7.14 -28.44
CA ILE A 101 -23.27 -6.95 -27.71
C ILE A 101 -23.11 -7.39 -26.26
N LYS A 102 -22.41 -8.50 -26.03
CA LYS A 102 -22.23 -9.02 -24.68
C LYS A 102 -21.45 -8.03 -23.81
N ARG A 103 -20.39 -7.43 -24.36
CA ARG A 103 -19.59 -6.49 -23.59
C ARG A 103 -20.30 -5.16 -23.40
N VAL A 104 -21.12 -4.75 -24.36
CA VAL A 104 -21.79 -3.46 -24.26
C VAL A 104 -22.83 -3.46 -23.15
N LYS A 105 -23.58 -4.56 -23.01
CA LYS A 105 -24.64 -4.64 -22.02
C LYS A 105 -24.24 -5.39 -20.77
N ASP A 106 -23.02 -5.93 -20.71
CA ASP A 106 -22.51 -6.63 -19.52
C ASP A 106 -23.46 -7.74 -19.09
N SER A 107 -23.73 -8.67 -20.01
CA SER A 107 -24.62 -9.78 -19.73
C SER A 107 -24.35 -10.89 -20.72
N GLU A 108 -24.55 -12.13 -20.27
CA GLU A 108 -24.46 -13.29 -21.14
C GLU A 108 -25.81 -13.68 -21.73
N ASP A 109 -26.90 -13.32 -21.06
CA ASP A 109 -28.25 -13.59 -21.55
C ASP A 109 -28.79 -12.28 -22.11
N VAL A 110 -28.47 -12.02 -23.38
CA VAL A 110 -29.03 -10.90 -24.12
C VAL A 110 -29.86 -11.47 -25.27
N PRO A 111 -31.10 -11.03 -25.45
CA PRO A 111 -31.93 -11.58 -26.54
C PRO A 111 -31.28 -11.35 -27.90
N MET A 112 -31.10 -12.44 -28.64
CA MET A 112 -30.51 -12.40 -29.97
C MET A 112 -31.19 -13.42 -30.86
N VAL A 113 -31.17 -13.15 -32.16
CA VAL A 113 -31.65 -14.09 -33.17
C VAL A 113 -30.65 -14.08 -34.32
N LEU A 114 -30.14 -15.25 -34.68
CA LEU A 114 -29.20 -15.36 -35.79
C LEU A 114 -29.97 -15.52 -37.08
N VAL A 115 -29.67 -14.68 -38.07
CA VAL A 115 -30.43 -14.60 -39.30
C VAL A 115 -29.48 -14.78 -40.48
N GLY A 116 -29.73 -15.81 -41.29
CA GLY A 116 -29.02 -15.99 -42.54
C GLY A 116 -29.86 -15.50 -43.70
N ASN A 117 -29.57 -14.29 -44.16
CA ASN A 117 -30.34 -13.66 -45.22
C ASN A 117 -29.86 -14.11 -46.60
N LYS A 118 -30.61 -13.71 -47.62
CA LYS A 118 -30.30 -14.00 -49.02
C LYS A 118 -30.44 -15.48 -49.36
N CYS A 119 -31.31 -16.19 -48.64
CA CYS A 119 -31.51 -17.61 -48.89
C CYS A 119 -32.14 -17.88 -50.25
N ASP A 120 -32.70 -16.86 -50.89
CA ASP A 120 -33.23 -17.02 -52.25
C ASP A 120 -32.13 -17.20 -53.28
N LEU A 121 -30.90 -16.83 -52.95
CA LEU A 121 -29.80 -16.93 -53.90
C LEU A 121 -29.37 -18.37 -54.06
N PRO A 122 -29.22 -18.86 -55.29
CA PRO A 122 -28.72 -20.22 -55.52
C PRO A 122 -27.22 -20.38 -55.34
N SER A 123 -26.54 -19.37 -54.81
CA SER A 123 -25.09 -19.39 -54.68
C SER A 123 -24.69 -19.56 -53.22
N ARG A 124 -25.34 -20.49 -52.52
CA ARG A 124 -25.12 -20.64 -51.09
C ARG A 124 -23.69 -21.07 -50.80
N THR A 125 -23.09 -20.45 -49.80
CA THR A 125 -21.74 -20.74 -49.35
C THR A 125 -21.68 -21.17 -47.90
N VAL A 126 -22.54 -20.63 -47.05
CA VAL A 126 -22.60 -20.96 -45.63
C VAL A 126 -23.67 -22.03 -45.46
N ASP A 127 -23.28 -23.25 -45.10
CA ASP A 127 -24.24 -24.34 -44.95
C ASP A 127 -25.23 -24.03 -43.83
N THR A 128 -26.48 -24.45 -44.04
CA THR A 128 -27.50 -24.25 -43.01
C THR A 128 -27.09 -24.94 -41.71
N LYS A 129 -26.45 -26.11 -41.82
CA LYS A 129 -26.00 -26.83 -40.64
C LYS A 129 -25.02 -26.00 -39.82
N GLN A 130 -24.10 -25.31 -40.48
CA GLN A 130 -23.11 -24.49 -39.77
C GLN A 130 -23.79 -23.47 -38.87
N ALA A 131 -24.66 -22.64 -39.45
CA ALA A 131 -25.31 -21.61 -38.66
C ALA A 131 -26.24 -22.21 -37.62
N GLN A 132 -26.91 -23.31 -37.95
CA GLN A 132 -27.71 -24.01 -36.95
C GLN A 132 -26.86 -24.47 -35.77
N ASP A 133 -25.68 -25.03 -36.07
CA ASP A 133 -24.77 -25.45 -35.00
C ASP A 133 -24.33 -24.25 -34.17
N LEU A 134 -23.97 -23.15 -34.83
CA LEU A 134 -23.52 -21.96 -34.12
C LEU A 134 -24.62 -21.40 -33.22
N ALA A 135 -25.85 -21.30 -33.75
CA ALA A 135 -26.94 -20.75 -32.97
C ALA A 135 -27.29 -21.62 -31.78
N ARG A 136 -27.25 -22.95 -31.95
CA ARG A 136 -27.52 -23.84 -30.84
C ARG A 136 -26.49 -23.66 -29.73
N SER A 137 -25.22 -23.50 -30.11
CA SER A 137 -24.18 -23.26 -29.11
C SER A 137 -24.43 -21.94 -28.39
N TYR A 138 -24.84 -20.91 -29.13
CA TYR A 138 -25.16 -19.63 -28.51
C TYR A 138 -26.45 -19.69 -27.73
N GLY A 139 -27.30 -20.69 -27.98
CA GLY A 139 -28.58 -20.76 -27.30
C GLY A 139 -29.62 -19.82 -27.85
N ILE A 140 -29.53 -19.47 -29.12
CA ILE A 140 -30.44 -18.52 -29.75
C ILE A 140 -31.03 -19.15 -31.01
N PRO A 141 -32.21 -18.69 -31.42
CA PRO A 141 -32.81 -19.22 -32.66
C PRO A 141 -32.00 -18.81 -33.89
N PHE A 142 -32.19 -19.58 -34.95
CA PHE A 142 -31.58 -19.28 -36.24
C PHE A 142 -32.67 -19.37 -37.31
N ILE A 143 -32.91 -18.26 -38.01
CA ILE A 143 -33.91 -18.17 -39.05
C ILE A 143 -33.23 -17.72 -40.34
N GLU A 144 -33.44 -18.47 -41.42
CA GLU A 144 -33.00 -18.03 -42.74
C GLU A 144 -34.08 -17.18 -43.38
N THR A 145 -33.68 -16.06 -43.96
CA THR A 145 -34.62 -15.10 -44.50
C THR A 145 -34.21 -14.73 -45.92
N SER A 146 -35.18 -14.18 -46.65
CA SER A 146 -34.93 -13.60 -47.97
C SER A 146 -35.73 -12.32 -48.06
N ALA A 147 -35.04 -11.18 -47.95
CA ALA A 147 -35.72 -9.89 -48.09
C ALA A 147 -36.30 -9.71 -49.48
N LYS A 148 -35.77 -10.42 -50.48
CA LYS A 148 -36.29 -10.31 -51.83
C LYS A 148 -37.67 -10.95 -51.96
N THR A 149 -37.85 -12.13 -51.36
CA THR A 149 -39.12 -12.85 -51.40
C THR A 149 -39.92 -12.74 -50.12
N ARG A 150 -39.41 -12.02 -49.12
CA ARG A 150 -40.03 -11.80 -47.80
C ARG A 150 -40.17 -13.08 -46.99
N GLN A 151 -39.58 -14.19 -47.45
CA GLN A 151 -39.68 -15.44 -46.71
C GLN A 151 -38.96 -15.33 -45.36
N GLY A 152 -39.68 -15.64 -44.29
CA GLY A 152 -39.11 -15.62 -42.96
C GLY A 152 -38.82 -14.25 -42.39
N VAL A 153 -39.13 -13.17 -43.13
CA VAL A 153 -38.81 -11.83 -42.65
C VAL A 153 -39.62 -11.52 -41.40
N ASP A 154 -40.94 -11.79 -41.44
CA ASP A 154 -41.78 -11.56 -40.27
C ASP A 154 -41.37 -12.49 -39.12
N ASP A 155 -41.07 -13.75 -39.42
CA ASP A 155 -40.70 -14.70 -38.37
C ASP A 155 -39.46 -14.25 -37.63
N ALA A 156 -38.38 -13.95 -38.36
CA ALA A 156 -37.12 -13.58 -37.72
C ALA A 156 -37.30 -12.42 -36.76
N PHE A 157 -38.02 -11.38 -37.17
CA PHE A 157 -38.21 -10.22 -36.32
C PHE A 157 -39.13 -10.56 -35.15
N TYR A 158 -40.27 -11.22 -35.42
CA TYR A 158 -41.19 -11.56 -34.35
C TYR A 158 -40.55 -12.55 -33.36
N THR A 159 -39.66 -13.42 -33.86
CA THR A 159 -38.96 -14.35 -32.97
C THR A 159 -38.10 -13.59 -31.98
N LEU A 160 -37.42 -12.53 -32.44
CA LEU A 160 -36.64 -11.71 -31.52
C LEU A 160 -37.50 -11.11 -30.43
N VAL A 161 -38.71 -10.68 -30.79
CA VAL A 161 -39.63 -10.14 -29.79
C VAL A 161 -40.01 -11.23 -28.79
N ARG A 162 -40.21 -12.45 -29.27
CA ARG A 162 -40.52 -13.55 -28.36
C ARG A 162 -39.36 -13.83 -27.42
N GLU A 163 -38.12 -13.73 -27.93
CA GLU A 163 -36.97 -13.97 -27.07
C GLU A 163 -36.82 -12.88 -26.02
N ILE A 164 -37.21 -11.65 -26.34
CA ILE A 164 -37.20 -10.59 -25.34
C ILE A 164 -38.24 -10.87 -24.26
N ARG A 165 -39.41 -11.36 -24.66
CA ARG A 165 -40.44 -11.73 -23.68
C ARG A 165 -39.96 -12.86 -22.78
N LYS A 166 -39.31 -13.88 -23.36
CA LYS A 166 -38.84 -15.01 -22.58
C LYS A 166 -37.78 -14.58 -21.57
N HIS A 167 -36.85 -13.73 -21.99
CA HIS A 167 -35.82 -13.28 -21.07
C HIS A 167 -36.39 -12.42 -19.95
N LYS A 168 -37.46 -11.67 -20.24
CA LYS A 168 -38.12 -10.89 -19.21
C LYS A 168 -38.90 -11.75 -18.22
N GLU A 169 -39.18 -13.01 -18.58
CA GLU A 169 -39.94 -13.90 -17.72
C GLU A 169 -39.10 -14.43 -16.55
N LYS A 170 -37.87 -14.82 -16.83
CA LYS A 170 -37.00 -15.45 -15.85
C LYS A 170 -36.78 -14.58 -14.61
N GLY B 1 5.11 27.11 -36.63
CA GLY B 1 5.90 28.30 -36.90
C GLY B 1 5.68 28.87 -38.28
N THR B 2 5.63 27.97 -39.27
CA THR B 2 5.34 28.34 -40.64
C THR B 2 3.83 28.53 -40.82
N VAL B 3 3.47 29.33 -41.82
CA VAL B 3 2.06 29.51 -42.14
C VAL B 3 1.50 28.20 -42.70
N HIS B 4 0.27 27.88 -42.32
CA HIS B 4 -0.43 26.67 -42.77
C HIS B 4 0.41 25.43 -42.47
N ARG B 5 0.75 25.26 -41.20
CA ARG B 5 1.63 24.19 -40.75
C ARG B 5 0.99 23.41 -39.62
N TRP B 6 0.96 22.09 -39.75
CA TRP B 6 0.57 21.19 -38.68
C TRP B 6 1.80 20.87 -37.84
N ARG B 7 1.83 21.36 -36.61
CA ARG B 7 2.83 20.98 -35.63
C ARG B 7 2.24 19.95 -34.67
N ARG B 8 3.02 18.92 -34.34
CA ARG B 8 2.60 17.91 -33.39
C ARG B 8 3.07 18.32 -32.01
N LEU B 9 2.14 18.73 -31.17
CA LEU B 9 2.42 19.17 -29.81
C LEU B 9 2.48 17.96 -28.88
N PRO B 10 3.12 18.09 -27.72
CA PRO B 10 3.28 16.93 -26.83
C PRO B 10 1.94 16.42 -26.35
N PRO B 11 1.63 15.15 -26.59
CA PRO B 11 0.34 14.59 -26.17
C PRO B 11 0.21 14.58 -24.66
N CYS B 12 -1.04 14.51 -24.20
CA CYS B 12 -1.32 14.41 -22.77
C CYS B 12 -0.99 13.00 -22.29
N ASP B 13 0.04 12.88 -21.47
CA ASP B 13 0.42 11.58 -20.94
C ASP B 13 -0.68 11.04 -20.04
N GLU B 14 -0.83 9.72 -20.04
CA GLU B 14 -1.82 9.07 -19.17
C GLU B 14 -1.55 9.37 -17.71
N PHE B 15 -0.34 9.82 -17.37
CA PHE B 15 -0.02 10.27 -16.01
C PHE B 15 -0.82 11.49 -15.61
N VAL B 16 -1.30 12.28 -16.56
CA VAL B 16 -2.11 13.46 -16.28
C VAL B 16 -3.59 13.19 -16.56
N GLY B 17 -3.88 12.46 -17.63
CA GLY B 17 -5.26 12.13 -18.00
C GLY B 17 -5.33 11.09 -19.09
N ALA B 18 -6.32 10.20 -19.03
CA ALA B 18 -6.40 9.11 -19.99
C ALA B 18 -6.75 9.62 -21.38
N ARG B 19 -6.20 8.97 -22.40
CA ARG B 19 -6.57 9.26 -23.78
C ARG B 19 -8.07 9.05 -23.94
N ARG B 20 -8.72 9.97 -24.65
CA ARG B 20 -10.17 10.05 -24.58
C ARG B 20 -10.75 10.58 -25.88
N SER B 21 -12.06 10.42 -26.03
CA SER B 21 -12.83 11.01 -27.12
C SER B 21 -14.17 11.46 -26.55
N LYS B 22 -14.96 12.12 -27.41
CA LYS B 22 -16.29 12.62 -27.04
C LYS B 22 -16.21 13.65 -25.92
N HIS B 23 -15.06 14.31 -25.79
CA HIS B 23 -14.82 15.29 -24.74
C HIS B 23 -15.12 16.69 -25.29
N THR B 24 -14.84 17.70 -24.48
CA THR B 24 -14.96 19.09 -24.89
C THR B 24 -13.62 19.80 -24.72
N VAL B 25 -13.34 20.72 -25.62
CA VAL B 25 -12.14 21.56 -25.57
C VAL B 25 -12.60 23.02 -25.55
N VAL B 26 -11.93 23.81 -24.72
CA VAL B 26 -12.28 25.21 -24.49
C VAL B 26 -11.00 26.03 -24.44
N ALA B 27 -10.98 27.15 -25.14
CA ALA B 27 -9.83 28.05 -25.12
C ALA B 27 -10.12 29.21 -24.17
N TYR B 28 -9.18 29.48 -23.27
CA TYR B 28 -9.29 30.62 -22.36
C TYR B 28 -7.88 31.13 -22.08
N LYS B 29 -7.70 32.44 -22.25
CA LYS B 29 -6.37 33.03 -22.21
C LYS B 29 -5.45 32.29 -23.17
N ASP B 30 -4.38 31.71 -22.65
CA ASP B 30 -3.41 30.99 -23.47
C ASP B 30 -3.37 29.52 -23.09
N ALA B 31 -4.52 28.94 -22.78
CA ALA B 31 -4.59 27.56 -22.33
C ALA B 31 -5.81 26.88 -22.93
N ILE B 32 -5.68 25.57 -23.11
CA ILE B 32 -6.77 24.72 -23.58
C ILE B 32 -7.28 23.94 -22.39
N TYR B 33 -8.61 23.89 -22.22
CA TYR B 33 -9.22 23.18 -21.11
C TYR B 33 -10.05 22.02 -21.64
N VAL B 34 -9.64 20.80 -21.29
CA VAL B 34 -10.30 19.59 -21.73
C VAL B 34 -11.16 19.06 -20.59
N PHE B 35 -12.41 18.72 -20.90
CA PHE B 35 -13.34 18.21 -19.89
C PHE B 35 -14.10 17.00 -20.41
N GLY B 36 -14.25 16.01 -19.54
CA GLY B 36 -15.07 14.84 -19.79
C GLY B 36 -14.55 13.94 -20.90
N GLY B 37 -15.43 13.07 -21.37
CA GLY B 37 -15.10 12.16 -22.44
C GLY B 37 -15.17 10.70 -22.04
N ASP B 38 -14.57 9.83 -22.87
CA ASP B 38 -14.59 8.39 -22.66
C ASP B 38 -13.18 7.87 -22.90
N ASN B 39 -12.68 7.06 -21.97
CA ASN B 39 -11.34 6.50 -22.08
C ASN B 39 -11.33 5.08 -22.61
N GLY B 40 -12.50 4.52 -22.94
CA GLY B 40 -12.61 3.15 -23.38
C GLY B 40 -13.15 2.20 -22.34
N LYS B 41 -13.16 2.61 -21.07
CA LYS B 41 -13.68 1.77 -20.00
C LYS B 41 -14.77 2.49 -19.21
N THR B 42 -14.63 3.79 -19.04
CA THR B 42 -15.56 4.54 -18.19
C THR B 42 -15.65 5.99 -18.66
N MET B 43 -16.70 6.66 -18.21
CA MET B 43 -16.85 8.08 -18.45
C MET B 43 -16.01 8.89 -17.47
N LEU B 44 -15.56 10.05 -17.91
CA LEU B 44 -14.64 10.89 -17.16
C LEU B 44 -15.28 12.22 -16.82
N ASN B 45 -14.81 12.84 -15.73
CA ASN B 45 -15.20 14.21 -15.40
C ASN B 45 -14.03 15.06 -14.93
N ASP B 46 -12.80 14.63 -15.20
CA ASP B 46 -11.63 15.43 -14.82
C ASP B 46 -11.51 16.63 -15.75
N LEU B 47 -10.70 17.60 -15.32
CA LEU B 47 -10.49 18.83 -16.07
C LEU B 47 -9.01 19.01 -16.32
N LEU B 48 -8.64 19.06 -17.60
CA LEU B 48 -7.25 19.17 -18.02
C LEU B 48 -6.97 20.58 -18.52
N ARG B 49 -5.74 21.04 -18.33
CA ARG B 49 -5.32 22.37 -18.73
C ARG B 49 -3.99 22.25 -19.47
N PHE B 50 -3.99 22.59 -20.75
CA PHE B 50 -2.79 22.57 -21.57
C PHE B 50 -2.36 24.01 -21.84
N ASP B 51 -1.18 24.37 -21.34
CA ASP B 51 -0.64 25.71 -21.50
C ASP B 51 0.09 25.80 -22.84
N VAL B 52 -0.39 26.69 -23.72
CA VAL B 52 0.15 26.78 -25.07
C VAL B 52 1.60 27.25 -25.05
N LYS B 53 1.98 28.04 -24.05
CA LYS B 53 3.33 28.63 -24.04
C LYS B 53 4.40 27.59 -23.76
N ASP B 54 4.35 26.93 -22.60
CA ASP B 54 5.35 25.92 -22.25
C ASP B 54 4.97 24.52 -22.70
N CYS B 55 3.82 24.35 -23.37
CA CYS B 55 3.33 23.05 -23.82
C CYS B 55 3.31 22.03 -22.69
N SER B 56 2.71 22.45 -21.58
CA SER B 56 2.68 21.66 -20.36
C SER B 56 1.25 21.18 -20.10
N TRP B 57 1.08 19.86 -20.06
CA TRP B 57 -0.20 19.28 -19.69
C TRP B 57 -0.32 19.23 -18.17
N CYS B 58 -1.56 19.29 -17.69
CA CYS B 58 -1.77 19.54 -16.27
C CYS B 58 -3.19 19.22 -15.83
N ARG B 59 -3.31 18.51 -14.71
CA ARG B 59 -4.61 18.27 -14.09
C ARG B 59 -5.03 19.52 -13.34
N ALA B 60 -6.03 20.22 -13.88
CA ALA B 60 -6.39 21.54 -13.39
C ALA B 60 -6.92 21.46 -11.95
N PHE B 61 -6.68 22.53 -11.20
CA PHE B 61 -7.12 22.60 -9.82
C PHE B 61 -8.60 22.97 -9.75
N THR B 62 -9.35 22.21 -8.96
CA THR B 62 -10.78 22.45 -8.78
C THR B 62 -11.11 22.49 -7.29
N THR B 63 -12.34 22.93 -6.99
CA THR B 63 -12.83 22.97 -5.62
C THR B 63 -14.18 22.27 -5.50
N GLY B 64 -15.21 22.88 -6.08
CA GLY B 64 -16.57 22.41 -5.89
C GLY B 64 -16.82 21.04 -6.47
N THR B 65 -18.05 20.55 -6.28
CA THR B 65 -18.45 19.26 -6.81
C THR B 65 -18.57 19.38 -8.33
N PRO B 66 -17.81 18.60 -9.10
CA PRO B 66 -17.85 18.74 -10.56
C PRO B 66 -19.09 18.06 -11.14
N PRO B 67 -19.38 18.28 -12.42
CA PRO B 67 -20.48 17.56 -13.06
C PRO B 67 -20.21 16.06 -13.06
N ALA B 68 -21.29 15.29 -13.15
CA ALA B 68 -21.15 13.85 -13.21
C ALA B 68 -20.36 13.47 -14.46
N PRO B 69 -19.57 12.38 -14.39
CA PRO B 69 -18.82 11.95 -15.57
C PRO B 69 -19.74 11.73 -16.77
N ARG B 70 -19.29 12.22 -17.92
CA ARG B 70 -20.18 12.27 -19.07
C ARG B 70 -19.36 12.43 -20.34
N TYR B 71 -20.02 12.17 -21.47
CA TYR B 71 -19.47 12.47 -22.78
C TYR B 71 -20.60 12.96 -23.69
N HIS B 72 -20.24 13.35 -24.90
CA HIS B 72 -21.15 13.98 -25.85
C HIS B 72 -21.85 15.20 -25.26
N HIS B 73 -21.14 15.93 -24.41
CA HIS B 73 -21.64 17.15 -23.79
C HIS B 73 -21.05 18.36 -24.49
N SER B 74 -21.55 19.54 -24.10
CA SER B 74 -21.10 20.80 -24.66
C SER B 74 -20.35 21.62 -23.62
N ALA B 75 -19.45 22.47 -24.09
CA ALA B 75 -18.74 23.39 -23.21
C ALA B 75 -18.46 24.67 -23.98
N VAL B 76 -18.79 25.80 -23.37
CA VAL B 76 -18.64 27.10 -23.99
C VAL B 76 -17.99 28.04 -22.99
N VAL B 77 -17.68 29.25 -23.45
CA VAL B 77 -16.98 30.24 -22.64
C VAL B 77 -17.87 31.45 -22.50
N TYR B 78 -17.82 32.08 -21.31
CA TYR B 78 -18.50 33.34 -21.10
C TYR B 78 -17.74 34.10 -20.02
N GLY B 79 -16.91 35.04 -20.44
CA GLY B 79 -16.14 35.81 -19.48
C GLY B 79 -15.10 34.93 -18.81
N SER B 80 -15.06 34.97 -17.48
CA SER B 80 -14.07 34.26 -16.69
C SER B 80 -14.49 32.83 -16.34
N SER B 81 -15.49 32.28 -17.02
CA SER B 81 -16.05 31.00 -16.62
C SER B 81 -16.33 30.13 -17.84
N MET B 82 -16.37 28.81 -17.59
CA MET B 82 -16.77 27.79 -18.56
C MET B 82 -18.15 27.26 -18.20
N PHE B 83 -18.91 26.87 -19.22
CA PHE B 83 -20.28 26.40 -19.05
C PHE B 83 -20.45 25.05 -19.75
N VAL B 84 -20.78 24.02 -18.97
CA VAL B 84 -21.00 22.68 -19.49
C VAL B 84 -22.49 22.38 -19.42
N PHE B 85 -23.04 21.80 -20.50
CA PHE B 85 -24.46 21.51 -20.58
C PHE B 85 -24.70 20.14 -21.18
N GLY B 86 -25.62 19.38 -20.57
CA GLY B 86 -26.06 18.13 -21.15
C GLY B 86 -24.99 17.04 -21.11
N GLY B 87 -25.21 16.03 -21.94
CA GLY B 87 -24.31 14.90 -22.07
C GLY B 87 -24.98 13.60 -21.72
N TYR B 88 -24.16 12.56 -21.62
CA TYR B 88 -24.60 11.20 -21.35
C TYR B 88 -23.92 10.73 -20.07
N THR B 89 -24.73 10.25 -19.12
CA THR B 89 -24.25 9.97 -17.77
C THR B 89 -24.62 8.54 -17.36
N GLY B 90 -23.70 7.87 -16.66
CA GLY B 90 -24.01 6.56 -16.11
C GLY B 90 -22.75 5.77 -15.84
N ASP B 91 -22.87 4.45 -15.98
CA ASP B 91 -21.76 3.51 -15.82
C ASP B 91 -21.68 2.65 -17.06
N ILE B 92 -20.65 2.87 -17.88
CA ILE B 92 -20.49 2.11 -19.12
C ILE B 92 -20.16 0.66 -18.84
N TYR B 93 -19.25 0.42 -17.88
CA TYR B 93 -18.73 -0.93 -17.69
C TYR B 93 -19.83 -1.91 -17.29
N SER B 94 -20.76 -1.46 -16.43
CA SER B 94 -21.87 -2.29 -16.01
C SER B 94 -23.14 -2.03 -16.80
N ASN B 95 -23.15 -1.01 -17.67
CA ASN B 95 -24.30 -0.65 -18.50
C ASN B 95 -25.54 -0.41 -17.66
N SER B 96 -25.39 0.42 -16.63
CA SER B 96 -26.49 0.71 -15.71
C SER B 96 -26.54 2.21 -15.43
N ASN B 97 -27.73 2.66 -15.03
CA ASN B 97 -27.96 4.04 -14.59
C ASN B 97 -27.60 5.05 -15.69
N LEU B 98 -27.92 4.69 -16.93
CA LEU B 98 -27.58 5.52 -18.09
C LEU B 98 -28.73 6.47 -18.40
N LYS B 99 -28.42 7.75 -18.56
CA LYS B 99 -29.43 8.75 -18.88
C LYS B 99 -28.76 9.95 -19.54
N ASN B 100 -29.54 10.64 -20.37
CA ASN B 100 -29.09 11.93 -20.89
C ASN B 100 -29.31 12.99 -19.83
N LYS B 101 -28.66 14.14 -20.01
CA LYS B 101 -28.69 15.19 -19.01
C LYS B 101 -29.16 16.50 -19.63
N ASN B 102 -29.61 17.40 -18.75
CA ASN B 102 -29.91 18.77 -19.14
C ASN B 102 -29.48 19.77 -18.09
N ASP B 103 -28.56 19.38 -17.20
CA ASP B 103 -28.05 20.26 -16.16
C ASP B 103 -27.00 21.23 -16.74
N LEU B 104 -26.70 22.26 -15.96
CA LEU B 104 -25.85 23.35 -16.42
C LEU B 104 -24.87 23.71 -15.32
N PHE B 105 -23.57 23.59 -15.61
CA PHE B 105 -22.52 23.83 -14.64
C PHE B 105 -21.64 24.98 -15.09
N GLU B 106 -21.09 25.69 -14.11
CA GLU B 106 -20.18 26.81 -14.34
C GLU B 106 -18.84 26.49 -13.73
N TYR B 107 -17.77 26.84 -14.45
CA TYR B 107 -16.40 26.68 -13.95
C TYR B 107 -15.68 28.02 -14.05
N LYS B 108 -15.49 28.70 -12.92
CA LYS B 108 -14.76 29.95 -12.89
C LYS B 108 -13.27 29.66 -12.98
N PHE B 109 -12.63 30.11 -14.07
CA PHE B 109 -11.19 29.87 -14.25
C PHE B 109 -10.37 30.54 -13.16
N ALA B 110 -10.89 31.62 -12.57
CA ALA B 110 -10.12 32.36 -11.57
C ALA B 110 -9.97 31.56 -10.29
N THR B 111 -11.06 30.97 -9.81
CA THR B 111 -11.06 30.28 -8.53
C THR B 111 -11.14 28.76 -8.65
N GLY B 112 -11.39 28.23 -9.85
CA GLY B 112 -11.60 26.81 -9.99
C GLY B 112 -12.91 26.34 -9.38
N GLN B 113 -13.91 27.21 -9.38
CA GLN B 113 -15.16 26.96 -8.65
C GLN B 113 -16.15 26.26 -9.56
N TRP B 114 -16.47 25.01 -9.25
CA TRP B 114 -17.58 24.31 -9.88
C TRP B 114 -18.88 24.73 -9.20
N THR B 115 -19.86 25.19 -9.99
CA THR B 115 -21.14 25.62 -9.46
C THR B 115 -22.25 25.21 -10.42
N GLU B 116 -23.16 24.38 -9.93
CA GLU B 116 -24.31 23.96 -10.74
C GLU B 116 -25.35 25.07 -10.76
N TRP B 117 -25.80 25.42 -11.96
CA TRP B 117 -26.88 26.38 -12.15
C TRP B 117 -28.19 25.60 -12.11
N LYS B 118 -28.81 25.54 -10.93
CA LYS B 118 -30.09 24.85 -10.76
C LYS B 118 -31.19 25.77 -11.26
N ILE B 119 -31.60 25.59 -12.51
CA ILE B 119 -32.56 26.47 -13.15
C ILE B 119 -33.97 25.96 -12.94
N GLU B 120 -34.89 26.87 -12.62
CA GLU B 120 -36.30 26.54 -12.45
C GLU B 120 -37.03 26.79 -13.76
N GLY B 121 -38.34 26.55 -13.74
CA GLY B 121 -39.12 26.66 -14.95
C GLY B 121 -38.94 25.47 -15.86
N ARG B 122 -39.52 25.57 -17.05
CA ARG B 122 -39.42 24.49 -18.02
C ARG B 122 -38.00 24.40 -18.56
N LEU B 123 -37.54 23.17 -18.78
CA LEU B 123 -36.18 22.94 -19.22
C LEU B 123 -36.18 22.30 -20.60
N PRO B 124 -35.12 22.49 -21.38
CA PRO B 124 -34.99 21.73 -22.62
C PRO B 124 -34.88 20.24 -22.31
N VAL B 125 -35.31 19.42 -23.26
CA VAL B 125 -35.25 17.97 -23.07
C VAL B 125 -33.80 17.55 -22.88
N ALA B 126 -33.57 16.67 -21.91
CA ALA B 126 -32.23 16.14 -21.68
C ALA B 126 -31.70 15.48 -22.94
N ARG B 127 -30.47 15.82 -23.32
CA ARG B 127 -29.99 15.47 -24.64
C ARG B 127 -28.47 15.30 -24.64
N SER B 128 -27.97 14.71 -25.71
CA SER B 128 -26.55 14.55 -25.95
C SER B 128 -26.26 14.82 -27.42
N ALA B 129 -24.97 14.95 -27.75
CA ALA B 129 -24.49 15.20 -29.10
C ALA B 129 -25.04 16.48 -29.71
N HIS B 130 -25.59 17.37 -28.88
CA HIS B 130 -26.13 18.62 -29.36
C HIS B 130 -25.00 19.59 -29.73
N GLY B 131 -25.40 20.71 -30.32
CA GLY B 131 -24.48 21.81 -30.59
C GLY B 131 -24.74 22.94 -29.62
N ALA B 132 -23.71 23.71 -29.31
CA ALA B 132 -23.85 24.80 -28.35
C ALA B 132 -22.86 25.91 -28.66
N THR B 133 -23.27 27.14 -28.35
CA THR B 133 -22.44 28.32 -28.58
C THR B 133 -22.99 29.47 -27.77
N VAL B 134 -22.22 30.56 -27.72
CA VAL B 134 -22.58 31.76 -26.97
C VAL B 134 -22.80 32.89 -27.95
N TYR B 135 -23.86 33.67 -27.73
CA TYR B 135 -24.13 34.85 -28.53
C TYR B 135 -25.04 35.77 -27.75
N SER B 136 -24.73 37.07 -27.79
CA SER B 136 -25.52 38.12 -27.13
C SER B 136 -25.83 37.75 -25.68
N ASP B 137 -24.78 37.36 -24.95
CA ASP B 137 -24.85 37.09 -23.52
C ASP B 137 -25.78 35.92 -23.18
N LYS B 138 -26.00 35.01 -24.12
CA LYS B 138 -26.88 33.87 -23.91
C LYS B 138 -26.23 32.61 -24.46
N LEU B 139 -26.50 31.49 -23.79
CA LEU B 139 -26.03 30.19 -24.26
C LEU B 139 -27.07 29.59 -25.19
N TRP B 140 -26.67 29.28 -26.42
CA TRP B 140 -27.56 28.71 -27.41
C TRP B 140 -27.24 27.22 -27.56
N ILE B 141 -28.26 26.38 -27.45
CA ILE B 141 -28.14 24.94 -27.66
C ILE B 141 -29.10 24.52 -28.75
N PHE B 142 -28.66 23.59 -29.60
CA PHE B 142 -29.40 23.23 -30.79
C PHE B 142 -29.28 21.73 -31.07
N ALA B 143 -30.42 21.12 -31.39
CA ALA B 143 -30.53 19.75 -31.92
C ALA B 143 -30.01 18.75 -30.85
N GLY B 144 -29.53 17.60 -31.29
CA GLY B 144 -29.04 16.56 -30.39
C GLY B 144 -29.92 15.32 -30.41
N TYR B 145 -29.56 14.36 -29.56
CA TYR B 145 -30.31 13.13 -29.36
C TYR B 145 -30.76 13.08 -27.91
N ASP B 146 -32.04 12.76 -27.68
CA ASP B 146 -32.62 12.79 -26.35
C ASP B 146 -32.85 11.41 -25.76
N GLY B 147 -32.53 10.35 -26.50
CA GLY B 147 -32.84 9.00 -26.09
C GLY B 147 -34.07 8.42 -26.74
N ASN B 148 -34.86 9.22 -27.42
CA ASN B 148 -36.02 8.77 -28.17
C ASN B 148 -35.90 9.04 -29.65
N ALA B 149 -35.44 10.23 -30.03
CA ALA B 149 -35.24 10.58 -31.44
C ALA B 149 -34.27 11.74 -31.51
N ARG B 150 -33.74 11.96 -32.71
CA ARG B 150 -32.90 13.13 -32.93
C ARG B 150 -33.75 14.40 -32.85
N LEU B 151 -33.13 15.49 -32.43
CA LEU B 151 -33.84 16.72 -32.16
C LEU B 151 -33.47 17.80 -33.17
N ASN B 152 -34.30 18.84 -33.22
CA ASN B 152 -33.98 20.02 -34.01
C ASN B 152 -34.48 21.30 -33.36
N ASP B 153 -34.84 21.27 -32.07
CA ASP B 153 -35.25 22.47 -31.38
C ASP B 153 -34.04 23.31 -30.99
N MET B 154 -34.30 24.49 -30.45
CA MET B 154 -33.25 25.40 -30.05
C MET B 154 -33.68 26.15 -28.81
N TRP B 155 -32.77 26.27 -27.85
CA TRP B 155 -33.06 26.93 -26.59
C TRP B 155 -31.96 27.93 -26.26
N THR B 156 -32.31 28.93 -25.47
CA THR B 156 -31.35 29.91 -24.96
C THR B 156 -31.48 30.02 -23.45
N ILE B 157 -30.42 30.54 -22.84
CA ILE B 157 -30.38 30.76 -21.40
C ILE B 157 -29.42 31.91 -21.13
N GLY B 158 -29.90 32.93 -20.42
CA GLY B 158 -29.05 34.04 -20.09
C GLY B 158 -27.93 33.62 -19.14
N LEU B 159 -26.72 34.11 -19.41
CA LEU B 159 -25.53 33.74 -18.65
C LEU B 159 -25.03 34.91 -17.79
N GLN B 160 -25.92 35.81 -17.39
CA GLN B 160 -25.51 36.99 -16.62
C GLN B 160 -25.80 36.84 -15.14
N ASP B 161 -27.04 36.49 -14.78
CA ASP B 161 -27.44 36.37 -13.38
C ASP B 161 -28.12 35.03 -13.19
N ARG B 162 -27.52 34.15 -12.38
CA ARG B 162 -28.09 32.82 -12.18
C ARG B 162 -29.48 32.89 -11.55
N GLU B 163 -29.72 33.89 -10.70
CA GLU B 163 -30.99 33.96 -9.98
C GLU B 163 -32.14 34.38 -10.88
N LEU B 164 -31.88 35.29 -11.83
CA LEU B 164 -32.92 35.84 -12.68
C LEU B 164 -33.16 35.05 -13.95
N THR B 165 -32.19 34.25 -14.40
CA THR B 165 -32.29 33.63 -15.70
C THR B 165 -33.15 32.36 -15.66
N CYS B 166 -33.68 32.01 -16.83
CA CYS B 166 -34.47 30.80 -17.02
C CYS B 166 -34.42 30.44 -18.50
N TRP B 167 -34.74 29.18 -18.79
CA TRP B 167 -34.65 28.68 -20.15
C TRP B 167 -35.80 29.18 -21.00
N GLU B 168 -35.48 29.58 -22.24
CA GLU B 168 -36.48 29.91 -23.25
C GLU B 168 -36.23 29.06 -24.48
N GLU B 169 -37.32 28.63 -25.12
CA GLU B 169 -37.22 27.87 -26.37
C GLU B 169 -37.33 28.83 -27.55
N VAL B 170 -36.42 28.69 -28.51
CA VAL B 170 -36.38 29.58 -29.66
C VAL B 170 -37.41 29.14 -30.69
N ALA B 171 -38.20 30.10 -31.18
CA ALA B 171 -39.15 29.86 -32.26
C ALA B 171 -38.39 30.03 -33.57
N GLN B 172 -37.81 28.94 -34.05
CA GLN B 172 -37.00 28.97 -35.26
C GLN B 172 -37.88 29.08 -36.50
N SER B 173 -37.41 29.84 -37.49
CA SER B 173 -38.04 29.93 -38.79
C SER B 173 -36.99 29.71 -39.87
N GLY B 174 -37.47 29.48 -41.09
CA GLY B 174 -36.59 29.22 -42.21
C GLY B 174 -36.42 27.73 -42.45
N GLU B 175 -35.45 27.42 -43.31
CA GLU B 175 -35.16 26.03 -43.66
C GLU B 175 -34.33 25.42 -42.53
N ILE B 176 -35.03 24.93 -41.51
CA ILE B 176 -34.38 24.33 -40.35
C ILE B 176 -33.62 23.08 -40.79
N PRO B 177 -32.40 22.84 -40.29
CA PRO B 177 -31.73 21.59 -40.61
C PRO B 177 -32.54 20.41 -40.10
N PRO B 178 -32.49 19.27 -40.78
CA PRO B 178 -33.15 18.08 -40.26
C PRO B 178 -32.56 17.67 -38.92
N SER B 179 -33.28 16.82 -38.20
CA SER B 179 -32.88 16.40 -36.88
C SER B 179 -31.46 15.83 -36.90
N CYS B 180 -30.56 16.48 -36.16
CA CYS B 180 -29.13 16.21 -36.25
C CYS B 180 -28.54 15.90 -34.87
N CYS B 181 -27.38 15.26 -34.91
CA CYS B 181 -26.56 15.04 -33.72
C CYS B 181 -25.14 14.73 -34.17
N ASN B 182 -24.19 14.90 -33.25
CA ASN B 182 -22.77 14.68 -33.51
C ASN B 182 -22.27 15.57 -34.66
N PHE B 183 -22.59 16.85 -34.57
CA PHE B 183 -22.16 17.84 -35.54
C PHE B 183 -21.43 18.98 -34.83
N PRO B 184 -20.62 19.75 -35.56
CA PRO B 184 -19.97 20.90 -34.94
C PRO B 184 -20.72 22.20 -35.23
N VAL B 185 -20.57 23.17 -34.33
CA VAL B 185 -21.19 24.48 -34.49
C VAL B 185 -20.09 25.54 -34.46
N ALA B 186 -20.26 26.58 -35.28
CA ALA B 186 -19.30 27.69 -35.30
C ALA B 186 -20.06 28.98 -35.60
N VAL B 187 -19.67 30.06 -34.93
CA VAL B 187 -20.28 31.37 -35.13
C VAL B 187 -19.30 32.27 -35.87
N CYS B 188 -19.80 32.98 -36.87
CA CYS B 188 -19.01 33.92 -37.65
C CYS B 188 -19.93 35.05 -38.10
N ARG B 189 -19.37 36.26 -38.17
CA ARG B 189 -20.13 37.48 -38.47
C ARG B 189 -21.22 37.58 -37.41
N ASP B 190 -22.49 37.54 -37.77
CA ASP B 190 -23.60 37.49 -36.83
C ASP B 190 -24.46 36.26 -37.08
N LYS B 191 -23.83 35.18 -37.56
CA LYS B 191 -24.53 33.98 -37.98
C LYS B 191 -23.92 32.76 -37.29
N MET B 192 -24.74 31.75 -37.07
CA MET B 192 -24.30 30.48 -36.51
C MET B 192 -24.36 29.42 -37.61
N PHE B 193 -23.29 28.63 -37.73
CA PHE B 193 -23.16 27.69 -38.84
C PHE B 193 -23.15 26.25 -38.34
N VAL B 194 -23.73 25.37 -39.14
CA VAL B 194 -23.77 23.93 -38.86
C VAL B 194 -23.50 23.20 -40.18
N PHE B 195 -22.52 22.32 -40.17
CA PHE B 195 -22.14 21.57 -41.37
C PHE B 195 -22.34 20.08 -41.15
N SER B 196 -23.12 19.46 -42.03
CA SER B 196 -23.33 18.02 -42.02
C SER B 196 -23.79 17.53 -40.65
N GLY B 197 -23.26 16.38 -40.22
CA GLY B 197 -23.65 15.79 -38.97
C GLY B 197 -24.58 14.61 -39.15
N GLN B 198 -24.61 13.74 -38.15
CA GLN B 198 -25.45 12.54 -38.21
C GLN B 198 -26.92 12.91 -38.15
N SER B 199 -27.55 13.03 -39.31
CA SER B 199 -28.99 13.20 -39.41
C SER B 199 -29.67 11.98 -40.01
N GLY B 200 -29.10 10.80 -39.77
CA GLY B 200 -29.69 9.54 -40.16
C GLY B 200 -30.05 9.41 -41.63
N ALA B 201 -31.36 9.32 -41.90
CA ALA B 201 -31.83 9.14 -43.27
C ALA B 201 -31.53 10.35 -44.14
N LYS B 202 -31.42 11.54 -43.56
CA LYS B 202 -31.26 12.76 -44.33
C LYS B 202 -29.84 13.31 -44.30
N ILE B 203 -28.84 12.45 -44.09
CA ILE B 203 -27.47 12.93 -43.96
C ILE B 203 -26.94 13.37 -45.32
N THR B 204 -26.46 14.61 -45.39
CA THR B 204 -25.79 15.14 -46.57
C THR B 204 -24.71 16.10 -46.12
N ASN B 205 -24.03 16.71 -47.09
CA ASN B 205 -23.00 17.70 -46.82
C ASN B 205 -23.53 19.11 -47.04
N ASN B 206 -24.70 19.40 -46.46
CA ASN B 206 -25.30 20.72 -46.58
C ASN B 206 -24.78 21.62 -45.48
N LEU B 207 -24.56 22.89 -45.83
CA LEU B 207 -24.13 23.91 -44.89
C LEU B 207 -25.30 24.82 -44.57
N PHE B 208 -25.65 24.91 -43.29
CA PHE B 208 -26.73 25.74 -42.82
C PHE B 208 -26.17 26.91 -42.02
N GLN B 209 -26.78 28.08 -42.19
CA GLN B 209 -26.46 29.24 -41.37
C GLN B 209 -27.71 29.71 -40.65
N PHE B 210 -27.52 30.19 -39.43
CA PHE B 210 -28.63 30.64 -38.58
C PHE B 210 -28.38 32.10 -38.23
N GLU B 211 -29.21 32.99 -38.78
CA GLU B 211 -29.11 34.40 -38.46
C GLU B 211 -29.69 34.64 -37.07
N PHE B 212 -28.84 35.12 -36.16
CA PHE B 212 -29.24 35.28 -34.76
C PHE B 212 -30.32 36.34 -34.60
N LYS B 213 -30.31 37.37 -35.44
CA LYS B 213 -31.15 38.54 -35.19
C LYS B 213 -32.62 38.29 -35.49
N ASP B 214 -32.93 37.47 -36.48
CA ASP B 214 -34.32 37.21 -36.85
C ASP B 214 -34.67 35.73 -36.80
N LYS B 215 -33.83 34.91 -36.16
CA LYS B 215 -34.11 33.50 -35.92
C LYS B 215 -34.49 32.78 -37.21
N THR B 216 -33.62 32.87 -38.21
CA THR B 216 -33.90 32.35 -39.54
C THR B 216 -32.78 31.43 -40.00
N TRP B 217 -33.14 30.20 -40.33
CA TRP B 217 -32.20 29.24 -40.90
C TRP B 217 -32.17 29.37 -42.42
N THR B 218 -31.02 29.06 -43.00
CA THR B 218 -30.85 29.14 -44.45
C THR B 218 -29.86 28.09 -44.91
N ARG B 219 -30.24 27.30 -45.90
CA ARG B 219 -29.32 26.36 -46.53
C ARG B 219 -28.49 27.10 -47.55
N ILE B 220 -27.16 27.00 -47.43
CA ILE B 220 -26.27 27.72 -48.34
C ILE B 220 -26.30 27.07 -49.71
N PRO B 221 -26.68 27.80 -50.75
CA PRO B 221 -26.71 27.18 -52.08
C PRO B 221 -25.28 27.07 -52.62
N THR B 222 -24.57 26.08 -52.11
CA THR B 222 -23.19 25.87 -52.52
C THR B 222 -23.13 24.92 -53.70
N GLU B 223 -24.28 24.67 -54.32
CA GLU B 223 -24.34 23.98 -55.60
C GLU B 223 -23.74 24.81 -56.72
N HIS B 224 -23.31 26.04 -56.44
CA HIS B 224 -22.54 26.82 -57.39
C HIS B 224 -21.22 26.15 -57.74
N LEU B 225 -20.82 25.14 -56.97
CA LEU B 225 -19.59 24.37 -57.25
C LEU B 225 -19.56 23.90 -58.70
N LEU B 226 -20.73 23.62 -59.28
CA LEU B 226 -20.83 23.22 -60.68
C LEU B 226 -20.41 24.33 -61.63
N ARG B 227 -20.19 25.54 -61.13
CA ARG B 227 -19.76 26.68 -61.92
C ARG B 227 -18.32 27.07 -61.59
N GLY B 228 -17.46 26.07 -61.34
CA GLY B 228 -16.04 26.26 -61.16
C GLY B 228 -15.54 25.97 -59.76
N SER B 229 -16.37 26.18 -58.74
CA SER B 229 -15.90 26.10 -57.37
C SER B 229 -15.63 24.66 -56.96
N PRO B 230 -14.71 24.45 -56.01
CA PRO B 230 -14.44 23.10 -55.52
C PRO B 230 -15.63 22.54 -54.77
N PRO B 231 -15.80 21.21 -54.77
CA PRO B 231 -16.96 20.62 -54.09
C PRO B 231 -16.80 20.70 -52.59
N PRO B 232 -17.91 20.78 -51.85
CA PRO B 232 -17.84 20.82 -50.38
C PRO B 232 -17.30 19.51 -49.82
N PRO B 233 -16.81 19.52 -48.58
CA PRO B 233 -16.30 18.29 -47.99
C PRO B 233 -17.37 17.20 -47.92
N GLN B 234 -16.92 15.96 -48.05
CA GLN B 234 -17.81 14.81 -48.01
C GLN B 234 -18.57 14.78 -46.69
N ARG B 235 -19.82 14.30 -46.74
CA ARG B 235 -20.66 14.27 -45.54
C ARG B 235 -20.02 13.42 -44.45
N ARG B 236 -20.21 13.87 -43.21
CA ARG B 236 -19.49 13.26 -42.09
C ARG B 236 -20.23 13.56 -40.80
N TYR B 237 -19.78 12.94 -39.71
CA TYR B 237 -20.27 13.24 -38.38
C TYR B 237 -19.10 13.11 -37.41
N GLY B 238 -19.25 13.75 -36.26
CA GLY B 238 -18.19 13.74 -35.27
C GLY B 238 -16.95 14.51 -35.66
N HIS B 239 -17.11 15.57 -36.44
CA HIS B 239 -16.01 16.41 -36.89
C HIS B 239 -16.04 17.74 -36.14
N THR B 240 -14.98 18.53 -36.30
CA THR B 240 -14.84 19.79 -35.62
C THR B 240 -14.79 20.93 -36.62
N MET B 241 -15.47 22.03 -36.28
CA MET B 241 -15.53 23.21 -37.13
C MET B 241 -15.23 24.44 -36.28
N VAL B 242 -14.23 25.22 -36.69
CA VAL B 242 -13.90 26.46 -36.02
C VAL B 242 -13.92 27.59 -37.05
N ALA B 243 -14.13 28.80 -36.57
CA ALA B 243 -14.15 29.99 -37.39
C ALA B 243 -12.92 30.82 -37.08
N PHE B 244 -12.34 31.42 -38.12
CA PHE B 244 -11.20 32.31 -37.94
C PHE B 244 -11.11 33.22 -39.15
N ASP B 245 -11.23 34.52 -38.92
CA ASP B 245 -11.10 35.53 -39.97
C ASP B 245 -12.02 35.20 -41.15
N ARG B 246 -13.33 35.36 -40.89
CA ARG B 246 -14.41 35.06 -41.82
C ARG B 246 -14.11 33.85 -42.71
N HIS B 247 -13.82 32.71 -42.08
CA HIS B 247 -13.53 31.47 -42.78
C HIS B 247 -13.87 30.32 -41.84
N LEU B 248 -14.57 29.31 -42.36
CA LEU B 248 -14.92 28.14 -41.57
C LEU B 248 -13.94 27.02 -41.88
N TYR B 249 -13.31 26.47 -40.85
CA TYR B 249 -12.32 25.42 -40.98
C TYR B 249 -12.91 24.13 -40.41
N VAL B 250 -13.13 23.15 -41.29
CA VAL B 250 -13.72 21.87 -40.92
C VAL B 250 -12.64 20.80 -41.01
N PHE B 251 -12.50 20.01 -39.96
CA PHE B 251 -11.49 18.95 -39.91
C PHE B 251 -12.05 17.69 -39.29
N GLY B 252 -11.56 16.55 -39.78
CA GLY B 252 -11.77 15.29 -39.09
C GLY B 252 -13.17 14.72 -39.29
N GLY B 253 -13.61 13.96 -38.30
CA GLY B 253 -14.88 13.25 -38.39
C GLY B 253 -14.76 11.95 -39.14
N ALA B 254 -15.84 11.18 -39.09
CA ALA B 254 -15.95 9.91 -39.81
C ALA B 254 -16.93 10.12 -40.95
N ALA B 255 -16.48 9.84 -42.17
CA ALA B 255 -17.24 10.09 -43.38
C ALA B 255 -17.47 8.74 -44.05
N ASP B 256 -18.68 8.22 -43.92
CA ASP B 256 -19.04 6.91 -44.44
C ASP B 256 -18.05 5.87 -43.93
N ASN B 257 -17.26 5.28 -44.83
CA ASN B 257 -16.31 4.24 -44.47
C ASN B 257 -14.89 4.78 -44.32
N THR B 258 -14.72 6.10 -44.28
CA THR B 258 -13.39 6.70 -44.23
C THR B 258 -13.29 7.69 -43.09
N LEU B 259 -12.04 8.05 -42.76
CA LEU B 259 -11.72 9.03 -41.72
C LEU B 259 -10.80 10.06 -42.37
N PRO B 260 -11.35 10.93 -43.21
CA PRO B 260 -10.49 11.87 -43.96
C PRO B 260 -9.82 12.89 -43.05
N ASN B 261 -8.64 13.32 -43.47
CA ASN B 261 -7.87 14.32 -42.74
C ASN B 261 -7.54 15.53 -43.60
N GLU B 262 -8.32 15.79 -44.63
CA GLU B 262 -8.18 17.06 -45.35
C GLU B 262 -8.74 18.18 -44.49
N LEU B 263 -8.03 19.31 -44.46
CA LEU B 263 -8.51 20.49 -43.75
C LEU B 263 -9.28 21.35 -44.74
N HIS B 264 -10.60 21.47 -44.52
CA HIS B 264 -11.47 22.18 -45.44
C HIS B 264 -11.74 23.59 -44.93
N CYS B 265 -11.77 24.55 -45.86
CA CYS B 265 -11.98 25.96 -45.54
C CYS B 265 -13.15 26.50 -46.34
N TYR B 266 -14.14 27.04 -45.64
CA TYR B 266 -15.31 27.67 -46.26
C TYR B 266 -15.13 29.18 -46.19
N ASP B 267 -14.93 29.82 -47.34
CA ASP B 267 -14.96 31.27 -47.43
C ASP B 267 -16.40 31.70 -47.28
N VAL B 268 -16.75 32.23 -46.10
CA VAL B 268 -18.15 32.51 -45.80
C VAL B 268 -18.69 33.64 -46.67
N ASP B 269 -17.86 34.64 -46.99
CA ASP B 269 -18.33 35.75 -47.81
C ASP B 269 -18.44 35.36 -49.28
N PHE B 270 -17.37 34.78 -49.84
CA PHE B 270 -17.42 34.30 -51.22
C PHE B 270 -18.33 33.08 -51.37
N GLN B 271 -18.67 32.41 -50.27
CA GLN B 271 -19.52 31.21 -50.28
C GLN B 271 -18.91 30.09 -51.13
N THR B 272 -17.60 29.87 -50.95
CA THR B 272 -16.87 28.85 -51.68
C THR B 272 -16.10 27.98 -50.70
N TRP B 273 -15.76 26.78 -51.15
CA TRP B 273 -14.99 25.83 -50.36
C TRP B 273 -13.57 25.72 -50.90
N GLU B 274 -12.70 25.08 -50.11
CA GLU B 274 -11.28 24.97 -50.42
C GLU B 274 -10.67 23.94 -49.50
N VAL B 275 -9.69 23.21 -50.01
CA VAL B 275 -8.88 22.29 -49.21
C VAL B 275 -7.54 22.96 -48.93
N VAL B 276 -7.26 23.24 -47.66
CA VAL B 276 -6.05 23.98 -47.30
C VAL B 276 -4.83 23.10 -47.52
N GLN B 277 -3.76 23.72 -48.03
CA GLN B 277 -2.53 23.00 -48.33
C GLN B 277 -1.56 23.11 -47.17
N PRO B 278 -1.29 22.04 -46.44
CA PRO B 278 -0.31 22.12 -45.36
C PRO B 278 1.11 22.30 -45.88
N SER B 279 1.99 22.75 -44.99
CA SER B 279 3.36 23.06 -45.37
C SER B 279 4.15 21.77 -45.62
N SER B 280 5.29 21.94 -46.30
CA SER B 280 6.14 20.82 -46.64
C SER B 280 6.66 20.10 -45.40
N ASP B 281 6.81 20.82 -44.29
CA ASP B 281 7.35 20.27 -43.06
C ASP B 281 6.29 20.01 -42.01
N SER B 282 5.03 19.87 -42.44
CA SER B 282 3.93 19.67 -41.51
C SER B 282 3.93 18.24 -40.98
N GLU B 283 3.65 18.10 -39.68
CA GLU B 283 3.38 16.80 -39.07
C GLU B 283 1.88 16.58 -39.15
N LEU B 284 1.45 15.83 -40.16
CA LEU B 284 0.02 15.72 -40.45
C LEU B 284 -0.67 14.87 -39.39
N PRO B 285 -1.81 15.33 -38.85
CA PRO B 285 -2.56 14.48 -37.93
C PRO B 285 -3.31 13.40 -38.67
N SER B 286 -3.31 12.21 -38.10
CA SER B 286 -4.04 11.09 -38.67
C SER B 286 -5.55 11.35 -38.55
N GLY B 287 -6.30 10.71 -39.46
CA GLY B 287 -7.75 10.85 -39.43
C GLY B 287 -8.31 10.44 -38.08
N ARG B 288 -9.33 11.18 -37.63
CA ARG B 288 -9.90 10.94 -36.31
C ARG B 288 -11.31 11.50 -36.28
N LEU B 289 -12.07 11.07 -35.27
CA LEU B 289 -13.42 11.58 -35.03
C LEU B 289 -13.64 11.72 -33.53
N PHE B 290 -14.67 12.48 -33.18
CA PHE B 290 -15.02 12.78 -31.79
C PHE B 290 -13.88 13.45 -31.05
N HIS B 291 -13.03 14.15 -31.79
CA HIS B 291 -12.08 15.08 -31.21
C HIS B 291 -12.78 16.41 -30.92
N ALA B 292 -12.04 17.37 -30.40
CA ALA B 292 -12.58 18.70 -30.15
C ALA B 292 -11.53 19.74 -30.48
N ALA B 293 -11.98 20.94 -30.80
CA ALA B 293 -11.11 21.98 -31.35
C ALA B 293 -11.31 23.30 -30.64
N ALA B 294 -10.29 24.14 -30.74
CA ALA B 294 -10.33 25.50 -30.20
C ALA B 294 -9.32 26.34 -30.96
N VAL B 295 -9.43 27.66 -30.80
CA VAL B 295 -8.57 28.61 -31.49
C VAL B 295 -7.97 29.55 -30.46
N ILE B 296 -6.65 29.70 -30.48
CA ILE B 296 -5.93 30.69 -29.67
C ILE B 296 -5.04 31.49 -30.62
N SER B 297 -5.10 32.81 -30.49
CA SER B 297 -4.42 33.71 -31.42
C SER B 297 -4.86 33.39 -32.84
N ASP B 298 -3.92 32.95 -33.67
CA ASP B 298 -4.25 32.60 -35.06
C ASP B 298 -3.85 31.16 -35.36
N ALA B 299 -4.23 30.25 -34.46
CA ALA B 299 -3.92 28.83 -34.63
C ALA B 299 -5.09 28.00 -34.13
N MET B 300 -5.26 26.84 -34.75
CA MET B 300 -6.28 25.88 -34.36
C MET B 300 -5.62 24.74 -33.59
N TYR B 301 -6.29 24.27 -32.56
CA TYR B 301 -5.77 23.22 -31.69
C TYR B 301 -6.71 22.03 -31.73
N ILE B 302 -6.16 20.85 -32.02
CA ILE B 302 -6.91 19.61 -32.11
C ILE B 302 -6.40 18.68 -31.01
N PHE B 303 -7.30 18.22 -30.15
CA PHE B 303 -6.93 17.30 -29.09
C PHE B 303 -7.87 16.10 -29.08
N GLY B 304 -7.29 14.91 -28.90
CA GLY B 304 -8.06 13.72 -28.65
C GLY B 304 -8.74 13.16 -29.88
N GLY B 305 -9.66 12.23 -29.60
CA GLY B 305 -10.44 11.57 -30.62
C GLY B 305 -10.10 10.09 -30.71
N THR B 306 -10.95 9.37 -31.45
CA THR B 306 -10.68 8.00 -31.81
C THR B 306 -10.02 7.95 -33.18
N VAL B 307 -8.91 7.21 -33.27
CA VAL B 307 -8.04 7.26 -34.45
C VAL B 307 -7.90 5.87 -35.06
N ASP B 308 -8.89 5.47 -35.86
CA ASP B 308 -8.92 4.17 -36.51
C ASP B 308 -9.04 3.06 -35.47
N ASN B 309 -9.30 1.83 -35.91
CA ASN B 309 -9.70 0.76 -35.01
C ASN B 309 -10.62 1.32 -33.93
N ASN B 310 -10.20 1.23 -32.67
CA ASN B 310 -10.86 1.98 -31.61
C ASN B 310 -9.83 2.65 -30.71
N ILE B 311 -8.61 2.85 -31.20
CA ILE B 311 -7.54 3.47 -30.43
C ILE B 311 -7.92 4.90 -30.09
N ARG B 312 -8.21 5.15 -28.81
CA ARG B 312 -8.45 6.51 -28.35
C ARG B 312 -7.12 7.25 -28.30
N SER B 313 -7.20 8.58 -28.41
CA SER B 313 -5.97 9.36 -28.58
C SER B 313 -5.90 10.48 -27.56
N GLY B 314 -4.67 10.76 -27.12
CA GLY B 314 -4.36 11.92 -26.33
C GLY B 314 -3.47 12.90 -27.06
N GLU B 315 -3.32 12.75 -28.37
CA GLU B 315 -2.44 13.61 -29.16
C GLU B 315 -2.99 15.03 -29.23
N MET B 316 -2.08 16.00 -29.33
CA MET B 316 -2.42 17.40 -29.50
C MET B 316 -1.73 17.94 -30.74
N TYR B 317 -2.51 18.52 -31.64
CA TYR B 317 -1.99 19.05 -32.90
C TYR B 317 -2.36 20.52 -33.02
N ARG B 318 -1.46 21.29 -33.63
CA ARG B 318 -1.66 22.72 -33.82
C ARG B 318 -1.47 23.05 -35.29
N PHE B 319 -2.53 23.58 -35.92
CA PHE B 319 -2.45 24.11 -37.27
C PHE B 319 -2.33 25.63 -37.20
N GLN B 320 -1.27 26.16 -37.79
CA GLN B 320 -1.00 27.59 -37.78
C GLN B 320 -1.73 28.24 -38.95
N PHE B 321 -2.78 29.00 -38.65
CA PHE B 321 -3.37 29.84 -39.68
C PHE B 321 -2.36 30.89 -40.14
N SER B 322 -2.73 31.61 -41.20
CA SER B 322 -1.90 32.68 -41.72
C SER B 322 -1.56 33.68 -40.61
N GLY C 1 14.11 11.98 -22.35
CA GLY C 1 13.58 10.75 -21.80
C GLY C 1 12.50 10.97 -20.75
N MET C 2 11.32 10.41 -20.99
CA MET C 2 10.17 10.58 -20.11
C MET C 2 10.45 9.99 -18.73
N THR C 3 10.73 10.85 -17.75
CA THR C 3 11.03 10.42 -16.39
C THR C 3 10.13 11.15 -15.41
N GLU C 4 9.79 10.44 -14.33
CA GLU C 4 8.92 10.97 -13.27
C GLU C 4 9.76 11.46 -12.10
N TYR C 5 9.25 12.48 -11.41
CA TYR C 5 9.98 13.11 -10.30
C TYR C 5 9.02 13.33 -9.14
N LYS C 6 9.33 12.75 -7.99
CA LYS C 6 8.50 12.87 -6.81
C LYS C 6 9.02 14.02 -5.96
N LEU C 7 8.23 15.07 -5.84
CA LEU C 7 8.59 16.24 -5.05
C LEU C 7 7.69 16.33 -3.82
N VAL C 8 8.25 16.84 -2.74
CA VAL C 8 7.53 17.02 -1.49
C VAL C 8 7.77 18.45 -1.00
N VAL C 9 6.68 19.19 -0.82
CA VAL C 9 6.76 20.57 -0.34
C VAL C 9 6.56 20.55 1.17
N VAL C 10 7.62 20.85 1.92
CA VAL C 10 7.55 20.85 3.37
C VAL C 10 7.73 22.26 3.88
N GLY C 11 7.36 22.46 5.13
CA GLY C 11 7.46 23.76 5.77
C GLY C 11 6.35 23.96 6.75
N ALA C 12 6.53 24.98 7.60
CA ALA C 12 5.55 25.26 8.63
C ALA C 12 4.20 25.62 8.01
N GLY C 13 3.16 25.53 8.83
CA GLY C 13 1.83 25.86 8.34
C GLY C 13 1.71 27.32 7.95
N GLY C 14 1.03 27.57 6.85
CA GLY C 14 0.77 28.93 6.42
C GLY C 14 1.95 29.67 5.84
N VAL C 15 2.98 28.98 5.39
CA VAL C 15 4.10 29.66 4.75
C VAL C 15 3.85 29.89 3.27
N GLY C 16 3.00 29.09 2.64
CA GLY C 16 2.71 29.26 1.23
C GLY C 16 2.62 27.97 0.45
N LYS C 17 2.96 26.84 1.10
CA LYS C 17 3.06 25.53 0.44
C LYS C 17 1.90 25.25 -0.51
N SER C 18 0.67 25.34 -0.02
CA SER C 18 -0.49 25.07 -0.87
C SER C 18 -0.58 26.08 -2.00
N ALA C 19 -0.68 27.37 -1.66
CA ALA C 19 -0.84 28.40 -2.68
C ALA C 19 0.33 28.41 -3.65
N LEU C 20 1.49 27.94 -3.23
CA LEU C 20 2.66 27.93 -4.10
C LEU C 20 2.59 26.77 -5.09
N THR C 21 2.15 25.59 -4.62
CA THR C 21 1.96 24.47 -5.52
C THR C 21 0.79 24.72 -6.47
N ILE C 22 -0.29 25.31 -5.96
CA ILE C 22 -1.42 25.67 -6.81
C ILE C 22 -0.97 26.62 -7.91
N GLN C 23 -0.08 27.55 -7.59
CA GLN C 23 0.39 28.51 -8.57
C GLN C 23 1.17 27.84 -9.68
N LEU C 24 2.03 26.88 -9.33
CA LEU C 24 2.83 26.19 -10.34
C LEU C 24 1.97 25.40 -11.31
N ILE C 25 0.83 24.90 -10.84
CA ILE C 25 0.02 23.95 -11.59
C ILE C 25 -1.18 24.60 -12.26
N GLN C 26 -1.88 25.48 -11.57
CA GLN C 26 -3.10 26.08 -12.12
C GLN C 26 -2.90 27.54 -12.50
N ASN C 27 -1.71 28.08 -12.28
CA ASN C 27 -1.35 29.44 -12.71
C ASN C 27 -2.32 30.48 -12.14
N HIS C 28 -2.72 30.29 -10.89
CA HIS C 28 -3.56 31.27 -10.22
C HIS C 28 -3.29 31.22 -8.72
N PHE C 29 -3.23 32.41 -8.11
CA PHE C 29 -3.00 32.51 -6.68
C PHE C 29 -4.31 32.32 -5.93
N VAL C 30 -4.24 31.64 -4.80
CA VAL C 30 -5.42 31.31 -4.00
C VAL C 30 -5.22 31.85 -2.58
N ASP C 31 -6.08 32.77 -2.17
CA ASP C 31 -5.96 33.39 -0.85
C ASP C 31 -6.16 32.35 0.25
N GLU C 32 -7.34 31.78 0.33
CA GLU C 32 -7.74 30.93 1.45
C GLU C 32 -7.97 29.52 0.92
N TYR C 33 -6.99 28.64 1.11
CA TYR C 33 -7.12 27.22 0.81
C TYR C 33 -6.90 26.44 2.10
N ASP C 34 -7.84 25.53 2.41
CA ASP C 34 -7.89 24.74 3.63
C ASP C 34 -6.51 24.41 4.19
N PRO C 35 -6.17 24.91 5.38
CA PRO C 35 -4.81 24.73 5.88
C PRO C 35 -4.46 23.29 6.23
N ALA C 36 -5.43 22.37 6.25
CA ALA C 36 -5.18 20.99 6.63
C ALA C 36 -5.46 20.00 5.50
N ILE C 37 -5.46 20.46 4.25
CA ILE C 37 -5.68 19.57 3.11
C ILE C 37 -4.31 19.14 2.57
N GLU C 38 -4.10 17.84 2.55
CA GLU C 38 -2.85 17.24 2.08
C GLU C 38 -3.19 16.28 0.95
N ASP C 39 -2.83 16.66 -0.27
CA ASP C 39 -3.07 15.82 -1.44
C ASP C 39 -1.96 16.07 -2.45
N SER C 40 -1.90 15.19 -3.45
CA SER C 40 -0.86 15.28 -4.44
C SER C 40 -1.32 16.10 -5.64
N TYR C 41 -0.35 16.64 -6.37
CA TYR C 41 -0.59 17.37 -7.60
C TYR C 41 0.31 16.81 -8.69
N ARG C 42 -0.16 16.86 -9.92
CA ARG C 42 0.57 16.30 -11.05
C ARG C 42 0.56 17.27 -12.22
N LYS C 43 1.69 17.34 -12.91
CA LYS C 43 1.86 18.25 -14.04
C LYS C 43 2.95 17.67 -14.93
N GLN C 44 2.71 17.69 -16.24
CA GLN C 44 3.69 17.29 -17.23
C GLN C 44 4.30 18.55 -17.85
N VAL C 45 5.60 18.74 -17.67
CA VAL C 45 6.28 19.94 -18.13
C VAL C 45 7.69 19.58 -18.57
N VAL C 46 8.23 20.36 -19.52
CA VAL C 46 9.57 20.14 -20.04
C VAL C 46 10.57 20.91 -19.17
N ILE C 47 11.59 20.20 -18.67
CA ILE C 47 12.63 20.77 -17.83
C ILE C 47 13.98 20.30 -18.35
N ASP C 48 14.87 21.24 -18.64
CA ASP C 48 16.19 20.93 -19.18
C ASP C 48 16.09 20.13 -20.48
N GLY C 49 15.16 20.53 -21.34
CA GLY C 49 14.98 19.82 -22.60
C GLY C 49 14.55 18.38 -22.42
N GLU C 50 13.73 18.11 -21.42
CA GLU C 50 13.24 16.77 -21.17
C GLU C 50 11.84 16.84 -20.58
N THR C 51 10.93 16.03 -21.10
CA THR C 51 9.55 16.02 -20.60
C THR C 51 9.52 15.36 -19.22
N CYS C 52 9.25 16.16 -18.20
CA CYS C 52 9.24 15.71 -16.82
C CYS C 52 7.82 15.49 -16.35
N LEU C 53 7.62 14.42 -15.58
CA LEU C 53 6.34 14.11 -14.96
C LEU C 53 6.47 14.41 -13.48
N LEU C 54 5.76 15.42 -13.00
CA LEU C 54 5.92 15.93 -11.64
C LEU C 54 4.83 15.38 -10.75
N ASP C 55 5.23 14.70 -9.68
CA ASP C 55 4.33 14.18 -8.66
C ASP C 55 4.66 14.90 -7.36
N ILE C 56 3.89 15.95 -7.05
CA ILE C 56 4.20 16.86 -5.95
C ILE C 56 3.15 16.68 -4.85
N LEU C 57 3.61 16.56 -3.62
CA LEU C 57 2.72 16.42 -2.46
C LEU C 57 2.75 17.71 -1.65
N ASP C 58 1.63 18.43 -1.67
CA ASP C 58 1.42 19.56 -0.77
C ASP C 58 1.12 19.00 0.63
N THR C 59 2.00 19.25 1.58
CA THR C 59 1.93 18.61 2.88
C THR C 59 1.15 19.47 3.87
N ALA C 60 0.58 18.81 4.87
CA ALA C 60 -0.12 19.46 5.97
C ALA C 60 -0.18 18.48 7.12
N GLY C 61 -0.66 18.95 8.26
CA GLY C 61 -0.78 18.04 9.40
C GLY C 61 0.44 18.06 10.29
N GLN C 62 0.18 17.86 11.58
CA GLN C 62 1.22 17.92 12.61
C GLN C 62 1.44 16.61 13.35
N ALA C 63 0.50 15.67 13.27
CA ALA C 63 0.61 14.41 13.99
C ALA C 63 1.32 13.37 13.10
N GLU C 64 1.15 12.09 13.41
CA GLU C 64 1.83 11.06 12.63
C GLU C 64 1.39 11.09 11.17
N TYR C 65 2.27 10.60 10.30
CA TYR C 65 2.07 10.71 8.87
C TYR C 65 0.93 9.80 8.42
N SER C 66 0.03 10.34 7.62
CA SER C 66 -0.88 9.49 6.87
C SER C 66 -0.09 8.53 6.00
N ALA C 67 -0.68 7.36 5.73
CA ALA C 67 0.03 6.33 4.97
C ALA C 67 0.51 6.86 3.62
N MET C 68 -0.21 7.82 3.03
CA MET C 68 0.24 8.41 1.78
C MET C 68 1.45 9.30 2.00
N ARG C 69 1.43 10.14 3.04
CA ARG C 69 2.60 10.97 3.30
C ARG C 69 3.80 10.13 3.69
N ASP C 70 3.61 9.18 4.60
CA ASP C 70 4.67 8.29 5.03
C ASP C 70 5.47 7.75 3.85
N GLN C 71 4.77 7.37 2.78
CA GLN C 71 5.45 6.85 1.61
C GLN C 71 6.04 7.96 0.75
N TYR C 72 5.35 9.09 0.61
CA TYR C 72 5.93 10.22 -0.10
C TYR C 72 7.22 10.69 0.56
N MET C 73 7.26 10.65 1.89
CA MET C 73 8.47 11.07 2.59
C MET C 73 9.61 10.08 2.40
N ARG C 74 9.30 8.80 2.25
CA ARG C 74 10.32 7.79 2.06
C ARG C 74 10.75 7.63 0.61
N THR C 75 9.85 7.85 -0.35
CA THR C 75 10.17 7.73 -1.77
C THR C 75 10.48 9.07 -2.42
N GLY C 76 10.21 10.18 -1.75
CA GLY C 76 10.42 11.51 -2.32
C GLY C 76 11.81 11.76 -2.85
N GLU C 77 11.89 12.16 -4.11
CA GLU C 77 13.17 12.38 -4.76
C GLU C 77 13.77 13.75 -4.46
N GLY C 78 12.93 14.72 -4.12
CA GLY C 78 13.40 16.06 -3.81
C GLY C 78 12.40 16.77 -2.93
N PHE C 79 12.90 17.74 -2.16
CA PHE C 79 12.08 18.40 -1.14
C PHE C 79 12.23 19.92 -1.24
N LEU C 80 11.10 20.62 -1.26
CA LEU C 80 11.07 22.07 -1.09
C LEU C 80 10.86 22.39 0.39
N CYS C 81 11.85 23.03 1.01
CA CYS C 81 11.73 23.48 2.40
C CYS C 81 11.34 24.95 2.37
N VAL C 82 10.06 25.23 2.66
CA VAL C 82 9.47 26.54 2.44
C VAL C 82 9.31 27.26 3.77
N PHE C 83 9.61 28.56 3.77
CA PHE C 83 9.39 29.43 4.93
C PHE C 83 8.94 30.79 4.42
N ALA C 84 8.29 31.55 5.31
CA ALA C 84 7.81 32.87 4.98
C ALA C 84 8.84 33.91 5.39
N ILE C 85 9.21 34.79 4.46
CA ILE C 85 10.21 35.82 4.76
C ILE C 85 9.71 36.85 5.74
N ASN C 86 8.45 36.79 6.13
CA ASN C 86 7.87 37.70 7.11
C ASN C 86 7.58 37.01 8.44
N ASN C 87 8.02 35.76 8.60
CA ASN C 87 7.75 34.98 9.82
C ASN C 87 9.03 34.27 10.24
N THR C 88 9.65 34.74 11.32
CA THR C 88 10.90 34.12 11.78
C THR C 88 10.69 32.66 12.17
N LYS C 89 9.56 32.36 12.80
CA LYS C 89 9.36 31.00 13.32
C LYS C 89 9.38 29.98 12.20
N SER C 90 8.86 30.34 11.03
CA SER C 90 8.93 29.44 9.89
C SER C 90 10.37 29.21 9.44
N PHE C 91 11.24 30.21 9.64
CA PHE C 91 12.65 30.06 9.31
C PHE C 91 13.38 29.22 10.35
N GLU C 92 13.00 29.38 11.63
CA GLU C 92 13.63 28.59 12.70
C GLU C 92 13.35 27.10 12.53
N ASP C 93 12.16 26.76 12.05
CA ASP C 93 11.78 25.36 11.90
C ASP C 93 12.47 24.66 10.75
N ILE C 94 13.12 25.40 9.84
CA ILE C 94 13.73 24.78 8.67
C ILE C 94 14.75 23.73 9.09
N HIS C 95 15.54 24.02 10.12
CA HIS C 95 16.55 23.06 10.55
C HIS C 95 15.91 21.77 11.05
N HIS C 96 14.72 21.85 11.64
CA HIS C 96 14.00 20.64 12.03
C HIS C 96 13.52 19.88 10.79
N TYR C 97 12.89 20.57 9.85
CA TYR C 97 12.39 19.93 8.64
C TYR C 97 13.51 19.25 7.86
N ARG C 98 14.74 19.77 7.96
CA ARG C 98 15.85 19.15 7.28
C ARG C 98 16.27 17.86 7.98
N GLU C 99 16.33 17.86 9.32
CA GLU C 99 16.69 16.66 10.05
C GLU C 99 15.67 15.55 9.83
N GLN C 100 14.39 15.92 9.72
CA GLN C 100 13.35 14.95 9.40
C GLN C 100 13.67 14.23 8.09
N ILE C 101 13.88 15.01 7.02
CA ILE C 101 14.14 14.42 5.71
C ILE C 101 15.40 13.57 5.73
N LYS C 102 16.43 14.04 6.44
CA LYS C 102 17.68 13.29 6.51
C LYS C 102 17.48 11.94 7.20
N ARG C 103 16.75 11.94 8.32
CA ARG C 103 16.54 10.71 9.08
C ARG C 103 15.60 9.76 8.34
N VAL C 104 14.56 10.30 7.70
CA VAL C 104 13.57 9.46 7.02
C VAL C 104 14.22 8.73 5.85
N LYS C 105 15.09 9.42 5.10
CA LYS C 105 15.69 8.85 3.91
C LYS C 105 17.08 8.27 4.17
N ASP C 106 17.61 8.42 5.39
CA ASP C 106 18.89 7.86 5.80
C ASP C 106 20.01 8.25 4.84
N SER C 107 20.17 9.57 4.67
CA SER C 107 21.20 10.09 3.77
C SER C 107 21.46 11.54 4.11
N GLU C 108 22.69 11.99 3.89
CA GLU C 108 23.02 13.39 4.06
C GLU C 108 22.86 14.19 2.79
N ASP C 109 22.95 13.54 1.62
CA ASP C 109 22.76 14.21 0.33
C ASP C 109 21.38 13.82 -0.18
N VAL C 110 20.38 14.59 0.21
CA VAL C 110 19.02 14.47 -0.32
C VAL C 110 18.70 15.76 -1.05
N PRO C 111 18.22 15.70 -2.29
CA PRO C 111 17.96 16.94 -3.04
C PRO C 111 16.97 17.82 -2.32
N MET C 112 17.37 19.07 -2.08
CA MET C 112 16.55 20.04 -1.38
C MET C 112 16.78 21.42 -1.98
N VAL C 113 15.76 22.27 -1.87
CA VAL C 113 15.83 23.66 -2.25
C VAL C 113 15.16 24.48 -1.18
N LEU C 114 15.86 25.50 -0.66
CA LEU C 114 15.31 26.36 0.37
C LEU C 114 14.54 27.50 -0.29
N VAL C 115 13.30 27.70 0.16
CA VAL C 115 12.39 28.65 -0.48
C VAL C 115 11.90 29.64 0.56
N GLY C 116 12.19 30.91 0.34
CA GLY C 116 11.62 31.97 1.15
C GLY C 116 10.46 32.61 0.42
N ASN C 117 9.24 32.22 0.78
CA ASN C 117 8.06 32.71 0.08
C ASN C 117 7.60 34.04 0.67
N LYS C 118 6.61 34.64 0.01
CA LYS C 118 6.00 35.91 0.41
C LYS C 118 6.96 37.08 0.25
N CYS C 119 7.88 36.98 -0.71
CA CYS C 119 8.85 38.05 -0.93
C CYS C 119 8.20 39.31 -1.45
N ASP C 120 6.95 39.22 -1.92
CA ASP C 120 6.22 40.42 -2.35
C ASP C 120 5.82 41.29 -1.18
N LEU C 121 5.79 40.75 0.03
CA LEU C 121 5.34 41.50 1.18
C LEU C 121 6.40 42.53 1.58
N PRO C 122 6.03 43.78 1.81
CA PRO C 122 6.99 44.77 2.28
C PRO C 122 7.33 44.66 3.77
N SER C 123 6.89 43.60 4.43
CA SER C 123 7.06 43.43 5.86
C SER C 123 8.08 42.35 6.16
N ARG C 124 9.22 42.39 5.45
CA ARG C 124 10.21 41.33 5.57
C ARG C 124 10.80 41.29 6.97
N THR C 125 10.97 40.07 7.48
CA THR C 125 11.53 39.83 8.79
C THR C 125 12.80 38.99 8.76
N VAL C 126 12.90 38.03 7.86
CA VAL C 126 14.08 37.18 7.71
C VAL C 126 14.92 37.77 6.58
N ASP C 127 16.10 38.30 6.92
CA ASP C 127 16.94 38.92 5.92
C ASP C 127 17.36 37.89 4.88
N THR C 128 17.46 38.36 3.62
CA THR C 128 17.86 37.46 2.54
C THR C 128 19.25 36.88 2.80
N LYS C 129 20.15 37.67 3.39
CA LYS C 129 21.49 37.20 3.69
C LYS C 129 21.47 35.99 4.61
N GLN C 130 20.61 36.02 5.64
CA GLN C 130 20.52 34.90 6.57
C GLN C 130 20.22 33.59 5.86
N ALA C 131 19.11 33.56 5.11
CA ALA C 131 18.73 32.33 4.42
C ALA C 131 19.75 31.96 3.37
N GLN C 132 20.35 32.96 2.70
CA GLN C 132 21.44 32.67 1.77
C GLN C 132 22.60 31.99 2.49
N ASP C 133 22.97 32.50 3.67
CA ASP C 133 24.00 31.85 4.46
C ASP C 133 23.60 30.43 4.86
N LEU C 134 22.35 30.26 5.29
CA LEU C 134 21.89 28.93 5.68
C LEU C 134 21.95 27.96 4.51
N ALA C 135 21.47 28.39 3.34
CA ALA C 135 21.45 27.50 2.19
C ALA C 135 22.86 27.13 1.76
N ARG C 136 23.78 28.10 1.79
CA ARG C 136 25.16 27.80 1.44
C ARG C 136 25.77 26.79 2.40
N SER C 137 25.46 26.92 3.70
CA SER C 137 25.96 25.96 4.68
C SER C 137 25.38 24.57 4.42
N TYR C 138 24.10 24.48 4.08
CA TYR C 138 23.49 23.20 3.75
C TYR C 138 23.93 22.70 2.38
N GLY C 139 24.46 23.58 1.53
CA GLY C 139 24.86 23.20 0.19
C GLY C 139 23.72 23.08 -0.80
N ILE C 140 22.63 23.82 -0.58
CA ILE C 140 21.44 23.73 -1.42
C ILE C 140 21.09 25.12 -1.92
N PRO C 141 20.39 25.21 -3.05
CA PRO C 141 19.99 26.54 -3.56
C PRO C 141 18.97 27.21 -2.65
N PHE C 142 18.91 28.54 -2.77
CA PHE C 142 17.93 29.34 -2.04
C PHE C 142 17.24 30.28 -3.02
N ILE C 143 15.92 30.15 -3.13
CA ILE C 143 15.13 30.97 -4.04
C ILE C 143 14.05 31.65 -3.23
N GLU C 144 13.94 32.98 -3.37
CA GLU C 144 12.81 33.70 -2.79
C GLU C 144 11.67 33.72 -3.79
N THR C 145 10.46 33.43 -3.31
CA THR C 145 9.30 33.29 -4.19
C THR C 145 8.15 34.14 -3.66
N SER C 146 7.20 34.40 -4.55
CA SER C 146 5.94 35.05 -4.17
C SER C 146 4.82 34.35 -4.94
N ALA C 147 4.06 33.51 -4.25
CA ALA C 147 2.93 32.85 -4.90
C ALA C 147 1.89 33.86 -5.35
N LYS C 148 1.87 35.05 -4.75
CA LYS C 148 0.89 36.06 -5.15
C LYS C 148 1.19 36.62 -6.53
N THR C 149 2.46 36.91 -6.80
CA THR C 149 2.86 37.46 -8.10
C THR C 149 3.51 36.43 -9.01
N ARG C 150 3.60 35.18 -8.56
CA ARG C 150 4.20 34.04 -9.27
C ARG C 150 5.70 34.20 -9.50
N GLN C 151 6.33 35.23 -8.92
CA GLN C 151 7.76 35.42 -9.10
C GLN C 151 8.55 34.26 -8.48
N GLY C 152 9.41 33.65 -9.29
CA GLY C 152 10.26 32.57 -8.84
C GLY C 152 9.57 31.25 -8.59
N VAL C 153 8.25 31.18 -8.81
CA VAL C 153 7.51 29.94 -8.52
C VAL C 153 7.98 28.82 -9.44
N ASP C 154 8.06 29.08 -10.73
CA ASP C 154 8.57 28.08 -11.67
C ASP C 154 10.03 27.76 -11.38
N ASP C 155 10.83 28.79 -11.08
CA ASP C 155 12.26 28.59 -10.81
C ASP C 155 12.47 27.64 -9.63
N ALA C 156 11.82 27.92 -8.50
CA ALA C 156 12.03 27.12 -7.30
C ALA C 156 11.74 25.66 -7.58
N PHE C 157 10.62 25.37 -8.26
CA PHE C 157 10.26 23.98 -8.52
C PHE C 157 11.19 23.35 -9.54
N TYR C 158 11.48 24.04 -10.64
CA TYR C 158 12.37 23.45 -11.63
C TYR C 158 13.78 23.28 -11.07
N THR C 159 14.21 24.16 -10.16
CA THR C 159 15.53 24.01 -9.55
C THR C 159 15.60 22.73 -8.74
N LEU C 160 14.53 22.38 -8.02
CA LEU C 160 14.53 21.11 -7.30
C LEU C 160 14.67 19.93 -8.26
N VAL C 161 14.03 20.01 -9.43
CA VAL C 161 14.17 18.96 -10.43
C VAL C 161 15.61 18.89 -10.93
N ARG C 162 16.26 20.05 -11.10
CA ARG C 162 17.66 20.05 -11.50
C ARG C 162 18.54 19.43 -10.42
N GLU C 163 18.23 19.69 -9.16
CA GLU C 163 19.03 19.13 -8.07
C GLU C 163 18.88 17.63 -7.98
N ILE C 164 17.68 17.11 -8.30
CA ILE C 164 17.50 15.66 -8.34
C ILE C 164 18.34 15.06 -9.47
N ARG C 165 18.37 15.73 -10.62
CA ARG C 165 19.19 15.26 -11.74
C ARG C 165 20.66 15.26 -11.38
N LYS C 166 21.14 16.34 -10.74
CA LYS C 166 22.55 16.44 -10.38
C LYS C 166 22.94 15.36 -9.39
N HIS C 167 22.08 15.08 -8.40
CA HIS C 167 22.40 14.07 -7.41
C HIS C 167 22.40 12.67 -8.02
N LYS C 168 21.59 12.44 -9.05
CA LYS C 168 21.61 11.16 -9.73
C LYS C 168 22.85 10.97 -10.59
N GLU C 169 23.58 12.05 -10.88
CA GLU C 169 24.76 11.96 -11.72
C GLU C 169 25.96 11.38 -10.96
N LYS C 170 26.22 11.89 -9.75
CA LYS C 170 27.37 11.47 -8.97
C LYS C 170 27.36 9.98 -8.67
N GLY D 1 -15.95 -1.22 35.46
CA GLY D 1 -17.02 -1.81 36.25
C GLY D 1 -18.32 -1.03 36.19
N THR D 2 -18.20 0.30 36.28
CA THR D 2 -19.34 1.19 36.14
C THR D 2 -19.71 1.34 34.67
N VAL D 3 -20.98 1.68 34.42
CA VAL D 3 -21.42 1.94 33.06
C VAL D 3 -20.75 3.20 32.54
N HIS D 4 -20.35 3.18 31.27
CA HIS D 4 -19.70 4.31 30.61
C HIS D 4 -18.47 4.77 31.38
N ARG D 5 -17.55 3.83 31.60
CA ARG D 5 -16.37 4.07 32.43
C ARG D 5 -15.11 3.68 31.66
N TRP D 6 -14.14 4.59 31.62
CA TRP D 6 -12.81 4.29 31.10
C TRP D 6 -11.97 3.74 32.24
N ARG D 7 -11.61 2.46 32.15
CA ARG D 7 -10.66 1.85 33.07
C ARG D 7 -9.29 1.80 32.40
N ARG D 8 -8.25 2.12 33.16
CA ARG D 8 -6.88 2.03 32.67
C ARG D 8 -6.36 0.64 33.00
N LEU D 9 -6.24 -0.20 31.99
CA LEU D 9 -5.78 -1.57 32.12
C LEU D 9 -4.25 -1.60 32.08
N PRO D 10 -3.63 -2.67 32.59
CA PRO D 10 -2.16 -2.72 32.65
C PRO D 10 -1.54 -2.69 31.27
N PRO D 11 -0.69 -1.70 30.98
CA PRO D 11 -0.08 -1.61 29.66
C PRO D 11 0.86 -2.78 29.40
N CYS D 12 1.11 -3.02 28.11
CA CYS D 12 2.05 -4.04 27.69
C CYS D 12 3.47 -3.56 27.94
N ASP D 13 4.18 -4.21 28.85
CA ASP D 13 5.56 -3.84 29.15
C ASP D 13 6.45 -4.10 27.94
N GLU D 14 7.49 -3.28 27.81
CA GLU D 14 8.47 -3.45 26.74
C GLU D 14 9.06 -4.85 26.76
N PHE D 15 9.06 -5.49 27.93
CA PHE D 15 9.59 -6.85 28.09
C PHE D 15 8.82 -7.87 27.26
N VAL D 16 7.58 -7.58 26.90
CA VAL D 16 6.76 -8.47 26.09
C VAL D 16 6.68 -8.01 24.65
N GLY D 17 6.56 -6.70 24.44
CA GLY D 17 6.48 -6.14 23.10
C GLY D 17 6.63 -4.64 23.14
N ALA D 18 7.29 -4.07 22.13
CA ALA D 18 7.58 -2.65 22.15
C ALA D 18 6.30 -1.83 21.96
N ARG D 19 6.27 -0.68 22.63
CA ARG D 19 5.18 0.27 22.40
C ARG D 19 5.15 0.63 20.92
N ARG D 20 3.94 0.68 20.36
CA ARG D 20 3.82 0.64 18.91
C ARG D 20 2.60 1.41 18.45
N SER D 21 2.56 1.68 17.14
CA SER D 21 1.39 2.23 16.48
C SER D 21 1.26 1.57 15.12
N LYS D 22 0.15 1.87 14.43
CA LYS D 22 -0.15 1.35 13.10
C LYS D 22 -0.29 -0.17 13.09
N HIS D 23 -0.64 -0.75 14.23
CA HIS D 23 -0.78 -2.19 14.39
C HIS D 23 -2.24 -2.60 14.20
N THR D 24 -2.51 -3.89 14.41
CA THR D 24 -3.86 -4.42 14.37
C THR D 24 -4.19 -5.08 15.70
N VAL D 25 -5.46 -4.96 16.10
CA VAL D 25 -5.98 -5.60 17.31
C VAL D 25 -7.14 -6.48 16.90
N VAL D 26 -7.20 -7.66 17.49
CA VAL D 26 -8.19 -8.68 17.15
C VAL D 26 -8.73 -9.29 18.44
N ALA D 27 -10.04 -9.42 18.53
CA ALA D 27 -10.69 -10.05 19.68
C ALA D 27 -11.06 -11.48 19.34
N TYR D 28 -10.71 -12.41 20.22
CA TYR D 28 -11.10 -13.81 20.09
C TYR D 28 -11.23 -14.40 21.49
N LYS D 29 -12.35 -15.08 21.75
CA LYS D 29 -12.68 -15.53 23.09
C LYS D 29 -12.63 -14.36 24.05
N ASP D 30 -11.78 -14.45 25.07
CA ASP D 30 -11.63 -13.40 26.07
C ASP D 30 -10.22 -12.81 26.04
N ALA D 31 -9.67 -12.64 24.84
CA ALA D 31 -8.31 -12.14 24.69
C ALA D 31 -8.23 -11.21 23.48
N ILE D 32 -7.31 -10.25 23.57
CA ILE D 32 -6.99 -9.33 22.48
C ILE D 32 -5.64 -9.76 21.90
N TYR D 33 -5.57 -9.83 20.58
CA TYR D 33 -4.36 -10.26 19.87
C TYR D 33 -3.81 -9.08 19.07
N VAL D 34 -2.60 -8.66 19.43
CA VAL D 34 -1.93 -7.53 18.77
C VAL D 34 -0.90 -8.07 17.80
N PHE D 35 -0.90 -7.55 16.58
CA PHE D 35 0.05 -8.01 15.56
C PHE D 35 0.66 -6.84 14.83
N GLY D 36 1.98 -6.93 14.61
CA GLY D 36 2.67 -5.98 13.77
C GLY D 36 2.71 -4.57 14.35
N GLY D 37 3.04 -3.63 13.47
CA GLY D 37 3.09 -2.23 13.85
C GLY D 37 4.48 -1.62 13.71
N ASP D 38 4.67 -0.46 14.33
CA ASP D 38 5.92 0.29 14.23
C ASP D 38 6.30 0.75 15.63
N ASN D 39 7.54 0.49 16.03
CA ASN D 39 8.02 0.85 17.36
C ASN D 39 8.82 2.14 17.37
N GLY D 40 8.99 2.80 16.22
CA GLY D 40 9.78 3.98 16.10
C GLY D 40 11.13 3.76 15.45
N LYS D 41 11.58 2.51 15.36
CA LYS D 41 12.84 2.15 14.74
C LYS D 41 12.68 1.13 13.63
N THR D 42 11.74 0.20 13.78
CA THR D 42 11.60 -0.89 12.81
C THR D 42 10.15 -1.35 12.74
N MET D 43 9.86 -2.07 11.68
CA MET D 43 8.56 -2.71 11.53
C MET D 43 8.55 -4.00 12.36
N LEU D 44 7.38 -4.37 12.84
CA LEU D 44 7.24 -5.51 13.74
C LEU D 44 6.38 -6.58 13.11
N ASN D 45 6.63 -7.83 13.51
CA ASN D 45 5.77 -8.95 13.14
C ASN D 45 5.52 -9.87 14.32
N ASP D 46 5.75 -9.40 15.55
CA ASP D 46 5.44 -10.19 16.72
C ASP D 46 3.92 -10.25 16.95
N LEU D 47 3.51 -11.20 17.79
CA LEU D 47 2.10 -11.42 18.08
C LEU D 47 1.90 -11.38 19.59
N LEU D 48 1.08 -10.45 20.05
CA LEU D 48 0.81 -10.26 21.46
C LEU D 48 -0.60 -10.74 21.79
N ARG D 49 -0.77 -11.25 23.01
CA ARG D 49 -2.06 -11.77 23.46
C ARG D 49 -2.34 -11.23 24.85
N PHE D 50 -3.37 -10.40 24.97
CA PHE D 50 -3.80 -9.84 26.25
C PHE D 50 -5.11 -10.48 26.67
N ASP D 51 -5.08 -11.21 27.78
CA ASP D 51 -6.25 -11.88 28.31
C ASP D 51 -7.03 -10.92 29.20
N VAL D 52 -8.29 -10.66 28.83
CA VAL D 52 -9.11 -9.69 29.55
C VAL D 52 -9.37 -10.15 30.98
N LYS D 53 -9.40 -11.47 31.22
CA LYS D 53 -9.78 -11.98 32.53
C LYS D 53 -8.71 -11.67 33.57
N ASP D 54 -7.50 -12.19 33.39
CA ASP D 54 -6.41 -11.99 34.34
C ASP D 54 -5.58 -10.75 34.05
N CYS D 55 -5.90 -9.99 33.01
CA CYS D 55 -5.15 -8.81 32.63
C CYS D 55 -3.66 -9.12 32.45
N SER D 56 -3.40 -10.19 31.70
CA SER D 56 -2.05 -10.72 31.53
C SER D 56 -1.58 -10.51 30.10
N TRP D 57 -0.48 -9.76 29.95
CA TRP D 57 0.15 -9.62 28.64
C TRP D 57 1.09 -10.80 28.39
N CYS D 58 1.30 -11.11 27.11
CA CYS D 58 1.94 -12.36 26.75
C CYS D 58 2.38 -12.40 25.30
N ARG D 59 3.61 -12.86 25.04
CA ARG D 59 4.07 -13.07 23.68
C ARG D 59 3.49 -14.39 23.18
N ALA D 60 2.53 -14.31 22.27
CA ALA D 60 1.72 -15.46 21.89
C ALA D 60 2.56 -16.53 21.20
N PHE D 61 2.15 -17.78 21.40
CA PHE D 61 2.86 -18.91 20.81
C PHE D 61 2.47 -19.10 19.35
N THR D 62 3.48 -19.23 18.49
CA THR D 62 3.29 -19.44 17.06
C THR D 62 4.17 -20.60 16.61
N THR D 63 3.92 -21.07 15.39
CA THR D 63 4.73 -22.14 14.80
C THR D 63 5.25 -21.76 13.43
N GLY D 64 4.35 -21.64 12.46
CA GLY D 64 4.73 -21.43 11.07
C GLY D 64 5.45 -20.13 10.81
N THR D 65 5.84 -19.91 9.56
CA THR D 65 6.51 -18.67 9.19
C THR D 65 5.52 -17.51 9.24
N PRO D 66 5.76 -16.48 10.06
CA PRO D 66 4.80 -15.39 10.18
C PRO D 66 4.92 -14.44 9.00
N PRO D 67 3.96 -13.52 8.83
CA PRO D 67 4.10 -12.50 7.79
C PRO D 67 5.30 -11.61 8.04
N ALA D 68 5.78 -10.99 6.96
CA ALA D 68 6.89 -10.07 7.09
C ALA D 68 6.49 -8.89 7.98
N PRO D 69 7.44 -8.32 8.72
CA PRO D 69 7.12 -7.16 9.56
C PRO D 69 6.49 -6.05 8.74
N ARG D 70 5.44 -5.45 9.28
CA ARG D 70 4.61 -4.53 8.52
C ARG D 70 3.77 -3.68 9.46
N TYR D 71 3.23 -2.60 8.91
CA TYR D 71 2.22 -1.80 9.59
C TYR D 71 1.21 -1.31 8.55
N HIS D 72 0.15 -0.65 9.04
CA HIS D 72 -0.98 -0.22 8.21
C HIS D 72 -1.60 -1.40 7.45
N HIS D 73 -1.61 -2.56 8.07
CA HIS D 73 -2.21 -3.76 7.51
C HIS D 73 -3.57 -3.99 8.15
N SER D 74 -4.29 -4.98 7.62
CA SER D 74 -5.60 -5.33 8.13
C SER D 74 -5.56 -6.70 8.80
N ALA D 75 -6.42 -6.89 9.79
CA ALA D 75 -6.55 -8.19 10.45
C ALA D 75 -7.99 -8.38 10.89
N VAL D 76 -8.56 -9.54 10.54
CA VAL D 76 -9.95 -9.85 10.85
C VAL D 76 -10.00 -11.29 11.37
N VAL D 77 -11.21 -11.69 11.77
CA VAL D 77 -11.43 -13.01 12.36
C VAL D 77 -12.42 -13.75 11.48
N TYR D 78 -12.23 -15.06 11.39
CA TYR D 78 -13.22 -15.93 10.75
C TYR D 78 -13.10 -17.30 11.44
N GLY D 79 -14.00 -17.55 12.38
CA GLY D 79 -13.95 -18.80 13.10
C GLY D 79 -12.75 -18.86 14.01
N SER D 80 -11.99 -19.96 13.94
CA SER D 80 -10.88 -20.21 14.83
C SER D 80 -9.57 -19.58 14.34
N SER D 81 -9.64 -18.64 13.40
CA SER D 81 -8.44 -18.14 12.76
C SER D 81 -8.48 -16.63 12.62
N MET D 82 -7.29 -16.04 12.54
CA MET D 82 -7.10 -14.63 12.22
C MET D 82 -6.56 -14.52 10.80
N PHE D 83 -6.92 -13.44 10.11
CA PHE D 83 -6.54 -13.24 8.71
C PHE D 83 -5.90 -11.86 8.56
N VAL D 84 -4.64 -11.85 8.14
CA VAL D 84 -3.87 -10.62 7.92
C VAL D 84 -3.71 -10.41 6.42
N PHE D 85 -3.96 -9.19 5.96
CA PHE D 85 -3.89 -8.85 4.55
C PHE D 85 -3.21 -7.50 4.36
N GLY D 86 -2.33 -7.44 3.37
CA GLY D 86 -1.73 -6.16 2.99
C GLY D 86 -0.79 -5.61 4.05
N GLY D 87 -0.51 -4.32 3.91
CA GLY D 87 0.36 -3.58 4.81
C GLY D 87 1.56 -3.00 4.08
N TYR D 88 2.50 -2.48 4.86
CA TYR D 88 3.69 -1.83 4.34
C TYR D 88 4.92 -2.55 4.89
N THR D 89 5.81 -2.98 3.99
CA THR D 89 6.89 -3.90 4.33
C THR D 89 8.23 -3.32 3.88
N GLY D 90 9.26 -3.51 4.69
CA GLY D 90 10.62 -3.12 4.30
C GLY D 90 11.52 -2.94 5.51
N ASP D 91 12.47 -2.02 5.36
CA ASP D 91 13.40 -1.66 6.42
C ASP D 91 13.34 -0.15 6.60
N ILE D 92 12.73 0.30 7.70
CA ILE D 92 12.59 1.73 7.96
C ILE D 92 13.94 2.36 8.28
N TYR D 93 14.75 1.69 9.11
CA TYR D 93 15.97 2.29 9.61
C TYR D 93 16.92 2.63 8.47
N SER D 94 17.00 1.76 7.46
CA SER D 94 17.82 2.01 6.28
C SER D 94 17.05 2.60 5.12
N ASN D 95 15.72 2.68 5.23
CA ASN D 95 14.86 3.25 4.18
C ASN D 95 15.07 2.55 2.83
N SER D 96 15.06 1.22 2.87
CA SER D 96 15.30 0.42 1.68
C SER D 96 14.30 -0.73 1.63
N ASN D 97 14.09 -1.25 0.42
CA ASN D 97 13.29 -2.45 0.20
C ASN D 97 11.85 -2.24 0.68
N LEU D 98 11.32 -1.05 0.45
CA LEU D 98 9.99 -0.68 0.90
C LEU D 98 8.96 -0.98 -0.19
N LYS D 99 7.89 -1.66 0.19
CA LYS D 99 6.82 -1.98 -0.75
C LYS D 99 5.53 -2.24 0.00
N ASN D 100 4.41 -1.96 -0.67
CA ASN D 100 3.12 -2.38 -0.16
C ASN D 100 2.89 -3.87 -0.47
N LYS D 101 1.92 -4.46 0.21
CA LYS D 101 1.71 -5.89 0.11
C LYS D 101 0.27 -6.19 -0.29
N ASN D 102 0.06 -7.42 -0.77
CA ASN D 102 -1.28 -7.94 -1.02
C ASN D 102 -1.39 -9.42 -0.64
N ASP D 103 -0.47 -9.91 0.20
CA ASP D 103 -0.51 -11.29 0.64
C ASP D 103 -1.55 -11.49 1.73
N LEU D 104 -1.88 -12.75 2.00
CA LEU D 104 -2.97 -13.11 2.91
C LEU D 104 -2.50 -14.25 3.80
N PHE D 105 -2.52 -14.02 5.11
CA PHE D 105 -2.03 -14.99 6.08
C PHE D 105 -3.15 -15.41 7.02
N GLU D 106 -3.07 -16.65 7.50
CA GLU D 106 -4.02 -17.21 8.45
C GLU D 106 -3.28 -17.59 9.73
N TYR D 107 -3.90 -17.28 10.87
CA TYR D 107 -3.35 -17.65 12.17
C TYR D 107 -4.43 -18.38 12.96
N LYS D 108 -4.30 -19.70 13.09
CA LYS D 108 -5.23 -20.49 13.89
C LYS D 108 -4.93 -20.28 15.37
N PHE D 109 -5.89 -19.72 16.10
CA PHE D 109 -5.70 -19.48 17.53
C PHE D 109 -5.47 -20.78 18.28
N ALA D 110 -6.03 -21.88 17.81
CA ALA D 110 -5.92 -23.15 18.52
C ALA D 110 -4.50 -23.69 18.49
N THR D 111 -3.85 -23.66 17.32
CA THR D 111 -2.54 -24.26 17.14
C THR D 111 -1.41 -23.27 17.01
N GLY D 112 -1.70 -21.97 16.85
CA GLY D 112 -0.64 -21.02 16.60
C GLY D 112 -0.03 -21.17 15.22
N GLN D 113 -0.80 -21.64 14.26
CA GLN D 113 -0.29 -22.01 12.94
C GLN D 113 -0.36 -20.80 12.01
N TRP D 114 0.82 -20.29 11.62
CA TRP D 114 0.90 -19.31 10.54
C TRP D 114 0.90 -20.03 9.20
N THR D 115 -0.01 -19.64 8.31
CA THR D 115 -0.10 -20.24 6.99
C THR D 115 -0.48 -19.19 5.98
N GLU D 116 0.38 -18.97 4.98
CA GLU D 116 0.08 -18.02 3.92
C GLU D 116 -0.88 -18.64 2.91
N TRP D 117 -1.96 -17.91 2.61
CA TRP D 117 -2.91 -18.31 1.58
C TRP D 117 -2.42 -17.79 0.23
N LYS D 118 -1.69 -18.63 -0.49
CA LYS D 118 -1.16 -18.27 -1.80
C LYS D 118 -2.28 -18.42 -2.82
N ILE D 119 -2.94 -17.30 -3.14
CA ILE D 119 -4.12 -17.29 -3.98
C ILE D 119 -3.73 -17.11 -5.43
N GLU D 120 -4.36 -17.87 -6.32
CA GLU D 120 -4.13 -17.74 -7.75
C GLU D 120 -5.14 -16.77 -8.36
N GLY D 121 -5.03 -16.57 -9.67
CA GLY D 121 -5.85 -15.59 -10.35
C GLY D 121 -5.37 -14.18 -10.10
N ARG D 122 -6.16 -13.22 -10.60
CA ARG D 122 -5.84 -11.82 -10.40
C ARG D 122 -6.07 -11.41 -8.96
N LEU D 123 -5.22 -10.53 -8.45
CA LEU D 123 -5.24 -10.09 -7.07
C LEU D 123 -5.56 -8.60 -6.98
N PRO D 124 -6.11 -8.15 -5.85
CA PRO D 124 -6.24 -6.71 -5.63
C PRO D 124 -4.87 -6.05 -5.59
N VAL D 125 -4.84 -4.77 -5.97
CA VAL D 125 -3.58 -4.04 -5.97
C VAL D 125 -2.97 -4.04 -4.57
N ALA D 126 -1.67 -4.28 -4.50
CA ALA D 126 -0.97 -4.21 -3.22
C ALA D 126 -1.15 -2.84 -2.60
N ARG D 127 -1.55 -2.80 -1.33
CA ARG D 127 -2.05 -1.57 -0.73
C ARG D 127 -1.77 -1.58 0.77
N SER D 128 -1.94 -0.39 1.38
CA SER D 128 -1.87 -0.22 2.83
C SER D 128 -2.96 0.75 3.25
N ALA D 129 -3.17 0.83 4.57
CA ALA D 129 -4.16 1.71 5.19
C ALA D 129 -5.57 1.45 4.70
N HIS D 130 -5.80 0.30 4.09
CA HIS D 130 -7.12 -0.05 3.59
C HIS D 130 -8.05 -0.41 4.74
N GLY D 131 -9.33 -0.59 4.41
CA GLY D 131 -10.32 -1.07 5.35
C GLY D 131 -10.65 -2.52 5.06
N ALA D 132 -11.05 -3.25 6.10
CA ALA D 132 -11.35 -4.66 5.94
C ALA D 132 -12.37 -5.11 6.98
N THR D 133 -13.17 -6.10 6.59
CA THR D 133 -14.18 -6.67 7.48
C THR D 133 -14.63 -8.01 6.90
N VAL D 134 -15.38 -8.76 7.70
CA VAL D 134 -15.88 -10.08 7.32
C VAL D 134 -17.40 -10.03 7.25
N TYR D 135 -17.96 -10.63 6.22
CA TYR D 135 -19.41 -10.74 6.09
C TYR D 135 -19.74 -11.88 5.14
N SER D 136 -20.76 -12.67 5.50
CA SER D 136 -21.25 -13.79 4.71
C SER D 136 -20.10 -14.69 4.25
N ASP D 137 -19.25 -15.07 5.20
CA ASP D 137 -18.17 -16.03 4.97
C ASP D 137 -17.15 -15.54 3.95
N LYS D 138 -17.02 -14.22 3.81
CA LYS D 138 -16.06 -13.65 2.87
C LYS D 138 -15.34 -12.46 3.52
N LEU D 139 -14.07 -12.29 3.15
CA LEU D 139 -13.27 -11.15 3.58
C LEU D 139 -13.42 -10.01 2.57
N TRP D 140 -13.87 -8.86 3.04
CA TRP D 140 -14.05 -7.67 2.21
C TRP D 140 -12.95 -6.68 2.50
N ILE D 141 -12.26 -6.22 1.45
CA ILE D 141 -11.22 -5.20 1.57
C ILE D 141 -11.59 -4.03 0.67
N PHE D 142 -11.32 -2.81 1.15
CA PHE D 142 -11.81 -1.60 0.50
C PHE D 142 -10.79 -0.48 0.58
N ALA D 143 -10.60 0.21 -0.53
CA ALA D 143 -9.84 1.47 -0.60
C ALA D 143 -8.38 1.22 -0.19
N GLY D 144 -7.72 2.25 0.30
CA GLY D 144 -6.34 2.20 0.73
C GLY D 144 -5.44 3.03 -0.17
N TYR D 145 -4.14 2.94 0.11
CA TYR D 145 -3.12 3.58 -0.70
C TYR D 145 -2.19 2.51 -1.26
N ASP D 146 -1.91 2.58 -2.57
CA ASP D 146 -1.14 1.54 -3.25
C ASP D 146 0.28 1.95 -3.59
N GLY D 147 0.71 3.15 -3.22
CA GLY D 147 2.00 3.67 -3.60
C GLY D 147 1.95 4.64 -4.76
N ASN D 148 0.83 4.72 -5.46
CA ASN D 148 0.62 5.65 -6.57
C ASN D 148 -0.49 6.64 -6.30
N ALA D 149 -1.62 6.18 -5.77
CA ALA D 149 -2.73 7.05 -5.43
C ALA D 149 -3.61 6.33 -4.42
N ARG D 150 -4.49 7.10 -3.79
CA ARG D 150 -5.49 6.51 -2.92
C ARG D 150 -6.49 5.72 -3.76
N LEU D 151 -7.08 4.70 -3.15
CA LEU D 151 -7.92 3.76 -3.87
C LEU D 151 -9.37 3.88 -3.41
N ASN D 152 -10.27 3.31 -4.22
CA ASN D 152 -11.67 3.20 -3.79
C ASN D 152 -12.32 1.92 -4.32
N ASP D 153 -11.55 0.94 -4.78
CA ASP D 153 -12.13 -0.32 -5.20
C ASP D 153 -12.44 -1.19 -3.98
N MET D 154 -13.08 -2.32 -4.25
CA MET D 154 -13.45 -3.24 -3.18
C MET D 154 -13.36 -4.66 -3.71
N TRP D 155 -12.77 -5.55 -2.91
CA TRP D 155 -12.55 -6.94 -3.31
C TRP D 155 -13.03 -7.88 -2.21
N THR D 156 -13.36 -9.10 -2.62
CA THR D 156 -13.75 -10.16 -1.69
C THR D 156 -12.93 -11.41 -1.95
N ILE D 157 -12.89 -12.29 -0.94
CA ILE D 157 -12.19 -13.55 -1.03
C ILE D 157 -12.88 -14.52 -0.08
N GLY D 158 -13.29 -15.67 -0.60
CA GLY D 158 -13.94 -16.67 0.24
C GLY D 158 -12.98 -17.23 1.28
N LEU D 159 -13.47 -17.36 2.51
CA LEU D 159 -12.67 -17.83 3.63
C LEU D 159 -13.06 -19.22 4.07
N GLN D 160 -13.64 -20.02 3.17
CA GLN D 160 -14.13 -21.34 3.51
C GLN D 160 -13.16 -22.44 3.08
N ASP D 161 -12.74 -22.44 1.82
CA ASP D 161 -11.84 -23.46 1.29
C ASP D 161 -10.68 -22.74 0.62
N ARG D 162 -9.49 -22.89 1.18
CA ARG D 162 -8.31 -22.21 0.65
C ARG D 162 -7.99 -22.69 -0.77
N GLU D 163 -8.29 -23.94 -1.07
CA GLU D 163 -7.92 -24.52 -2.36
C GLU D 163 -8.83 -24.02 -3.48
N LEU D 164 -10.12 -23.84 -3.18
CA LEU D 164 -11.09 -23.46 -4.20
C LEU D 164 -11.27 -21.95 -4.33
N THR D 165 -10.88 -21.18 -3.33
CA THR D 165 -11.20 -19.76 -3.31
C THR D 165 -10.27 -18.94 -4.19
N CYS D 166 -10.76 -17.77 -4.60
CA CYS D 166 -10.00 -16.83 -5.41
C CYS D 166 -10.61 -15.44 -5.22
N TRP D 167 -9.81 -14.42 -5.56
CA TRP D 167 -10.22 -13.04 -5.36
C TRP D 167 -11.22 -12.59 -6.42
N GLU D 168 -12.25 -11.86 -5.99
CA GLU D 168 -13.18 -11.18 -6.88
C GLU D 168 -13.23 -9.70 -6.54
N GLU D 169 -13.38 -8.86 -7.56
CA GLU D 169 -13.52 -7.42 -7.35
C GLU D 169 -15.01 -7.06 -7.31
N VAL D 170 -15.39 -6.25 -6.33
CA VAL D 170 -16.79 -5.88 -6.13
C VAL D 170 -17.17 -4.78 -7.10
N ALA D 171 -18.30 -4.95 -7.80
CA ALA D 171 -18.85 -3.92 -8.67
C ALA D 171 -19.71 -2.99 -7.82
N GLN D 172 -19.07 -1.96 -7.26
CA GLN D 172 -19.76 -1.05 -6.37
C GLN D 172 -20.65 -0.09 -7.14
N SER D 173 -21.81 0.22 -6.57
CA SER D 173 -22.71 1.24 -7.09
C SER D 173 -23.11 2.16 -5.95
N GLY D 174 -23.70 3.29 -6.31
CA GLY D 174 -24.10 4.29 -5.32
C GLY D 174 -23.07 5.38 -5.16
N GLU D 175 -23.27 6.18 -4.11
CA GLU D 175 -22.36 7.28 -3.80
C GLU D 175 -21.13 6.70 -3.12
N ILE D 176 -20.19 6.25 -3.94
CA ILE D 176 -18.96 5.63 -3.43
C ILE D 176 -18.15 6.66 -2.66
N PRO D 177 -17.58 6.32 -1.51
CA PRO D 177 -16.71 7.27 -0.83
C PRO D 177 -15.54 7.65 -1.72
N PRO D 178 -15.05 8.88 -1.63
CA PRO D 178 -13.85 9.26 -2.36
C PRO D 178 -12.67 8.44 -1.91
N SER D 179 -11.61 8.44 -2.72
CA SER D 179 -10.43 7.65 -2.44
C SER D 179 -9.90 7.95 -1.04
N CYS D 180 -9.91 6.93 -0.18
CA CYS D 180 -9.65 7.10 1.25
C CYS D 180 -8.54 6.15 1.69
N CYS D 181 -7.97 6.47 2.85
CA CYS D 181 -7.04 5.60 3.54
C CYS D 181 -6.95 6.06 4.99
N ASN D 182 -6.44 5.18 5.84
CA ASN D 182 -6.32 5.44 7.28
C ASN D 182 -7.67 5.78 7.89
N PHE D 183 -8.66 4.95 7.59
CA PHE D 183 -10.01 5.08 8.12
C PHE D 183 -10.43 3.79 8.81
N PRO D 184 -11.41 3.86 9.70
CA PRO D 184 -11.93 2.64 10.33
C PRO D 184 -13.18 2.10 9.66
N VAL D 185 -13.39 0.79 9.74
CA VAL D 185 -14.55 0.12 9.19
C VAL D 185 -15.25 -0.60 10.34
N ALA D 186 -16.59 -0.60 10.30
CA ALA D 186 -17.40 -1.29 11.29
C ALA D 186 -18.64 -1.85 10.60
N VAL D 187 -19.03 -3.06 10.99
CA VAL D 187 -20.21 -3.73 10.44
C VAL D 187 -21.30 -3.74 11.50
N CYS D 188 -22.49 -3.33 11.09
CA CYS D 188 -23.65 -3.35 12.00
C CYS D 188 -24.84 -3.77 11.15
N ARG D 189 -25.55 -4.82 11.58
CA ARG D 189 -26.67 -5.33 10.75
C ARG D 189 -26.08 -5.82 9.42
N ASP D 190 -26.74 -5.50 8.32
CA ASP D 190 -26.29 -5.99 6.99
C ASP D 190 -25.56 -4.85 6.29
N LYS D 191 -24.97 -3.93 7.07
CA LYS D 191 -24.33 -2.79 6.45
C LYS D 191 -22.91 -2.66 6.97
N MET D 192 -22.04 -2.12 6.13
CA MET D 192 -20.67 -1.79 6.51
C MET D 192 -20.55 -0.27 6.54
N PHE D 193 -19.92 0.26 7.59
CA PHE D 193 -19.86 1.70 7.80
C PHE D 193 -18.42 2.21 7.71
N VAL D 194 -18.29 3.43 7.20
CA VAL D 194 -17.01 4.11 7.08
C VAL D 194 -17.21 5.57 7.47
N PHE D 195 -16.39 6.05 8.40
CA PHE D 195 -16.48 7.44 8.86
C PHE D 195 -15.18 8.17 8.58
N SER D 196 -15.28 9.28 7.86
CA SER D 196 -14.16 10.17 7.60
C SER D 196 -12.97 9.40 7.02
N GLY D 197 -11.77 9.74 7.47
CA GLY D 197 -10.57 9.14 6.94
C GLY D 197 -9.82 10.09 6.02
N GLN D 198 -8.53 9.83 5.87
CA GLN D 198 -7.68 10.67 5.03
C GLN D 198 -8.07 10.44 3.58
N SER D 199 -8.92 11.32 3.05
CA SER D 199 -9.25 11.36 1.64
C SER D 199 -8.69 12.62 0.98
N GLY D 200 -7.57 13.11 1.50
CA GLY D 200 -6.85 14.23 0.91
C GLY D 200 -7.67 15.48 0.68
N ALA D 201 -7.83 15.85 -0.59
CA ALA D 201 -8.54 17.07 -0.94
C ALA D 201 -10.01 17.01 -0.55
N LYS D 202 -10.59 15.81 -0.48
CA LYS D 202 -12.02 15.64 -0.23
C LYS D 202 -12.32 15.20 1.20
N ILE D 203 -11.43 15.52 2.14
CA ILE D 203 -11.62 15.05 3.51
C ILE D 203 -12.75 15.82 4.18
N THR D 204 -13.72 15.07 4.71
CA THR D 204 -14.81 15.60 5.52
C THR D 204 -15.18 14.57 6.57
N ASN D 205 -16.21 14.89 7.35
CA ASN D 205 -16.73 13.98 8.38
C ASN D 205 -18.02 13.32 7.92
N ASN D 206 -18.01 12.76 6.71
CA ASN D 206 -19.18 12.08 6.17
C ASN D 206 -19.19 10.62 6.62
N LEU D 207 -20.39 10.12 6.91
CA LEU D 207 -20.59 8.73 7.27
C LEU D 207 -21.21 8.00 6.09
N PHE D 208 -20.52 6.96 5.62
CA PHE D 208 -20.98 6.15 4.50
C PHE D 208 -21.39 4.78 5.01
N GLN D 209 -22.47 4.24 4.46
CA GLN D 209 -22.86 2.87 4.74
C GLN D 209 -22.91 2.08 3.45
N PHE D 210 -22.52 0.81 3.52
CA PHE D 210 -22.46 -0.07 2.36
C PHE D 210 -23.35 -1.27 2.65
N GLU D 211 -24.47 -1.35 1.92
CA GLU D 211 -25.37 -2.48 2.05
C GLU D 211 -24.76 -3.68 1.32
N PHE D 212 -24.49 -4.75 2.06
CA PHE D 212 -23.78 -5.89 1.50
C PHE D 212 -24.61 -6.60 0.44
N LYS D 213 -25.93 -6.59 0.57
CA LYS D 213 -26.76 -7.46 -0.25
C LYS D 213 -26.87 -6.99 -1.69
N ASP D 214 -26.85 -5.68 -1.93
CA ASP D 214 -27.00 -5.13 -3.27
C ASP D 214 -25.84 -4.24 -3.68
N LYS D 215 -24.72 -4.31 -2.95
CA LYS D 215 -23.47 -3.62 -3.30
C LYS D 215 -23.71 -2.14 -3.60
N THR D 216 -24.34 -1.45 -2.64
CA THR D 216 -24.74 -0.07 -2.85
C THR D 216 -24.23 0.77 -1.69
N TRP D 217 -23.49 1.82 -2.03
CA TRP D 217 -23.02 2.80 -1.06
C TRP D 217 -24.07 3.89 -0.90
N THR D 218 -24.12 4.45 0.30
CA THR D 218 -25.07 5.52 0.59
C THR D 218 -24.44 6.45 1.62
N ARG D 219 -24.44 7.74 1.31
CA ARG D 219 -24.01 8.74 2.29
C ARG D 219 -25.17 9.05 3.24
N ILE D 220 -24.90 8.90 4.54
CA ILE D 220 -25.90 9.11 5.57
C ILE D 220 -26.17 10.61 5.62
N PRO D 221 -27.41 11.03 5.39
CA PRO D 221 -27.69 12.47 5.32
C PRO D 221 -27.70 13.18 6.67
N THR D 222 -26.84 12.78 7.61
CA THR D 222 -26.78 13.48 8.89
C THR D 222 -26.54 14.97 8.74
N GLU D 223 -26.13 15.42 7.55
CA GLU D 223 -26.11 16.85 7.27
C GLU D 223 -27.46 17.50 7.54
N HIS D 224 -28.56 16.82 7.17
CA HIS D 224 -29.89 17.32 7.49
C HIS D 224 -30.32 16.99 8.91
N LEU D 225 -29.54 16.20 9.64
CA LEU D 225 -29.79 16.01 11.08
C LEU D 225 -29.04 17.07 11.87
N SER D 229 -30.17 17.68 16.60
CA SER D 229 -29.29 16.58 16.98
C SER D 229 -27.84 17.05 17.05
N PRO D 230 -27.04 16.39 17.89
CA PRO D 230 -25.65 16.80 18.03
C PRO D 230 -24.91 16.70 16.71
N PRO D 231 -23.91 17.56 16.50
CA PRO D 231 -23.19 17.54 15.23
C PRO D 231 -22.28 16.33 15.13
N PRO D 232 -21.98 15.87 13.91
CA PRO D 232 -21.07 14.73 13.75
C PRO D 232 -19.67 15.08 14.24
N PRO D 233 -18.87 14.07 14.60
CA PRO D 233 -17.51 14.34 15.07
C PRO D 233 -16.65 15.00 14.01
N GLN D 234 -15.68 15.80 14.48
CA GLN D 234 -14.76 16.48 13.58
C GLN D 234 -14.02 15.48 12.72
N ARG D 235 -13.74 15.88 11.48
CA ARG D 235 -13.07 14.98 10.54
C ARG D 235 -11.70 14.61 11.06
N ARG D 236 -11.28 13.37 10.79
CA ARG D 236 -10.07 12.83 11.39
C ARG D 236 -9.56 11.68 10.53
N TYR D 237 -8.37 11.20 10.88
CA TYR D 237 -7.80 10.00 10.30
C TYR D 237 -7.02 9.26 11.37
N GLY D 238 -6.81 7.96 11.15
CA GLY D 238 -6.13 7.15 12.13
C GLY D 238 -6.92 6.91 13.39
N HIS D 239 -8.24 6.89 13.29
CA HIS D 239 -9.14 6.66 14.41
C HIS D 239 -9.75 5.27 14.31
N THR D 240 -10.41 4.86 15.39
CA THR D 240 -11.00 3.53 15.49
C THR D 240 -12.51 3.63 15.66
N MET D 241 -13.23 2.76 14.97
CA MET D 241 -14.69 2.72 15.05
C MET D 241 -15.13 1.28 15.28
N VAL D 242 -15.91 1.05 16.33
CA VAL D 242 -16.48 -0.25 16.61
C VAL D 242 -18.00 -0.10 16.74
N ALA D 243 -18.69 -1.21 16.50
CA ALA D 243 -20.15 -1.26 16.58
C ALA D 243 -20.57 -2.07 17.78
N PHE D 244 -21.62 -1.62 18.46
CA PHE D 244 -22.20 -2.37 19.57
C PHE D 244 -23.63 -1.91 19.79
N ASP D 245 -24.57 -2.83 19.70
CA ASP D 245 -25.99 -2.57 19.94
C ASP D 245 -26.49 -1.41 19.09
N ARG D 246 -26.44 -1.61 17.77
CA ARG D 246 -26.97 -0.63 16.81
C ARG D 246 -26.42 0.77 17.07
N HIS D 247 -25.14 0.83 17.45
CA HIS D 247 -24.49 2.09 17.77
C HIS D 247 -23.03 2.00 17.37
N LEU D 248 -22.53 3.03 16.70
CA LEU D 248 -21.13 3.12 16.29
C LEU D 248 -20.36 3.99 17.27
N TYR D 249 -19.25 3.46 17.78
CA TYR D 249 -18.43 4.16 18.76
C TYR D 249 -17.12 4.55 18.07
N VAL D 250 -16.89 5.85 17.91
CA VAL D 250 -15.71 6.39 17.24
C VAL D 250 -14.84 7.07 18.29
N PHE D 251 -13.55 6.72 18.30
CA PHE D 251 -12.60 7.28 19.26
C PHE D 251 -11.27 7.61 18.59
N GLY D 252 -10.65 8.68 19.08
CA GLY D 252 -9.26 8.96 18.76
C GLY D 252 -9.06 9.58 17.37
N GLY D 253 -7.89 9.33 16.81
CA GLY D 253 -7.51 9.92 15.55
C GLY D 253 -6.93 11.31 15.72
N ALA D 254 -6.39 11.83 14.62
CA ALA D 254 -5.86 13.19 14.55
C ALA D 254 -6.78 14.04 13.70
N ALA D 255 -7.28 15.13 14.27
CA ALA D 255 -8.26 16.00 13.61
C ALA D 255 -7.67 17.41 13.51
N ASP D 256 -7.17 17.77 12.33
CA ASP D 256 -6.61 19.10 12.07
C ASP D 256 -5.61 19.49 13.16
N ASN D 257 -4.51 18.72 13.19
CA ASN D 257 -3.36 18.96 14.05
C ASN D 257 -3.66 18.81 15.53
N THR D 258 -4.82 18.26 15.90
CA THR D 258 -5.16 17.98 17.28
C THR D 258 -5.56 16.52 17.41
N LEU D 259 -5.59 16.04 18.66
CA LEU D 259 -5.93 14.65 18.96
C LEU D 259 -7.05 14.60 20.00
N PRO D 260 -8.29 14.84 19.58
CA PRO D 260 -9.40 14.85 20.55
C PRO D 260 -9.65 13.46 21.11
N ASN D 261 -10.16 13.42 22.34
CA ASN D 261 -10.44 12.16 23.02
C ASN D 261 -11.89 12.05 23.48
N GLU D 262 -12.81 12.76 22.82
CA GLU D 262 -14.23 12.52 23.06
C GLU D 262 -14.65 11.21 22.40
N LEU D 263 -15.46 10.43 23.11
CA LEU D 263 -16.00 9.19 22.57
C LEU D 263 -17.35 9.48 21.93
N HIS D 264 -17.43 9.33 20.61
CA HIS D 264 -18.65 9.64 19.86
C HIS D 264 -19.44 8.39 19.58
N CYS D 265 -20.76 8.50 19.69
CA CYS D 265 -21.67 7.37 19.49
C CYS D 265 -22.69 7.73 18.41
N TYR D 266 -22.75 6.91 17.36
CA TYR D 266 -23.71 7.09 16.28
C TYR D 266 -24.84 6.08 16.45
N ASP D 267 -26.03 6.56 16.78
CA ASP D 267 -27.23 5.73 16.79
C ASP D 267 -27.64 5.46 15.34
N VAL D 268 -27.39 4.24 14.85
CA VAL D 268 -27.58 3.96 13.43
C VAL D 268 -29.06 4.00 13.06
N ASP D 269 -29.95 3.59 13.95
CA ASP D 269 -31.37 3.58 13.63
C ASP D 269 -31.96 5.00 13.67
N PHE D 270 -31.72 5.72 14.76
CA PHE D 270 -32.17 7.10 14.85
C PHE D 270 -31.39 8.02 13.92
N GLN D 271 -30.21 7.58 13.46
CA GLN D 271 -29.35 8.37 12.57
C GLN D 271 -28.93 9.68 13.22
N THR D 272 -28.55 9.61 14.49
CA THR D 272 -28.15 10.77 15.27
C THR D 272 -26.79 10.52 15.90
N TRP D 273 -26.11 11.60 16.25
CA TRP D 273 -24.81 11.53 16.91
C TRP D 273 -24.93 11.95 18.37
N GLU D 274 -23.87 11.66 19.13
CA GLU D 274 -23.85 11.90 20.56
C GLU D 274 -22.42 11.72 21.06
N VAL D 275 -22.06 12.52 22.07
CA VAL D 275 -20.78 12.38 22.75
C VAL D 275 -21.05 11.67 24.08
N VAL D 276 -20.46 10.48 24.24
CA VAL D 276 -20.74 9.66 25.41
C VAL D 276 -20.12 10.30 26.65
N GLN D 277 -20.83 10.23 27.78
CA GLN D 277 -20.39 10.83 29.02
C GLN D 277 -19.66 9.80 29.86
N PRO D 278 -18.35 9.92 30.06
CA PRO D 278 -17.64 8.98 30.93
C PRO D 278 -18.00 9.21 32.39
N SER D 279 -17.75 8.18 33.20
CA SER D 279 -18.12 8.24 34.61
C SER D 279 -17.19 9.18 35.38
N SER D 280 -17.64 9.55 36.58
CA SER D 280 -16.89 10.46 37.43
C SER D 280 -15.52 9.90 37.80
N ASP D 281 -15.39 8.57 37.86
CA ASP D 281 -14.16 7.92 38.27
C ASP D 281 -13.39 7.33 37.09
N SER D 282 -13.64 7.83 35.89
CA SER D 282 -12.99 7.29 34.71
C SER D 282 -11.54 7.74 34.63
N GLU D 283 -10.67 6.81 34.24
CA GLU D 283 -9.29 7.14 33.89
C GLU D 283 -9.25 7.41 32.39
N LEU D 284 -9.33 8.67 32.02
CA LEU D 284 -9.53 9.04 30.62
C LEU D 284 -8.27 8.74 29.81
N PRO D 285 -8.40 8.08 28.66
CA PRO D 285 -7.23 7.91 27.79
C PRO D 285 -6.91 9.21 27.06
N SER D 286 -5.61 9.51 27.00
CA SER D 286 -5.15 10.69 26.29
C SER D 286 -5.38 10.55 24.79
N GLY D 287 -5.49 11.69 24.11
CA GLY D 287 -5.68 11.67 22.67
C GLY D 287 -4.56 10.90 21.97
N ARG D 288 -4.94 10.14 20.95
CA ARG D 288 -3.99 9.29 20.26
C ARG D 288 -4.52 8.98 18.87
N LEU D 289 -3.62 8.49 18.01
CA LEU D 289 -4.00 8.05 16.68
C LEU D 289 -3.20 6.79 16.33
N PHE D 290 -3.67 6.09 15.29
CA PHE D 290 -3.09 4.83 14.83
C PHE D 290 -3.07 3.78 15.94
N HIS D 291 -4.00 3.90 16.87
CA HIS D 291 -4.32 2.85 17.80
C HIS D 291 -5.23 1.82 17.12
N ALA D 292 -5.63 0.80 17.87
CA ALA D 292 -6.56 -0.19 17.34
C ALA D 292 -7.53 -0.61 18.42
N ALA D 293 -8.70 -1.08 17.99
CA ALA D 293 -9.82 -1.33 18.89
C ALA D 293 -10.45 -2.70 18.61
N ALA D 294 -11.14 -3.21 19.62
CA ALA D 294 -11.90 -4.45 19.53
C ALA D 294 -12.98 -4.42 20.60
N VAL D 295 -13.94 -5.34 20.48
CA VAL D 295 -15.06 -5.42 21.40
C VAL D 295 -15.18 -6.85 21.92
N ILE D 296 -15.24 -7.00 23.23
CA ILE D 296 -15.54 -8.27 23.89
C ILE D 296 -16.67 -8.03 24.88
N SER D 297 -17.70 -8.89 24.83
CA SER D 297 -18.91 -8.71 25.62
C SER D 297 -19.51 -7.34 25.36
N ASP D 298 -19.55 -6.50 26.40
CA ASP D 298 -20.09 -5.16 26.25
C ASP D 298 -19.06 -4.11 26.65
N ALA D 299 -17.84 -4.27 26.15
CA ALA D 299 -16.75 -3.34 26.44
C ALA D 299 -15.88 -3.18 25.22
N MET D 300 -15.31 -1.98 25.08
CA MET D 300 -14.37 -1.65 24.02
C MET D 300 -12.97 -1.59 24.59
N TYR D 301 -12.00 -2.08 23.82
CA TYR D 301 -10.62 -2.14 24.26
C TYR D 301 -9.76 -1.32 23.30
N ILE D 302 -8.98 -0.38 23.86
CA ILE D 302 -8.12 0.51 23.07
C ILE D 302 -6.68 0.21 23.45
N PHE D 303 -5.86 -0.13 22.45
CA PHE D 303 -4.46 -0.44 22.67
C PHE D 303 -3.56 0.34 21.72
N GLY D 304 -2.46 0.84 22.26
CA GLY D 304 -1.42 1.41 21.43
C GLY D 304 -1.75 2.77 20.87
N GLY D 305 -0.94 3.17 19.90
CA GLY D 305 -1.11 4.44 19.21
C GLY D 305 0.02 5.41 19.54
N THR D 306 0.05 6.47 18.75
CA THR D 306 0.94 7.59 19.01
C THR D 306 0.19 8.65 19.81
N VAL D 307 0.81 9.11 20.89
CA VAL D 307 0.13 9.96 21.86
C VAL D 307 0.86 11.29 22.02
N ASP D 308 0.61 12.22 21.10
CA ASP D 308 1.24 13.53 21.08
C ASP D 308 2.74 13.38 20.82
N ASN D 309 3.43 14.49 20.58
CA ASN D 309 4.79 14.46 20.05
C ASN D 309 4.92 13.32 19.05
N ASN D 310 5.78 12.35 19.35
CA ASN D 310 5.77 11.08 18.63
C ASN D 310 5.87 9.91 19.59
N ILE D 311 5.52 10.11 20.85
CA ILE D 311 5.60 9.07 21.87
C ILE D 311 4.65 7.93 21.52
N ARG D 312 5.22 6.78 21.14
CA ARG D 312 4.42 5.60 20.89
C ARG D 312 3.92 5.06 22.22
N SER D 313 2.81 4.32 22.18
CA SER D 313 2.17 3.93 23.42
C SER D 313 1.92 2.43 23.46
N GLY D 314 2.06 1.88 24.65
CA GLY D 314 1.67 0.51 24.94
C GLY D 314 0.52 0.44 25.92
N GLU D 315 -0.17 1.55 26.16
CA GLU D 315 -1.25 1.60 27.13
C GLU D 315 -2.47 0.81 26.64
N MET D 316 -3.22 0.26 27.60
CA MET D 316 -4.45 -0.46 27.30
C MET D 316 -5.58 0.15 28.11
N TYR D 317 -6.64 0.55 27.42
CA TYR D 317 -7.81 1.18 28.04
C TYR D 317 -9.06 0.40 27.68
N ARG D 318 -10.00 0.33 28.63
CA ARG D 318 -11.26 -0.39 28.45
C ARG D 318 -12.41 0.56 28.77
N PHE D 319 -13.30 0.76 27.80
CA PHE D 319 -14.53 1.50 28.01
C PHE D 319 -15.68 0.52 28.19
N GLN D 320 -16.40 0.65 29.30
CA GLN D 320 -17.53 -0.21 29.61
C GLN D 320 -18.78 0.38 28.98
N PHE D 321 -19.30 -0.27 27.94
CA PHE D 321 -20.62 0.09 27.44
C PHE D 321 -21.69 -0.19 28.50
N SER D 322 -22.90 0.23 28.21
CA SER D 322 -24.04 -0.03 29.09
C SER D 322 -24.18 -1.52 29.37
N MET E 2 -57.30 53.80 -51.01
CA MET E 2 -57.68 52.45 -51.41
C MET E 2 -56.93 51.40 -50.60
N THR E 3 -57.56 50.91 -49.54
CA THR E 3 -57.00 49.86 -48.71
C THR E 3 -58.06 48.81 -48.43
N GLU E 4 -57.61 47.60 -48.11
CA GLU E 4 -58.49 46.48 -47.82
C GLU E 4 -58.46 46.17 -46.33
N TYR E 5 -59.60 45.73 -45.81
CA TYR E 5 -59.73 45.42 -44.37
C TYR E 5 -60.54 44.16 -44.21
N LYS E 6 -59.94 43.14 -43.58
CA LYS E 6 -60.61 41.87 -43.32
C LYS E 6 -61.18 41.89 -41.91
N LEU E 7 -62.50 41.81 -41.79
CA LEU E 7 -63.19 41.87 -40.51
C LEU E 7 -63.92 40.56 -40.25
N VAL E 8 -63.90 40.11 -39.00
CA VAL E 8 -64.53 38.86 -38.59
C VAL E 8 -65.44 39.16 -37.40
N VAL E 9 -66.73 38.85 -37.55
CA VAL E 9 -67.72 39.05 -36.50
C VAL E 9 -67.86 37.74 -35.73
N VAL E 10 -67.32 37.70 -34.52
CA VAL E 10 -67.35 36.51 -33.68
C VAL E 10 -68.31 36.74 -32.52
N GLY E 11 -68.70 35.66 -31.87
CA GLY E 11 -69.58 35.70 -30.72
C GLY E 11 -70.55 34.54 -30.72
N ALA E 12 -71.16 34.31 -29.55
CA ALA E 12 -72.08 33.19 -29.39
C ALA E 12 -73.28 33.33 -30.33
N GLY E 13 -73.97 32.21 -30.52
CA GLY E 13 -75.06 32.20 -31.49
C GLY E 13 -76.25 32.99 -31.00
N GLY E 14 -76.84 33.75 -31.91
CA GLY E 14 -78.04 34.52 -31.61
C GLY E 14 -77.80 35.88 -30.98
N VAL E 15 -76.56 36.35 -30.91
CA VAL E 15 -76.30 37.64 -30.30
C VAL E 15 -76.62 38.79 -31.23
N GLY E 16 -76.72 38.53 -32.54
CA GLY E 16 -77.05 39.57 -33.49
C GLY E 16 -76.06 39.68 -34.64
N LYS E 17 -75.06 38.80 -34.66
CA LYS E 17 -73.97 38.88 -35.64
C LYS E 17 -74.51 39.01 -37.07
N SER E 18 -75.42 38.11 -37.44
CA SER E 18 -75.96 38.14 -38.80
C SER E 18 -76.75 39.42 -39.04
N ALA E 19 -77.78 39.67 -38.23
CA ALA E 19 -78.62 40.84 -38.44
C ALA E 19 -77.84 42.13 -38.30
N LEU E 20 -76.74 42.12 -37.55
CA LEU E 20 -75.92 43.31 -37.41
C LEU E 20 -75.09 43.55 -38.68
N THR E 21 -74.53 42.48 -39.25
CA THR E 21 -73.75 42.62 -40.48
C THR E 21 -74.65 42.96 -41.66
N ILE E 22 -75.83 42.35 -41.74
CA ILE E 22 -76.77 42.67 -42.81
C ILE E 22 -77.19 44.14 -42.71
N GLN E 23 -77.25 44.69 -41.50
CA GLN E 23 -77.69 46.06 -41.33
C GLN E 23 -76.69 47.06 -41.90
N LEU E 24 -75.40 46.84 -41.68
CA LEU E 24 -74.39 47.73 -42.26
C LEU E 24 -74.40 47.66 -43.78
N ILE E 25 -74.72 46.49 -44.34
CA ILE E 25 -74.59 46.29 -45.77
C ILE E 25 -75.83 46.78 -46.51
N GLN E 26 -77.02 46.39 -46.03
CA GLN E 26 -78.26 46.68 -46.73
C GLN E 26 -79.13 47.73 -46.06
N ASN E 27 -78.67 48.31 -44.94
CA ASN E 27 -79.43 49.36 -44.25
C ASN E 27 -80.83 48.89 -43.88
N HIS E 28 -80.95 47.61 -43.50
CA HIS E 28 -82.24 47.05 -43.14
C HIS E 28 -82.06 45.93 -42.12
N PHE E 29 -83.07 45.75 -41.28
CA PHE E 29 -83.08 44.72 -40.24
C PHE E 29 -83.74 43.45 -40.77
N VAL E 30 -83.12 42.31 -40.49
CA VAL E 30 -83.65 41.01 -40.86
C VAL E 30 -83.95 40.23 -39.59
N ASP E 31 -85.23 39.98 -39.33
CA ASP E 31 -85.66 39.32 -38.10
C ASP E 31 -85.03 37.95 -37.94
N GLU E 32 -85.38 37.00 -38.80
CA GLU E 32 -84.90 35.63 -38.70
C GLU E 32 -84.02 35.33 -39.91
N TYR E 33 -82.72 35.19 -39.66
CA TYR E 33 -81.76 34.73 -40.65
C TYR E 33 -81.16 33.42 -40.13
N ASP E 34 -80.99 32.45 -41.02
CA ASP E 34 -80.52 31.10 -40.66
C ASP E 34 -79.37 31.18 -39.68
N PRO E 35 -79.56 30.70 -38.44
CA PRO E 35 -78.54 30.87 -37.40
C PRO E 35 -77.24 30.13 -37.66
N ALA E 36 -77.13 29.35 -38.75
CA ALA E 36 -75.90 28.60 -39.04
C ALA E 36 -75.40 28.85 -40.44
N ILE E 37 -75.74 29.97 -41.06
CA ILE E 37 -75.22 30.35 -42.38
C ILE E 37 -74.05 31.28 -42.16
N GLU E 38 -72.87 30.87 -42.64
CA GLU E 38 -71.64 31.64 -42.51
C GLU E 38 -71.11 31.93 -43.90
N ASP E 39 -71.01 33.22 -44.24
CA ASP E 39 -70.48 33.63 -45.53
C ASP E 39 -70.01 35.07 -45.40
N SER E 40 -69.24 35.51 -46.39
CA SER E 40 -68.63 36.83 -46.34
C SER E 40 -69.53 37.88 -47.01
N TYR E 41 -69.38 39.12 -46.56
CA TYR E 41 -70.05 40.27 -47.14
C TYR E 41 -69.01 41.31 -47.50
N ARG E 42 -69.31 42.14 -48.50
CA ARG E 42 -68.37 43.13 -48.98
C ARG E 42 -69.04 44.48 -49.15
N LYS E 43 -68.28 45.54 -48.88
CA LYS E 43 -68.77 46.90 -48.96
C LYS E 43 -67.58 47.84 -49.11
N GLN E 44 -67.73 48.81 -50.02
CA GLN E 44 -66.75 49.88 -50.20
C GLN E 44 -67.32 51.15 -49.62
N VAL E 45 -66.62 51.73 -48.63
CA VAL E 45 -67.13 52.89 -47.91
C VAL E 45 -65.95 53.77 -47.52
N VAL E 46 -66.20 55.09 -47.46
CA VAL E 46 -65.18 56.06 -47.10
C VAL E 46 -65.19 56.26 -45.60
N ILE E 47 -64.02 56.12 -44.98
CA ILE E 47 -63.85 56.28 -43.53
C ILE E 47 -62.64 57.15 -43.28
N ASP E 48 -62.81 58.20 -42.47
CA ASP E 48 -61.71 59.04 -42.00
C ASP E 48 -60.91 59.62 -43.17
N GLY E 49 -61.61 60.00 -44.24
CA GLY E 49 -60.95 60.58 -45.39
C GLY E 49 -60.15 59.60 -46.21
N GLU E 50 -60.55 58.33 -46.22
CA GLU E 50 -59.88 57.31 -47.03
C GLU E 50 -60.90 56.26 -47.43
N THR E 51 -60.97 55.96 -48.73
CA THR E 51 -61.85 54.90 -49.20
C THR E 51 -61.34 53.55 -48.72
N CYS E 52 -62.25 52.75 -48.17
CA CYS E 52 -61.89 51.50 -47.52
C CYS E 52 -62.72 50.36 -48.09
N LEU E 53 -62.08 49.22 -48.33
CA LEU E 53 -62.71 48.04 -48.92
C LEU E 53 -62.87 47.00 -47.82
N LEU E 54 -64.11 46.69 -47.48
CA LEU E 54 -64.43 45.86 -46.31
C LEU E 54 -64.74 44.44 -46.76
N ASP E 55 -64.05 43.48 -46.15
CA ASP E 55 -64.29 42.05 -46.38
C ASP E 55 -64.70 41.45 -45.03
N ILE E 56 -66.00 41.36 -44.80
CA ILE E 56 -66.56 41.03 -43.49
C ILE E 56 -67.14 39.62 -43.54
N LEU E 57 -66.81 38.81 -42.55
CA LEU E 57 -67.31 37.44 -42.44
C LEU E 57 -68.23 37.33 -41.23
N ASP E 58 -69.50 37.07 -41.49
CA ASP E 58 -70.46 36.73 -40.44
C ASP E 58 -70.30 35.26 -40.11
N THR E 59 -69.75 34.96 -38.93
CA THR E 59 -69.37 33.60 -38.58
C THR E 59 -70.55 32.85 -37.97
N ALA E 60 -70.52 31.53 -38.13
CA ALA E 60 -71.48 30.64 -37.51
C ALA E 60 -70.83 29.27 -37.39
N GLY E 61 -71.54 28.36 -36.73
CA GLY E 61 -71.01 27.02 -36.59
C GLY E 61 -70.22 26.85 -35.31
N GLN E 62 -70.17 25.60 -34.83
CA GLN E 62 -69.56 25.27 -33.56
C GLN E 62 -68.47 24.23 -33.63
N ALA E 63 -68.38 23.46 -34.71
CA ALA E 63 -67.38 22.40 -34.84
C ALA E 63 -66.08 23.01 -35.40
N GLU E 64 -65.22 22.17 -35.97
CA GLU E 64 -63.96 22.66 -36.53
C GLU E 64 -64.24 23.65 -37.66
N TYR E 65 -63.29 24.54 -37.89
CA TYR E 65 -63.47 25.62 -38.84
C TYR E 65 -63.51 25.10 -40.26
N SER E 66 -64.47 25.60 -41.05
CA SER E 66 -64.41 25.40 -42.48
C SER E 66 -63.17 26.08 -43.03
N ALA E 67 -62.67 25.58 -44.15
CA ALA E 67 -61.41 26.08 -44.70
C ALA E 67 -61.48 27.56 -45.03
N MET E 68 -62.68 28.10 -45.27
CA MET E 68 -62.81 29.53 -45.47
C MET E 68 -62.68 30.29 -44.15
N ARG E 69 -63.37 29.81 -43.11
CA ARG E 69 -63.22 30.47 -41.81
C ARG E 69 -61.81 30.30 -41.25
N ASP E 70 -61.24 29.10 -41.39
CA ASP E 70 -59.90 28.84 -40.90
C ASP E 70 -58.91 29.90 -41.39
N GLN E 71 -59.05 30.32 -42.66
CA GLN E 71 -58.17 31.34 -43.18
C GLN E 71 -58.64 32.75 -42.82
N TYR E 72 -59.96 32.96 -42.66
CA TYR E 72 -60.43 34.25 -42.18
C TYR E 72 -59.96 34.50 -40.75
N MET E 73 -59.91 33.46 -39.93
CA MET E 73 -59.46 33.63 -38.55
C MET E 73 -57.96 33.86 -38.46
N ARG E 74 -57.20 33.46 -39.48
CA ARG E 74 -55.76 33.66 -39.49
C ARG E 74 -55.32 34.91 -40.24
N THR E 75 -56.05 35.30 -41.28
CA THR E 75 -55.75 36.51 -42.02
C THR E 75 -56.60 37.70 -41.59
N GLY E 76 -57.57 37.49 -40.70
CA GLY E 76 -58.44 38.55 -40.25
C GLY E 76 -57.70 39.71 -39.59
N GLU E 77 -57.93 40.92 -40.11
CA GLU E 77 -57.21 42.09 -39.61
C GLU E 77 -57.89 42.69 -38.38
N GLY E 78 -59.19 42.49 -38.23
CA GLY E 78 -59.91 42.99 -37.07
C GLY E 78 -61.06 42.07 -36.74
N PHE E 79 -61.48 42.10 -35.47
CA PHE E 79 -62.52 41.21 -34.98
C PHE E 79 -63.55 42.00 -34.17
N LEU E 80 -64.82 41.71 -34.42
CA LEU E 80 -65.93 42.21 -33.61
C LEU E 80 -66.34 41.10 -32.64
N CYS E 81 -66.12 41.33 -31.34
CA CYS E 81 -66.56 40.38 -30.32
C CYS E 81 -67.92 40.85 -29.82
N VAL E 82 -68.98 40.18 -30.29
CA VAL E 82 -70.35 40.61 -30.07
C VAL E 82 -71.00 39.77 -28.99
N PHE E 83 -71.75 40.43 -28.11
CA PHE E 83 -72.56 39.76 -27.11
C PHE E 83 -73.88 40.50 -26.98
N ALA E 84 -74.92 39.77 -26.57
CA ALA E 84 -76.24 40.34 -26.39
C ALA E 84 -76.36 40.90 -24.97
N ILE E 85 -76.79 42.16 -24.87
CA ILE E 85 -76.94 42.79 -23.57
C ILE E 85 -78.09 42.21 -22.77
N ASN E 86 -78.92 41.36 -23.39
CA ASN E 86 -80.03 40.71 -22.69
C ASN E 86 -79.76 39.22 -22.44
N ASN E 87 -78.53 38.76 -22.67
CA ASN E 87 -78.15 37.37 -22.44
C ASN E 87 -76.79 37.37 -21.75
N THR E 88 -76.77 37.00 -20.47
CA THR E 88 -75.52 37.06 -19.69
C THR E 88 -74.50 36.05 -20.20
N LYS E 89 -74.95 34.94 -20.79
CA LYS E 89 -74.02 33.89 -21.18
C LYS E 89 -73.15 34.33 -22.36
N SER E 90 -73.71 35.10 -23.29
CA SER E 90 -72.92 35.60 -24.40
C SER E 90 -71.81 36.52 -23.93
N PHE E 91 -72.05 37.24 -22.82
CA PHE E 91 -70.99 38.08 -22.26
C PHE E 91 -69.91 37.22 -21.60
N GLU E 92 -70.30 36.12 -20.97
CA GLU E 92 -69.32 35.21 -20.38
C GLU E 92 -68.38 34.64 -21.44
N ASP E 93 -68.92 34.34 -22.62
CA ASP E 93 -68.14 33.70 -23.68
C ASP E 93 -67.08 34.61 -24.28
N ILE E 94 -67.13 35.92 -24.03
CA ILE E 94 -66.22 36.85 -24.70
C ILE E 94 -64.77 36.51 -24.37
N HIS E 95 -64.47 36.29 -23.10
CA HIS E 95 -63.08 36.01 -22.72
C HIS E 95 -62.57 34.75 -23.38
N HIS E 96 -63.46 33.80 -23.71
CA HIS E 96 -63.07 32.66 -24.53
C HIS E 96 -62.71 33.11 -25.94
N TYR E 97 -63.65 33.77 -26.62
CA TYR E 97 -63.43 34.19 -28.00
C TYR E 97 -62.19 35.07 -28.16
N ARG E 98 -61.84 35.82 -27.12
CA ARG E 98 -60.62 36.62 -27.20
C ARG E 98 -59.38 35.75 -27.12
N GLU E 99 -59.39 34.75 -26.24
CA GLU E 99 -58.26 33.82 -26.15
C GLU E 99 -58.09 33.04 -27.46
N GLN E 100 -59.21 32.70 -28.11
CA GLN E 100 -59.14 32.07 -29.43
C GLN E 100 -58.38 32.95 -30.41
N ILE E 101 -58.81 34.20 -30.56
CA ILE E 101 -58.20 35.10 -31.53
C ILE E 101 -56.73 35.34 -31.17
N LYS E 102 -56.42 35.49 -29.89
CA LYS E 102 -55.04 35.73 -29.48
C LYS E 102 -54.14 34.55 -29.86
N ARG E 103 -54.65 33.33 -29.70
CA ARG E 103 -53.82 32.16 -29.99
C ARG E 103 -53.71 31.90 -31.49
N VAL E 104 -54.78 32.16 -32.24
CA VAL E 104 -54.76 31.89 -33.67
C VAL E 104 -53.76 32.82 -34.37
N LYS E 105 -53.74 34.09 -33.99
CA LYS E 105 -52.85 35.06 -34.63
C LYS E 105 -51.48 35.14 -33.97
N ASP E 106 -51.28 34.48 -32.82
CA ASP E 106 -50.01 34.49 -32.10
C ASP E 106 -49.56 35.92 -31.79
N SER E 107 -50.43 36.67 -31.12
CA SER E 107 -50.16 38.06 -30.78
C SER E 107 -51.10 38.49 -29.67
N GLU E 108 -50.61 39.44 -28.86
CA GLU E 108 -51.45 40.04 -27.83
C GLU E 108 -52.20 41.26 -28.32
N ASP E 109 -51.60 42.03 -29.23
CA ASP E 109 -52.24 43.22 -29.79
C ASP E 109 -52.86 42.82 -31.12
N VAL E 110 -54.14 42.44 -31.07
CA VAL E 110 -54.94 42.16 -32.27
C VAL E 110 -56.11 43.13 -32.27
N PRO E 111 -56.33 43.89 -33.34
CA PRO E 111 -57.42 44.87 -33.36
C PRO E 111 -58.78 44.23 -33.08
N MET E 112 -59.43 44.72 -32.03
CA MET E 112 -60.73 44.21 -31.62
C MET E 112 -61.61 45.37 -31.18
N VAL E 113 -62.92 45.13 -31.25
CA VAL E 113 -63.92 46.05 -30.71
C VAL E 113 -64.99 45.22 -30.02
N LEU E 114 -65.21 45.49 -28.73
CA LEU E 114 -66.26 44.80 -27.99
C LEU E 114 -67.59 45.45 -28.29
N VAL E 115 -68.59 44.63 -28.62
CA VAL E 115 -69.88 45.09 -29.10
C VAL E 115 -70.98 44.42 -28.29
N GLY E 116 -71.81 45.23 -27.65
CA GLY E 116 -72.98 44.72 -26.94
C GLY E 116 -74.26 45.02 -27.68
N ASN E 117 -74.76 44.05 -28.45
CA ASN E 117 -75.91 44.26 -29.31
C ASN E 117 -77.20 44.07 -28.53
N LYS E 118 -78.32 44.39 -29.19
CA LYS E 118 -79.67 44.30 -28.63
C LYS E 118 -79.92 45.34 -27.53
N CYS E 119 -79.27 46.50 -27.63
CA CYS E 119 -79.46 47.55 -26.63
C CYS E 119 -80.84 48.18 -26.71
N ASP E 120 -81.60 47.94 -27.78
CA ASP E 120 -82.98 48.40 -27.86
C ASP E 120 -83.93 47.59 -26.97
N LEU E 121 -83.48 46.45 -26.47
CA LEU E 121 -84.32 45.62 -25.61
C LEU E 121 -84.29 46.17 -24.19
N PRO E 122 -85.44 46.17 -23.49
CA PRO E 122 -85.50 46.75 -22.16
C PRO E 122 -85.10 45.78 -21.06
N SER E 123 -84.42 44.69 -21.44
CA SER E 123 -84.02 43.68 -20.45
C SER E 123 -82.51 43.57 -20.36
N ARG E 124 -81.84 44.69 -20.09
CA ARG E 124 -80.39 44.68 -19.94
C ARG E 124 -80.01 43.85 -18.72
N THR E 125 -79.29 42.74 -18.97
CA THR E 125 -78.73 41.93 -17.90
C THR E 125 -77.24 42.14 -17.69
N VAL E 126 -76.54 42.63 -18.71
CA VAL E 126 -75.13 42.99 -18.59
C VAL E 126 -75.06 44.51 -18.53
N ASP E 127 -74.78 45.04 -17.35
CA ASP E 127 -74.71 46.49 -17.19
C ASP E 127 -73.58 47.06 -18.05
N THR E 128 -73.84 48.23 -18.64
CA THR E 128 -72.86 48.85 -19.52
C THR E 128 -71.53 49.09 -18.80
N LYS E 129 -71.58 49.28 -17.48
CA LYS E 129 -70.34 49.44 -16.72
C LYS E 129 -69.49 48.18 -16.75
N GLN E 130 -70.12 47.00 -16.73
CA GLN E 130 -69.37 45.76 -16.78
C GLN E 130 -68.56 45.65 -18.06
N ALA E 131 -69.24 45.77 -19.21
CA ALA E 131 -68.54 45.68 -20.48
C ALA E 131 -67.56 46.83 -20.67
N GLN E 132 -67.86 48.00 -20.12
CA GLN E 132 -66.91 49.11 -20.15
C GLN E 132 -65.63 48.74 -19.41
N ASP E 133 -65.77 48.18 -18.21
CA ASP E 133 -64.60 47.74 -17.47
C ASP E 133 -63.84 46.66 -18.21
N LEU E 134 -64.55 45.68 -18.77
CA LEU E 134 -63.91 44.60 -19.51
C LEU E 134 -63.14 45.14 -20.71
N ALA E 135 -63.77 46.02 -21.48
CA ALA E 135 -63.12 46.56 -22.67
C ALA E 135 -61.91 47.41 -22.31
N ARG E 136 -62.00 48.18 -21.23
CA ARG E 136 -60.85 48.98 -20.80
C ARG E 136 -59.69 48.08 -20.38
N SER E 137 -60.00 46.96 -19.74
CA SER E 137 -58.94 46.03 -19.35
C SER E 137 -58.31 45.38 -20.58
N TYR E 138 -59.12 45.02 -21.57
CA TYR E 138 -58.58 44.46 -22.82
C TYR E 138 -57.89 45.52 -23.66
N GLY E 139 -58.14 46.80 -23.39
CA GLY E 139 -57.56 47.85 -24.20
C GLY E 139 -58.26 48.09 -25.52
N ILE E 140 -59.55 47.77 -25.61
CA ILE E 140 -60.31 47.88 -26.85
C ILE E 140 -61.55 48.74 -26.60
N PRO E 141 -62.09 49.41 -27.62
CA PRO E 141 -63.32 50.18 -27.43
C PRO E 141 -64.51 49.27 -27.16
N PHE E 142 -65.57 49.87 -26.61
CA PHE E 142 -66.83 49.18 -26.37
C PHE E 142 -67.96 50.05 -26.91
N ILE E 143 -68.73 49.50 -27.85
CA ILE E 143 -69.84 50.21 -28.48
C ILE E 143 -71.10 49.37 -28.30
N GLU E 144 -72.14 49.99 -27.72
CA GLU E 144 -73.44 49.36 -27.66
C GLU E 144 -74.18 49.58 -28.98
N THR E 145 -74.83 48.52 -29.47
CA THR E 145 -75.48 48.58 -30.77
C THR E 145 -76.86 47.95 -30.71
N SER E 146 -77.67 48.27 -31.71
CA SER E 146 -78.98 47.65 -31.89
C SER E 146 -79.22 47.48 -33.38
N ALA E 147 -79.15 46.24 -33.87
CA ALA E 147 -79.37 45.97 -35.28
C ALA E 147 -80.79 46.28 -35.71
N LYS E 148 -81.73 46.37 -34.76
CA LYS E 148 -83.11 46.69 -35.14
C LYS E 148 -83.27 48.18 -35.44
N THR E 149 -82.61 49.04 -34.66
CA THR E 149 -82.70 50.49 -34.85
C THR E 149 -81.42 51.08 -35.43
N ARG E 150 -80.47 50.25 -35.83
CA ARG E 150 -79.20 50.68 -36.42
C ARG E 150 -78.35 51.51 -35.47
N GLN E 151 -78.64 51.46 -34.17
CA GLN E 151 -77.86 52.21 -33.20
C GLN E 151 -76.40 51.78 -33.23
N GLY E 152 -75.51 52.73 -33.54
CA GLY E 152 -74.08 52.49 -33.50
C GLY E 152 -73.57 51.38 -34.38
N VAL E 153 -74.41 50.90 -35.31
CA VAL E 153 -73.98 49.83 -36.21
C VAL E 153 -72.82 50.30 -37.06
N ASP E 154 -72.96 51.48 -37.68
CA ASP E 154 -71.85 52.07 -38.41
C ASP E 154 -70.65 52.31 -37.50
N ASP E 155 -70.90 52.84 -36.30
CA ASP E 155 -69.82 53.15 -35.37
C ASP E 155 -69.04 51.91 -34.98
N ALA E 156 -69.74 50.81 -34.69
CA ALA E 156 -69.07 49.60 -34.22
C ALA E 156 -68.13 49.02 -35.27
N PHE E 157 -68.52 49.09 -36.54
CA PHE E 157 -67.67 48.56 -37.60
C PHE E 157 -66.54 49.53 -37.94
N TYR E 158 -66.87 50.82 -38.09
CA TYR E 158 -65.85 51.79 -38.47
C TYR E 158 -64.78 51.92 -37.39
N THR E 159 -65.19 51.87 -36.11
CA THR E 159 -64.21 51.91 -35.03
C THR E 159 -63.23 50.75 -35.14
N LEU E 160 -63.72 49.58 -35.57
CA LEU E 160 -62.82 48.46 -35.81
C LEU E 160 -61.83 48.77 -36.93
N VAL E 161 -62.29 49.50 -37.96
CA VAL E 161 -61.38 49.92 -39.01
C VAL E 161 -60.40 50.96 -38.49
N ARG E 162 -60.88 51.86 -37.61
CA ARG E 162 -59.97 52.83 -37.00
C ARG E 162 -58.94 52.13 -36.13
N GLU E 163 -59.30 51.01 -35.51
CA GLU E 163 -58.35 50.29 -34.67
C GLU E 163 -57.31 49.56 -35.51
N ILE E 164 -57.74 48.99 -36.65
CA ILE E 164 -56.79 48.34 -37.55
C ILE E 164 -55.76 49.34 -38.07
N ARG E 165 -56.23 50.54 -38.44
CA ARG E 165 -55.30 51.58 -38.87
C ARG E 165 -54.31 51.94 -37.77
N LYS E 166 -54.80 52.07 -36.54
CA LYS E 166 -53.93 52.44 -35.42
C LYS E 166 -52.89 51.36 -35.15
N HIS E 167 -53.30 50.09 -35.22
CA HIS E 167 -52.37 49.00 -34.96
C HIS E 167 -51.35 48.87 -36.08
N LYS E 168 -51.73 49.25 -37.31
CA LYS E 168 -50.78 49.24 -38.42
C LYS E 168 -49.76 50.37 -38.32
N GLU E 169 -50.04 51.40 -37.52
CA GLU E 169 -49.14 52.53 -37.38
C GLU E 169 -47.95 52.17 -36.50
N GLY F 1 -66.95 -8.83 -39.66
CA GLY F 1 -67.24 -10.18 -40.13
C GLY F 1 -68.67 -10.32 -40.62
N THR F 2 -69.60 -9.75 -39.87
CA THR F 2 -71.00 -9.74 -40.24
C THR F 2 -71.25 -8.63 -41.28
N VAL F 3 -72.32 -8.80 -42.06
CA VAL F 3 -72.71 -7.78 -43.03
C VAL F 3 -73.23 -6.55 -42.30
N HIS F 4 -72.91 -5.36 -42.82
CA HIS F 4 -73.32 -4.08 -42.26
C HIS F 4 -72.91 -3.95 -40.79
N ARG F 5 -71.61 -4.09 -40.56
CA ARG F 5 -71.04 -4.10 -39.22
C ARG F 5 -69.90 -3.09 -39.11
N TRP F 6 -69.97 -2.25 -38.08
CA TRP F 6 -68.86 -1.35 -37.73
C TRP F 6 -67.93 -2.10 -36.78
N ARG F 7 -66.72 -2.41 -37.23
CA ARG F 7 -65.67 -2.94 -36.38
C ARG F 7 -64.69 -1.84 -35.99
N ARG F 8 -64.27 -1.84 -34.73
CA ARG F 8 -63.29 -0.87 -34.25
C ARG F 8 -61.89 -1.45 -34.42
N LEU F 9 -61.15 -0.91 -35.37
CA LEU F 9 -59.80 -1.37 -35.66
C LEU F 9 -58.80 -0.66 -34.73
N PRO F 10 -57.62 -1.23 -34.54
CA PRO F 10 -56.65 -0.64 -33.60
C PRO F 10 -56.21 0.73 -34.06
N PRO F 11 -56.43 1.76 -33.24
CA PRO F 11 -56.05 3.11 -33.64
C PRO F 11 -54.54 3.27 -33.78
N CYS F 12 -54.15 4.30 -34.53
CA CYS F 12 -52.74 4.63 -34.71
C CYS F 12 -52.21 5.29 -33.44
N ASP F 13 -51.30 4.60 -32.75
CA ASP F 13 -50.69 5.18 -31.57
C ASP F 13 -49.85 6.39 -31.93
N GLU F 14 -49.73 7.33 -30.99
CA GLU F 14 -48.89 8.49 -31.20
C GLU F 14 -47.43 8.12 -31.43
N PHE F 15 -47.05 6.88 -31.13
CA PHE F 15 -45.70 6.40 -31.39
C PHE F 15 -45.41 6.30 -32.88
N VAL F 16 -46.44 6.17 -33.71
CA VAL F 16 -46.28 6.09 -35.16
C VAL F 16 -46.66 7.39 -35.83
N GLY F 17 -47.75 8.01 -35.38
CA GLY F 17 -48.19 9.27 -35.96
C GLY F 17 -49.28 9.92 -35.13
N ALA F 18 -49.25 11.25 -35.04
CA ALA F 18 -50.17 11.96 -34.16
C ALA F 18 -51.60 11.88 -34.68
N ARG F 19 -52.55 11.82 -33.75
CA ARG F 19 -53.95 11.92 -34.09
C ARG F 19 -54.21 13.24 -34.81
N ARG F 20 -55.01 13.18 -35.87
CA ARG F 20 -55.04 14.26 -36.84
C ARG F 20 -56.42 14.39 -37.46
N SER F 21 -56.63 15.53 -38.12
CA SER F 21 -57.80 15.76 -38.96
C SER F 21 -57.36 16.52 -40.20
N LYS F 22 -58.29 16.70 -41.13
CA LYS F 22 -58.06 17.43 -42.39
C LYS F 22 -56.98 16.75 -43.24
N HIS F 23 -56.80 15.44 -43.05
CA HIS F 23 -55.79 14.67 -43.77
C HIS F 23 -56.41 14.00 -44.99
N THR F 24 -55.60 13.20 -45.67
CA THR F 24 -56.05 12.40 -46.80
C THR F 24 -55.79 10.92 -46.53
N VAL F 25 -56.72 10.09 -47.02
CA VAL F 25 -56.62 8.65 -46.92
C VAL F 25 -56.69 8.06 -48.33
N VAL F 26 -55.83 7.07 -48.59
CA VAL F 26 -55.69 6.45 -49.89
C VAL F 26 -55.58 4.94 -49.71
N ALA F 27 -56.33 4.19 -50.52
CA ALA F 27 -56.27 2.73 -50.52
C ALA F 27 -55.42 2.25 -51.69
N TYR F 28 -54.51 1.32 -51.39
CA TYR F 28 -53.70 0.68 -52.42
C TYR F 28 -53.38 -0.73 -51.96
N LYS F 29 -53.63 -1.71 -52.84
CA LYS F 29 -53.53 -3.11 -52.46
C LYS F 29 -54.38 -3.39 -51.23
N ASP F 30 -53.74 -3.86 -50.15
CA ASP F 30 -54.42 -4.18 -48.91
C ASP F 30 -53.94 -3.26 -47.78
N ALA F 31 -53.72 -1.99 -48.09
CA ALA F 31 -53.20 -1.05 -47.12
C ALA F 31 -53.86 0.31 -47.28
N ILE F 32 -53.96 1.03 -46.16
CA ILE F 32 -54.46 2.41 -46.13
C ILE F 32 -53.27 3.33 -45.93
N TYR F 33 -53.20 4.39 -46.73
CA TYR F 33 -52.10 5.34 -46.69
C TYR F 33 -52.62 6.70 -46.23
N VAL F 34 -52.14 7.16 -45.08
CA VAL F 34 -52.52 8.45 -44.51
C VAL F 34 -51.39 9.43 -44.75
N PHE F 35 -51.73 10.63 -45.23
CA PHE F 35 -50.74 11.66 -45.49
C PHE F 35 -51.22 13.02 -44.97
N GLY F 36 -50.29 13.75 -44.35
CA GLY F 36 -50.54 15.13 -43.96
C GLY F 36 -51.59 15.26 -42.88
N GLY F 37 -52.08 16.49 -42.74
CA GLY F 37 -53.12 16.80 -41.78
C GLY F 37 -52.69 17.79 -40.71
N ASP F 38 -53.48 17.84 -39.63
CA ASP F 38 -53.26 18.77 -38.52
C ASP F 38 -53.42 17.99 -37.24
N ASN F 39 -52.44 18.11 -36.34
CA ASN F 39 -52.47 17.41 -35.07
C ASN F 39 -52.95 18.29 -33.91
N GLY F 40 -53.29 19.54 -34.19
CA GLY F 40 -53.67 20.49 -33.17
C GLY F 40 -52.60 21.50 -32.83
N LYS F 41 -51.37 21.27 -33.25
CA LYS F 41 -50.25 22.18 -33.00
C LYS F 41 -49.56 22.61 -34.28
N THR F 42 -49.30 21.69 -35.20
CA THR F 42 -48.59 22.01 -36.44
C THR F 42 -49.14 21.17 -37.58
N MET F 43 -48.81 21.59 -38.80
CA MET F 43 -49.15 20.83 -39.99
C MET F 43 -48.18 19.68 -40.18
N LEU F 44 -48.67 18.59 -40.79
CA LEU F 44 -47.92 17.36 -40.91
C LEU F 44 -47.65 17.02 -42.37
N ASN F 45 -46.56 16.28 -42.59
CA ASN F 45 -46.25 15.74 -43.91
C ASN F 45 -45.76 14.30 -43.83
N ASP F 46 -45.99 13.61 -42.71
CA ASP F 46 -45.62 12.21 -42.62
C ASP F 46 -46.59 11.34 -43.43
N LEU F 47 -46.17 10.11 -43.70
CA LEU F 47 -46.96 9.16 -44.46
C LEU F 47 -47.10 7.88 -43.64
N LEU F 48 -48.33 7.52 -43.34
CA LEU F 48 -48.63 6.37 -42.50
C LEU F 48 -49.20 5.25 -43.37
N ARG F 49 -48.92 4.01 -42.98
CA ARG F 49 -49.38 2.84 -43.72
C ARG F 49 -50.02 1.86 -42.76
N PHE F 50 -51.33 1.67 -42.92
CA PHE F 50 -52.08 0.72 -42.12
C PHE F 50 -52.40 -0.48 -42.99
N ASP F 51 -51.85 -1.63 -42.62
CA ASP F 51 -52.08 -2.87 -43.37
C ASP F 51 -53.37 -3.49 -42.86
N VAL F 52 -54.36 -3.60 -43.75
CA VAL F 52 -55.66 -4.12 -43.35
C VAL F 52 -55.58 -5.59 -42.95
N LYS F 53 -54.60 -6.33 -43.44
CA LYS F 53 -54.53 -7.76 -43.18
C LYS F 53 -54.15 -8.04 -41.73
N ASP F 54 -52.96 -7.61 -41.31
CA ASP F 54 -52.50 -7.82 -39.94
C ASP F 54 -52.85 -6.68 -39.00
N CYS F 55 -53.56 -5.66 -39.49
CA CYS F 55 -53.96 -4.50 -38.70
C CYS F 55 -52.77 -3.84 -38.02
N SER F 56 -51.73 -3.57 -38.81
CA SER F 56 -50.46 -3.06 -38.32
C SER F 56 -50.29 -1.62 -38.78
N TRP F 57 -50.19 -0.71 -37.83
CA TRP F 57 -49.86 0.67 -38.14
C TRP F 57 -48.35 0.83 -38.28
N CYS F 58 -47.95 1.79 -39.09
CA CYS F 58 -46.56 1.86 -39.53
C CYS F 58 -46.22 3.19 -40.19
N ARG F 59 -45.08 3.77 -39.82
CA ARG F 59 -44.57 4.96 -40.48
C ARG F 59 -43.95 4.53 -41.81
N ALA F 60 -44.60 4.86 -42.91
CA ALA F 60 -44.25 4.32 -44.22
C ALA F 60 -42.88 4.81 -44.66
N PHE F 61 -42.18 3.97 -45.42
CA PHE F 61 -40.85 4.29 -45.91
C PHE F 61 -40.92 5.19 -47.14
N THR F 62 -40.18 6.30 -47.10
CA THR F 62 -40.12 7.25 -48.21
C THR F 62 -38.65 7.57 -48.51
N THR F 63 -38.42 8.22 -49.65
CA THR F 63 -37.07 8.62 -50.04
C THR F 63 -36.99 10.10 -50.40
N GLY F 64 -37.61 10.48 -51.51
CA GLY F 64 -37.46 11.82 -52.04
C GLY F 64 -38.00 12.92 -51.13
N THR F 65 -37.85 14.16 -51.56
CA THR F 65 -38.35 15.28 -50.76
C THR F 65 -39.87 15.27 -50.78
N PRO F 66 -40.52 15.17 -49.62
CA PRO F 66 -41.98 15.09 -49.59
C PRO F 66 -42.61 16.46 -49.78
N PRO F 67 -43.91 16.53 -50.02
CA PRO F 67 -44.58 17.84 -50.06
C PRO F 67 -44.47 18.54 -48.73
N ALA F 68 -44.60 19.86 -48.77
CA ALA F 68 -44.58 20.64 -47.54
C ALA F 68 -45.76 20.21 -46.66
N PRO F 69 -45.59 20.25 -45.34
CA PRO F 69 -46.71 19.89 -44.45
C PRO F 69 -47.94 20.73 -44.73
N ARG F 70 -49.10 20.07 -44.76
CA ARG F 70 -50.31 20.72 -45.24
C ARG F 70 -51.53 19.96 -44.75
N TYR F 71 -52.69 20.63 -44.85
CA TYR F 71 -53.98 19.99 -44.64
C TYR F 71 -54.97 20.56 -45.64
N HIS F 72 -56.17 20.00 -45.65
CA HIS F 72 -57.20 20.31 -46.63
C HIS F 72 -56.69 20.13 -48.06
N HIS F 73 -55.83 19.14 -48.25
CA HIS F 73 -55.29 18.78 -49.55
C HIS F 73 -56.01 17.54 -50.09
N SER F 74 -55.71 17.20 -51.34
CA SER F 74 -56.31 16.07 -52.02
C SER F 74 -55.27 14.98 -52.25
N ALA F 75 -55.75 13.73 -52.31
CA ALA F 75 -54.89 12.60 -52.63
C ALA F 75 -55.70 11.56 -53.39
N VAL F 76 -55.15 11.09 -54.51
CA VAL F 76 -55.81 10.14 -55.39
C VAL F 76 -54.81 9.06 -55.78
N VAL F 77 -55.28 8.05 -56.50
CA VAL F 77 -54.48 6.90 -56.91
C VAL F 77 -54.46 6.85 -58.43
N TYR F 78 -53.32 6.46 -58.99
CA TYR F 78 -53.21 6.20 -60.42
C TYR F 78 -52.07 5.21 -60.63
N GLY F 79 -52.43 3.94 -60.78
CA GLY F 79 -51.41 2.92 -61.01
C GLY F 79 -50.56 2.71 -59.77
N SER F 80 -49.25 2.75 -59.95
CA SER F 80 -48.31 2.48 -58.86
C SER F 80 -48.01 3.72 -58.03
N SER F 81 -48.80 4.78 -58.15
CA SER F 81 -48.47 6.06 -57.55
C SER F 81 -49.69 6.71 -56.91
N MET F 82 -49.41 7.55 -55.93
CA MET F 82 -50.38 8.44 -55.29
C MET F 82 -50.10 9.86 -55.75
N PHE F 83 -51.15 10.67 -55.83
CA PHE F 83 -51.03 12.04 -56.33
C PHE F 83 -51.65 13.00 -55.33
N VAL F 84 -50.83 13.91 -54.80
CA VAL F 84 -51.25 14.92 -53.84
C VAL F 84 -51.25 16.27 -54.54
N PHE F 85 -52.32 17.05 -54.37
CA PHE F 85 -52.46 18.34 -55.03
C PHE F 85 -53.03 19.37 -54.05
N GLY F 86 -52.44 20.56 -54.06
CA GLY F 86 -52.97 21.68 -53.31
C GLY F 86 -52.84 21.51 -51.81
N GLY F 87 -53.64 22.30 -51.09
CA GLY F 87 -53.67 22.29 -49.64
C GLY F 87 -53.31 23.65 -49.06
N TYR F 88 -53.11 23.65 -47.74
CA TYR F 88 -52.81 24.86 -46.98
C TYR F 88 -51.47 24.67 -46.29
N THR F 89 -50.55 25.60 -46.50
CA THR F 89 -49.15 25.45 -46.11
C THR F 89 -48.72 26.62 -45.24
N GLY F 90 -47.94 26.33 -44.21
CA GLY F 90 -47.35 27.38 -43.39
C GLY F 90 -46.99 26.85 -42.00
N ASP F 91 -47.07 27.75 -41.02
CA ASP F 91 -46.81 27.44 -39.63
C ASP F 91 -47.99 27.90 -38.79
N ILE F 92 -48.77 26.95 -38.27
CA ILE F 92 -49.94 27.30 -37.48
C ILE F 92 -49.52 27.95 -36.17
N TYR F 93 -48.50 27.39 -35.51
CA TYR F 93 -48.15 27.83 -34.17
C TYR F 93 -47.71 29.29 -34.16
N SER F 94 -46.97 29.73 -35.17
CA SER F 94 -46.54 31.11 -35.28
C SER F 94 -47.42 31.95 -36.19
N ASN F 95 -48.37 31.33 -36.89
CA ASN F 95 -49.30 32.03 -37.79
C ASN F 95 -48.54 32.87 -38.81
N SER F 96 -47.57 32.25 -39.44
CA SER F 96 -46.73 32.93 -40.41
C SER F 96 -46.54 32.05 -41.63
N ASN F 97 -46.23 32.70 -42.75
CA ASN F 97 -45.90 32.00 -44.00
C ASN F 97 -47.05 31.11 -44.46
N LEU F 98 -48.28 31.58 -44.25
CA LEU F 98 -49.47 30.81 -44.60
C LEU F 98 -49.91 31.11 -46.02
N LYS F 99 -50.12 30.07 -46.81
CA LYS F 99 -50.58 30.22 -48.18
C LYS F 99 -51.22 28.92 -48.65
N ASN F 100 -52.15 29.05 -49.59
CA ASN F 100 -52.67 27.89 -50.29
C ASN F 100 -51.68 27.45 -51.36
N LYS F 101 -51.86 26.22 -51.84
CA LYS F 101 -50.91 25.64 -52.78
C LYS F 101 -51.63 25.15 -54.03
N ASN F 102 -50.84 24.94 -55.09
CA ASN F 102 -51.33 24.30 -56.30
C ASN F 102 -50.29 23.33 -56.86
N ASP F 103 -49.34 22.90 -56.04
CA ASP F 103 -48.31 21.98 -56.48
C ASP F 103 -48.85 20.55 -56.55
N LEU F 104 -48.10 19.69 -57.22
CA LEU F 104 -48.55 18.34 -57.54
C LEU F 104 -47.41 17.37 -57.29
N PHE F 105 -47.62 16.42 -56.39
CA PHE F 105 -46.59 15.46 -55.99
C PHE F 105 -47.02 14.05 -56.32
N GLU F 106 -46.04 13.19 -56.61
CA GLU F 106 -46.25 11.80 -56.90
C GLU F 106 -45.52 10.95 -55.86
N TYR F 107 -46.17 9.88 -55.40
CA TYR F 107 -45.57 8.94 -54.46
C TYR F 107 -45.72 7.53 -55.04
N LYS F 108 -44.61 6.97 -55.54
CA LYS F 108 -44.61 5.61 -56.04
C LYS F 108 -44.64 4.62 -54.88
N PHE F 109 -45.72 3.84 -54.79
CA PHE F 109 -45.85 2.87 -53.69
C PHE F 109 -44.75 1.83 -53.75
N ALA F 110 -44.22 1.54 -54.95
CA ALA F 110 -43.21 0.50 -55.08
C ALA F 110 -41.89 0.92 -54.45
N THR F 111 -41.46 2.16 -54.69
CA THR F 111 -40.14 2.62 -54.26
C THR F 111 -40.17 3.62 -53.12
N GLY F 112 -41.33 4.17 -52.78
CA GLY F 112 -41.37 5.24 -51.80
C GLY F 112 -40.80 6.54 -52.32
N GLN F 113 -40.91 6.77 -53.63
CA GLN F 113 -40.25 7.89 -54.29
C GLN F 113 -41.21 9.09 -54.30
N TRP F 114 -40.85 10.14 -53.56
CA TRP F 114 -41.54 11.42 -53.67
C TRP F 114 -41.00 12.18 -54.87
N THR F 115 -41.89 12.62 -55.75
CA THR F 115 -41.50 13.37 -56.94
C THR F 115 -42.52 14.46 -57.21
N GLU F 116 -42.06 15.71 -57.18
CA GLU F 116 -42.91 16.84 -57.51
C GLU F 116 -43.04 16.97 -59.03
N TRP F 117 -44.29 17.08 -59.50
CA TRP F 117 -44.56 17.34 -60.91
C TRP F 117 -44.56 18.85 -61.11
N LYS F 118 -43.42 19.39 -61.51
CA LYS F 118 -43.28 20.82 -61.76
C LYS F 118 -43.89 21.12 -63.13
N ILE F 119 -45.14 21.54 -63.13
CA ILE F 119 -45.90 21.72 -64.36
C ILE F 119 -45.72 23.14 -64.86
N GLU F 120 -45.49 23.28 -66.16
CA GLU F 120 -45.38 24.59 -66.79
C GLU F 120 -46.74 24.99 -67.37
N GLY F 121 -46.78 26.16 -67.99
CA GLY F 121 -48.04 26.68 -68.49
C GLY F 121 -48.88 27.25 -67.36
N ARG F 122 -50.11 27.62 -67.72
CA ARG F 122 -51.02 28.17 -66.73
C ARG F 122 -51.48 27.09 -65.76
N LEU F 123 -51.63 27.47 -64.49
CA LEU F 123 -52.00 26.54 -63.44
C LEU F 123 -53.34 26.90 -62.84
N PRO F 124 -54.06 25.93 -62.27
CA PRO F 124 -55.27 26.27 -61.50
C PRO F 124 -54.90 27.12 -60.30
N VAL F 125 -55.86 27.94 -59.87
CA VAL F 125 -55.63 28.80 -58.72
C VAL F 125 -55.30 27.96 -57.50
N ALA F 126 -54.28 28.36 -56.76
CA ALA F 126 -53.92 27.67 -55.53
C ALA F 126 -55.10 27.66 -54.57
N ARG F 127 -55.42 26.49 -54.04
CA ARG F 127 -56.69 26.31 -53.34
C ARG F 127 -56.56 25.24 -52.27
N SER F 128 -57.57 25.19 -51.40
CA SER F 128 -57.70 24.17 -50.37
C SER F 128 -59.16 23.75 -50.28
N ALA F 129 -59.40 22.65 -49.57
CA ALA F 129 -60.75 22.10 -49.37
C ALA F 129 -61.43 21.76 -50.68
N HIS F 130 -60.67 21.63 -51.76
CA HIS F 130 -61.25 21.29 -53.05
C HIS F 130 -61.64 19.82 -53.11
N GLY F 131 -62.31 19.44 -54.20
CA GLY F 131 -62.63 18.06 -54.47
C GLY F 131 -61.72 17.55 -55.58
N ALA F 132 -61.44 16.24 -55.56
CA ALA F 132 -60.52 15.67 -56.53
C ALA F 132 -60.86 14.20 -56.75
N THR F 133 -60.62 13.75 -57.97
CA THR F 133 -60.84 12.36 -58.36
C THR F 133 -60.10 12.09 -59.66
N VAL F 134 -60.03 10.81 -60.03
CA VAL F 134 -59.36 10.37 -61.24
C VAL F 134 -60.39 9.76 -62.18
N TYR F 135 -60.27 10.08 -63.47
CA TYR F 135 -61.13 9.49 -64.48
C TYR F 135 -60.45 9.60 -65.83
N SER F 136 -60.51 8.51 -66.61
CA SER F 136 -59.95 8.45 -67.96
C SER F 136 -58.52 8.97 -67.99
N ASP F 137 -57.69 8.44 -67.08
CA ASP F 137 -56.26 8.72 -67.04
C ASP F 137 -55.96 10.19 -66.75
N LYS F 138 -56.86 10.90 -66.09
CA LYS F 138 -56.66 12.31 -65.79
C LYS F 138 -57.10 12.60 -64.37
N LEU F 139 -56.40 13.53 -63.74
CA LEU F 139 -56.76 14.00 -62.40
C LEU F 139 -57.71 15.19 -62.53
N TRP F 140 -58.89 15.07 -61.94
CA TRP F 140 -59.90 16.11 -61.95
C TRP F 140 -59.95 16.78 -60.59
N ILE F 141 -59.84 18.11 -60.56
CA ILE F 141 -59.97 18.89 -59.34
C ILE F 141 -61.09 19.90 -59.53
N PHE F 142 -61.86 20.13 -58.46
CA PHE F 142 -63.07 20.94 -58.57
C PHE F 142 -63.26 21.78 -57.31
N ALA F 143 -63.59 23.06 -57.51
CA ALA F 143 -64.00 23.97 -56.44
C ALA F 143 -62.90 24.19 -55.41
N GLY F 144 -63.27 24.55 -54.19
CA GLY F 144 -62.34 24.81 -53.11
C GLY F 144 -62.34 26.28 -52.70
N TYR F 145 -61.42 26.61 -51.80
CA TYR F 145 -61.22 27.98 -51.34
C TYR F 145 -59.79 28.40 -51.67
N ASP F 146 -59.64 29.59 -52.26
CA ASP F 146 -58.35 30.07 -52.74
C ASP F 146 -57.73 31.16 -51.89
N GLY F 147 -58.38 31.57 -50.79
CA GLY F 147 -57.93 32.67 -49.99
C GLY F 147 -58.66 33.98 -50.24
N ASN F 148 -59.44 34.05 -51.31
CA ASN F 148 -60.27 35.22 -51.61
C ASN F 148 -61.75 34.89 -51.62
N ALA F 149 -62.13 33.77 -52.23
CA ALA F 149 -63.53 33.35 -52.27
C ALA F 149 -63.58 31.86 -52.59
N ARG F 150 -64.75 31.27 -52.34
CA ARG F 150 -64.98 29.89 -52.74
C ARG F 150 -65.04 29.76 -54.25
N LEU F 151 -64.65 28.60 -54.76
CA LEU F 151 -64.52 28.38 -56.19
C LEU F 151 -65.53 27.37 -56.69
N ASN F 152 -65.71 27.35 -58.02
CA ASN F 152 -66.51 26.31 -58.65
C ASN F 152 -65.95 25.93 -60.02
N ASP F 153 -64.71 26.27 -60.34
CA ASP F 153 -64.10 25.87 -61.59
C ASP F 153 -63.64 24.41 -61.51
N MET F 154 -63.16 23.90 -62.64
CA MET F 154 -62.73 22.51 -62.72
C MET F 154 -61.56 22.43 -63.69
N TRP F 155 -60.54 21.67 -63.30
CA TRP F 155 -59.34 21.50 -64.10
C TRP F 155 -58.99 20.03 -64.22
N THR F 156 -58.26 19.69 -65.27
CA THR F 156 -57.75 18.34 -65.48
C THR F 156 -56.26 18.39 -65.75
N ILE F 157 -55.61 17.25 -65.54
CA ILE F 157 -54.18 17.10 -65.79
C ILE F 157 -53.91 15.63 -66.11
N GLY F 158 -53.27 15.37 -67.24
CA GLY F 158 -52.93 14.00 -67.60
C GLY F 158 -51.89 13.43 -66.66
N LEU F 159 -52.10 12.17 -66.26
CA LEU F 159 -51.23 11.50 -65.29
C LEU F 159 -50.37 10.41 -65.94
N GLN F 160 -50.07 10.57 -67.23
CA GLN F 160 -49.31 9.59 -67.99
C GLN F 160 -47.85 9.97 -68.17
N ASP F 161 -47.58 11.21 -68.59
CA ASP F 161 -46.24 11.69 -68.88
C ASP F 161 -45.99 12.98 -68.12
N ARG F 162 -45.00 12.96 -67.21
CA ARG F 162 -44.73 14.14 -66.38
C ARG F 162 -44.32 15.34 -67.22
N GLU F 163 -43.57 15.11 -68.30
CA GLU F 163 -43.03 16.21 -69.09
C GLU F 163 -44.04 16.77 -70.08
N LEU F 164 -44.87 15.92 -70.69
CA LEU F 164 -45.74 16.38 -71.76
C LEU F 164 -47.07 16.91 -71.28
N THR F 165 -47.51 16.55 -70.08
CA THR F 165 -48.84 16.92 -69.64
C THR F 165 -48.84 18.36 -69.13
N CYS F 166 -50.03 18.97 -69.14
CA CYS F 166 -50.20 20.33 -68.66
C CYS F 166 -51.66 20.52 -68.26
N TRP F 167 -51.91 21.54 -67.45
CA TRP F 167 -53.24 21.78 -66.91
C TRP F 167 -54.16 22.37 -67.97
N GLU F 168 -55.40 21.89 -68.01
CA GLU F 168 -56.47 22.48 -68.79
C GLU F 168 -57.63 22.79 -67.86
N GLU F 169 -58.32 23.90 -68.14
CA GLU F 169 -59.51 24.26 -67.38
C GLU F 169 -60.75 23.72 -68.08
N VAL F 170 -61.61 23.05 -67.33
CA VAL F 170 -62.80 22.42 -67.90
C VAL F 170 -63.88 23.48 -68.09
N ALA F 171 -64.46 23.50 -69.29
CA ALA F 171 -65.59 24.36 -69.59
C ALA F 171 -66.86 23.66 -69.14
N GLN F 172 -67.24 23.87 -67.89
CA GLN F 172 -68.41 23.21 -67.33
C GLN F 172 -69.68 23.84 -67.84
N SER F 173 -70.69 23.00 -68.07
CA SER F 173 -72.02 23.45 -68.44
C SER F 173 -73.05 22.75 -67.56
N GLY F 174 -74.27 23.26 -67.58
CA GLY F 174 -75.33 22.71 -66.75
C GLY F 174 -75.47 23.47 -65.45
N GLU F 175 -76.26 22.90 -64.55
CA GLU F 175 -76.52 23.50 -63.25
C GLU F 175 -75.32 23.20 -62.35
N ILE F 176 -74.30 24.06 -62.47
CA ILE F 176 -73.08 23.89 -61.69
C ILE F 176 -73.39 24.04 -60.21
N PRO F 177 -72.83 23.23 -59.32
CA PRO F 177 -73.03 23.46 -57.90
C PRO F 177 -72.51 24.83 -57.51
N PRO F 178 -73.14 25.47 -56.52
CA PRO F 178 -72.61 26.75 -56.04
C PRO F 178 -71.22 26.57 -55.47
N SER F 179 -70.51 27.69 -55.32
CA SER F 179 -69.13 27.68 -54.84
C SER F 179 -69.03 26.90 -53.54
N CYS F 180 -68.28 25.80 -53.55
CA CYS F 180 -68.27 24.85 -52.46
C CYS F 180 -66.84 24.62 -51.97
N CYS F 181 -66.75 24.11 -50.75
CA CYS F 181 -65.50 23.64 -50.18
C CYS F 181 -65.83 22.71 -49.02
N ASN F 182 -64.84 21.90 -48.64
CA ASN F 182 -64.99 20.93 -47.55
C ASN F 182 -66.13 19.96 -47.85
N PHE F 183 -66.13 19.42 -49.05
CA PHE F 183 -67.12 18.45 -49.50
C PHE F 183 -66.42 17.19 -49.99
N PRO F 184 -67.13 16.06 -50.02
CA PRO F 184 -66.54 14.83 -50.57
C PRO F 184 -66.93 14.59 -52.02
N VAL F 185 -66.06 13.88 -52.74
CA VAL F 185 -66.28 13.53 -54.14
C VAL F 185 -66.25 12.02 -54.26
N ALA F 186 -67.12 11.49 -55.12
CA ALA F 186 -67.16 10.06 -55.39
C ALA F 186 -67.57 9.85 -56.84
N VAL F 187 -66.95 8.87 -57.50
CA VAL F 187 -67.25 8.53 -58.89
C VAL F 187 -68.00 7.22 -58.91
N CYS F 188 -69.08 7.17 -59.70
CA CYS F 188 -69.88 5.97 -59.89
C CYS F 188 -70.43 6.00 -61.32
N ARG F 189 -70.55 4.82 -61.90
CA ARG F 189 -70.92 4.65 -63.30
C ARG F 189 -69.87 5.41 -64.11
N ASP F 190 -70.23 6.44 -64.86
CA ASP F 190 -69.29 7.33 -65.53
C ASP F 190 -69.53 8.78 -65.12
N LYS F 191 -69.98 8.97 -63.89
CA LYS F 191 -70.37 10.28 -63.38
C LYS F 191 -69.67 10.54 -62.06
N MET F 192 -69.45 11.83 -61.77
CA MET F 192 -68.85 12.28 -60.53
C MET F 192 -69.92 12.93 -59.66
N PHE F 193 -69.94 12.59 -58.38
CA PHE F 193 -70.98 13.05 -57.46
C PHE F 193 -70.41 13.96 -56.38
N VAL F 194 -71.22 14.94 -55.98
CA VAL F 194 -70.89 15.88 -54.92
C VAL F 194 -72.14 16.07 -54.08
N PHE F 195 -72.02 15.89 -52.77
CA PHE F 195 -73.14 16.04 -51.85
C PHE F 195 -72.85 17.15 -50.85
N SER F 196 -73.75 18.13 -50.80
CA SER F 196 -73.69 19.21 -49.82
C SER F 196 -72.33 19.88 -49.82
N GLY F 197 -71.82 20.20 -48.65
CA GLY F 197 -70.56 20.90 -48.52
C GLY F 197 -70.74 22.35 -48.15
N GLN F 198 -69.68 22.93 -47.59
CA GLN F 198 -69.72 24.33 -47.16
C GLN F 198 -69.80 25.25 -48.38
N SER F 199 -71.02 25.63 -48.75
CA SER F 199 -71.23 26.65 -49.79
C SER F 199 -71.80 27.93 -49.18
N GLY F 200 -71.47 28.21 -47.93
CA GLY F 200 -71.84 29.44 -47.26
C GLY F 200 -73.31 29.75 -47.25
N ALA F 201 -73.70 30.84 -47.92
CA ALA F 201 -75.09 31.27 -47.91
C ALA F 201 -76.00 30.27 -48.61
N LYS F 202 -75.47 29.50 -49.56
CA LYS F 202 -76.27 28.60 -50.37
C LYS F 202 -76.15 27.14 -49.95
N ILE F 203 -75.80 26.89 -48.68
CA ILE F 203 -75.59 25.52 -48.23
C ILE F 203 -76.93 24.80 -48.10
N THR F 204 -77.03 23.65 -48.77
CA THR F 204 -78.18 22.76 -48.63
C THR F 204 -77.69 21.33 -48.76
N ASN F 205 -78.63 20.39 -48.73
CA ASN F 205 -78.32 18.97 -48.91
C ASN F 205 -78.66 18.52 -50.33
N ASN F 206 -78.21 19.27 -51.31
CA ASN F 206 -78.43 18.93 -52.71
C ASN F 206 -77.32 18.01 -53.19
N LEU F 207 -77.70 17.03 -54.01
CA LEU F 207 -76.77 16.09 -54.62
C LEU F 207 -76.60 16.46 -56.09
N PHE F 208 -75.36 16.73 -56.49
CA PHE F 208 -75.03 17.06 -57.87
C PHE F 208 -74.22 15.93 -58.49
N GLN F 209 -74.50 15.63 -59.75
CA GLN F 209 -73.71 14.67 -60.51
C GLN F 209 -73.14 15.34 -61.75
N PHE F 210 -71.93 14.94 -62.12
CA PHE F 210 -71.20 15.52 -63.24
C PHE F 210 -70.90 14.43 -64.25
N GLU F 211 -71.54 14.50 -65.41
CA GLU F 211 -71.29 13.55 -66.49
C GLU F 211 -69.95 13.88 -67.14
N PHE F 212 -69.01 12.94 -67.09
CA PHE F 212 -67.67 13.20 -67.58
C PHE F 212 -67.63 13.40 -69.09
N LYS F 213 -68.52 12.74 -69.83
CA LYS F 213 -68.38 12.69 -71.27
C LYS F 213 -68.78 14.01 -71.96
N ASP F 214 -69.77 14.73 -71.40
CA ASP F 214 -70.24 15.96 -72.02
C ASP F 214 -70.15 17.17 -71.09
N LYS F 215 -69.39 17.06 -69.99
CA LYS F 215 -69.11 18.17 -69.08
C LYS F 215 -70.39 18.90 -68.67
N THR F 216 -71.34 18.14 -68.11
CA THR F 216 -72.66 18.67 -67.79
C THR F 216 -73.01 18.33 -66.34
N TRP F 217 -73.30 19.36 -65.55
CA TRP F 217 -73.77 19.19 -64.19
C TRP F 217 -75.29 19.11 -64.18
N THR F 218 -75.82 18.34 -63.22
CA THR F 218 -77.27 18.15 -63.07
C THR F 218 -77.58 17.92 -61.60
N ARG F 219 -78.55 18.68 -61.08
CA ARG F 219 -79.01 18.48 -59.71
C ARG F 219 -80.02 17.33 -59.67
N ILE F 220 -79.73 16.32 -58.84
CA ILE F 220 -80.62 15.17 -58.69
C ILE F 220 -81.87 15.59 -57.92
N PRO F 221 -83.05 15.45 -58.51
CA PRO F 221 -84.29 15.87 -57.82
C PRO F 221 -84.71 14.88 -56.76
N THR F 222 -84.77 15.33 -55.51
CA THR F 222 -85.22 14.51 -54.39
C THR F 222 -86.70 14.73 -54.08
N GLU F 223 -87.43 15.43 -54.95
CA GLU F 223 -88.85 15.70 -54.74
C GLU F 223 -89.70 14.43 -54.68
N HIS F 224 -89.12 13.27 -55.00
CA HIS F 224 -89.84 12.01 -54.83
C HIS F 224 -90.23 11.78 -53.37
N LEU F 225 -89.43 12.28 -52.44
CA LEU F 225 -89.74 12.18 -51.02
C LEU F 225 -90.97 13.02 -50.68
N PRO F 230 -87.77 8.46 -48.94
CA PRO F 230 -86.94 8.79 -47.77
C PRO F 230 -86.29 10.16 -47.91
N PRO F 231 -86.10 10.85 -46.80
CA PRO F 231 -85.49 12.19 -46.85
C PRO F 231 -83.99 12.10 -47.04
N PRO F 232 -83.39 13.06 -47.74
CA PRO F 232 -81.93 13.08 -47.88
C PRO F 232 -81.26 13.39 -46.55
N PRO F 233 -79.99 13.03 -46.39
CA PRO F 233 -79.29 13.37 -45.16
C PRO F 233 -79.20 14.89 -45.00
N GLN F 234 -79.25 15.34 -43.75
CA GLN F 234 -79.18 16.77 -43.46
C GLN F 234 -77.87 17.36 -43.95
N ARG F 235 -77.95 18.62 -44.38
CA ARG F 235 -76.79 19.30 -44.95
C ARG F 235 -75.64 19.34 -43.94
N ARG F 236 -74.41 19.23 -44.46
CA ARG F 236 -73.24 19.09 -43.62
C ARG F 236 -72.01 19.50 -44.41
N TYR F 237 -70.88 19.58 -43.71
CA TYR F 237 -69.58 19.82 -44.33
C TYR F 237 -68.54 19.02 -43.58
N GLY F 238 -67.42 18.78 -44.24
CA GLY F 238 -66.38 17.96 -43.66
C GLY F 238 -66.74 16.50 -43.53
N HIS F 239 -67.58 16.00 -44.43
CA HIS F 239 -68.01 14.61 -44.42
C HIS F 239 -67.35 13.85 -45.57
N THR F 240 -67.49 12.53 -45.53
CA THR F 240 -66.86 11.64 -46.49
C THR F 240 -67.92 10.84 -47.24
N MET F 241 -67.70 10.69 -48.55
CA MET F 241 -68.60 9.95 -49.42
C MET F 241 -67.80 8.99 -50.27
N VAL F 242 -68.16 7.70 -50.22
CA VAL F 242 -67.54 6.68 -51.05
C VAL F 242 -68.63 5.94 -51.81
N ALA F 243 -68.23 5.33 -52.92
CA ALA F 243 -69.13 4.57 -53.78
C ALA F 243 -68.82 3.09 -53.69
N PHE F 244 -69.87 2.26 -53.72
CA PHE F 244 -69.70 0.81 -53.72
C PHE F 244 -70.96 0.17 -54.27
N ASP F 245 -70.83 -0.60 -55.33
CA ASP F 245 -71.94 -1.35 -55.94
C ASP F 245 -73.12 -0.44 -56.27
N ARG F 246 -72.82 0.60 -57.06
CA ARG F 246 -73.84 1.55 -57.52
C ARG F 246 -74.60 2.15 -56.33
N HIS F 247 -73.87 2.53 -55.29
CA HIS F 247 -74.44 3.10 -54.09
C HIS F 247 -73.45 4.07 -53.47
N LEU F 248 -73.92 5.25 -53.08
CA LEU F 248 -73.09 6.26 -52.45
C LEU F 248 -73.28 6.21 -50.94
N TYR F 249 -72.17 6.07 -50.21
CA TYR F 249 -72.20 5.96 -48.75
C TYR F 249 -71.60 7.25 -48.16
N VAL F 250 -72.44 8.02 -47.48
CA VAL F 250 -72.04 9.30 -46.89
C VAL F 250 -72.01 9.14 -45.38
N PHE F 251 -70.90 9.56 -44.76
CA PHE F 251 -70.74 9.44 -43.32
C PHE F 251 -70.11 10.70 -42.74
N GLY F 252 -70.52 11.03 -41.51
CA GLY F 252 -69.80 12.02 -40.73
C GLY F 252 -70.11 13.46 -41.13
N GLY F 253 -69.13 14.33 -40.88
CA GLY F 253 -69.30 15.75 -41.09
C GLY F 253 -69.98 16.44 -39.91
N ALA F 254 -70.02 17.76 -39.99
CA ALA F 254 -70.70 18.60 -39.00
C ALA F 254 -71.94 19.20 -39.64
N ALA F 255 -73.10 18.94 -39.04
CA ALA F 255 -74.39 19.35 -39.59
C ALA F 255 -75.10 20.26 -38.59
N ASP F 256 -75.06 21.56 -38.83
CA ASP F 256 -75.71 22.57 -38.00
C ASP F 256 -75.40 22.35 -36.51
N ASN F 257 -74.12 22.50 -36.19
CA ASN F 257 -73.60 22.43 -34.82
C ASN F 257 -73.79 21.06 -34.19
N THR F 258 -73.98 20.01 -35.00
CA THR F 258 -74.01 18.64 -34.51
C THR F 258 -73.14 17.78 -35.41
N LEU F 259 -72.80 16.59 -34.92
CA LEU F 259 -71.95 15.64 -35.64
C LEU F 259 -72.67 14.30 -35.72
N PRO F 260 -73.66 14.19 -36.61
CA PRO F 260 -74.41 12.94 -36.71
C PRO F 260 -73.55 11.80 -37.23
N ASN F 261 -73.89 10.58 -36.81
CA ASN F 261 -73.15 9.40 -37.23
C ASN F 261 -74.04 8.37 -37.92
N GLU F 262 -75.14 8.82 -38.52
CA GLU F 262 -75.91 7.94 -39.37
C GLU F 262 -75.16 7.71 -40.69
N LEU F 263 -75.15 6.47 -41.14
CA LEU F 263 -74.54 6.12 -42.43
C LEU F 263 -75.64 6.14 -43.49
N HIS F 264 -75.55 7.09 -44.41
CA HIS F 264 -76.58 7.25 -45.44
C HIS F 264 -76.13 6.61 -46.74
N CYS F 265 -77.07 5.97 -47.43
CA CYS F 265 -76.79 5.26 -48.68
C CYS F 265 -77.70 5.80 -49.77
N TYR F 266 -77.09 6.28 -50.86
CA TYR F 266 -77.82 6.77 -52.03
C TYR F 266 -77.80 5.70 -53.12
N ASP F 267 -78.95 5.11 -53.40
CA ASP F 267 -79.09 4.23 -54.56
C ASP F 267 -79.07 5.08 -55.82
N VAL F 268 -77.96 5.04 -56.56
CA VAL F 268 -77.79 5.98 -57.66
C VAL F 268 -78.78 5.68 -58.78
N ASP F 269 -79.10 4.41 -59.02
CA ASP F 269 -80.03 4.07 -60.09
C ASP F 269 -81.46 4.37 -59.69
N PHE F 270 -81.89 3.89 -58.52
CA PHE F 270 -83.22 4.21 -58.02
C PHE F 270 -83.37 5.67 -57.62
N GLN F 271 -82.25 6.37 -57.42
CA GLN F 271 -82.25 7.79 -57.02
C GLN F 271 -82.99 7.98 -55.70
N THR F 272 -82.73 7.10 -54.74
CA THR F 272 -83.35 7.15 -53.43
C THR F 272 -82.27 7.10 -52.35
N TRP F 273 -82.64 7.58 -51.16
CA TRP F 273 -81.76 7.57 -50.00
C TRP F 273 -82.23 6.53 -48.99
N GLU F 274 -81.36 6.26 -48.02
CA GLU F 274 -81.60 5.25 -47.01
C GLU F 274 -80.58 5.42 -45.89
N VAL F 275 -81.00 5.10 -44.68
CA VAL F 275 -80.10 5.07 -43.52
C VAL F 275 -79.76 3.62 -43.26
N VAL F 276 -78.47 3.28 -43.38
CA VAL F 276 -78.03 1.90 -43.30
C VAL F 276 -78.18 1.39 -41.87
N GLN F 277 -78.61 0.14 -41.72
CA GLN F 277 -78.86 -0.46 -40.41
C GLN F 277 -77.61 -1.22 -39.96
N PRO F 278 -76.87 -0.75 -38.97
CA PRO F 278 -75.72 -1.51 -38.47
C PRO F 278 -76.15 -2.75 -37.71
N SER F 279 -75.22 -3.69 -37.58
CA SER F 279 -75.51 -4.95 -36.92
C SER F 279 -75.65 -4.77 -35.42
N SER F 280 -76.24 -5.78 -34.77
CA SER F 280 -76.47 -5.72 -33.34
C SER F 280 -75.17 -5.63 -32.55
N ASP F 281 -74.09 -6.18 -33.09
CA ASP F 281 -72.80 -6.22 -32.39
C ASP F 281 -71.81 -5.21 -32.93
N SER F 282 -72.30 -4.16 -33.59
CA SER F 282 -71.44 -3.15 -34.18
C SER F 282 -70.86 -2.23 -33.11
N GLU F 283 -69.58 -1.88 -33.27
CA GLU F 283 -68.96 -0.83 -32.46
C GLU F 283 -69.14 0.47 -33.21
N LEU F 284 -70.16 1.24 -32.84
CA LEU F 284 -70.55 2.42 -33.62
C LEU F 284 -69.49 3.51 -33.49
N PRO F 285 -69.02 4.09 -34.59
CA PRO F 285 -68.11 5.22 -34.48
C PRO F 285 -68.83 6.49 -34.05
N SER F 286 -68.18 7.25 -33.18
CA SER F 286 -68.72 8.51 -32.73
C SER F 286 -68.71 9.54 -33.86
N GLY F 287 -69.62 10.52 -33.76
CA GLY F 287 -69.69 11.57 -34.76
C GLY F 287 -68.36 12.30 -34.90
N ARG F 288 -68.02 12.64 -36.14
CA ARG F 288 -66.74 13.27 -36.42
C ARG F 288 -66.83 14.01 -37.75
N LEU F 289 -65.85 14.89 -37.97
CA LEU F 289 -65.73 15.61 -39.23
C LEU F 289 -64.25 15.73 -39.58
N PHE F 290 -64.00 16.06 -40.85
CA PHE F 290 -62.65 16.19 -41.39
C PHE F 290 -61.86 14.89 -41.25
N HIS F 291 -62.58 13.78 -41.19
CA HIS F 291 -62.00 12.45 -41.35
C HIS F 291 -61.82 12.17 -42.84
N ALA F 292 -61.33 10.97 -43.15
CA ALA F 292 -61.20 10.57 -44.55
C ALA F 292 -61.53 9.09 -44.67
N ALA F 293 -61.94 8.69 -45.87
CA ALA F 293 -62.47 7.36 -46.11
C ALA F 293 -61.81 6.71 -47.32
N ALA F 294 -61.88 5.39 -47.34
CA ALA F 294 -61.38 4.59 -48.45
C ALA F 294 -62.10 3.25 -48.43
N VAL F 295 -61.99 2.51 -49.53
CA VAL F 295 -62.68 1.24 -49.69
C VAL F 295 -61.65 0.19 -50.11
N ILE F 296 -61.64 -0.94 -49.42
CA ILE F 296 -60.86 -2.11 -49.80
C ILE F 296 -61.80 -3.31 -49.83
N SER F 297 -61.73 -4.09 -50.91
CA SER F 297 -62.65 -5.20 -51.13
C SER F 297 -64.08 -4.70 -51.05
N ASP F 298 -64.83 -5.18 -50.06
CA ASP F 298 -66.21 -4.76 -49.87
C ASP F 298 -66.40 -4.16 -48.48
N ALA F 299 -65.49 -3.28 -48.09
CA ALA F 299 -65.56 -2.64 -46.78
C ALA F 299 -65.09 -1.20 -46.89
N MET F 300 -65.67 -0.35 -46.05
CA MET F 300 -65.30 1.06 -45.96
C MET F 300 -64.45 1.26 -44.72
N TYR F 301 -63.43 2.12 -44.83
CA TYR F 301 -62.50 2.37 -43.74
C TYR F 301 -62.53 3.85 -43.40
N ILE F 302 -62.72 4.15 -42.12
CA ILE F 302 -62.80 5.51 -41.61
C ILE F 302 -61.63 5.75 -40.68
N PHE F 303 -60.83 6.77 -40.97
CA PHE F 303 -59.69 7.12 -40.13
C PHE F 303 -59.70 8.60 -39.77
N GLY F 304 -59.38 8.89 -38.51
CA GLY F 304 -59.13 10.23 -38.07
C GLY F 304 -60.37 11.10 -37.90
N GLY F 305 -60.11 12.39 -37.80
CA GLY F 305 -61.15 13.39 -37.67
C GLY F 305 -61.14 14.05 -36.30
N THR F 306 -61.90 15.15 -36.22
CA THR F 306 -62.17 15.80 -34.95
C THR F 306 -63.48 15.27 -34.38
N VAL F 307 -63.46 14.86 -33.13
CA VAL F 307 -64.58 14.13 -32.52
C VAL F 307 -65.11 14.86 -31.30
N ASP F 308 -65.96 15.86 -31.54
CA ASP F 308 -66.54 16.70 -30.48
C ASP F 308 -65.44 17.50 -29.80
N ASN F 309 -65.83 18.46 -28.95
CA ASN F 309 -64.91 19.46 -28.44
C ASN F 309 -63.93 19.86 -29.54
N ASN F 310 -62.64 19.61 -29.31
CA ASN F 310 -61.67 19.67 -30.40
C ASN F 310 -60.74 18.47 -30.37
N ILE F 311 -61.16 17.38 -29.71
CA ILE F 311 -60.35 16.17 -29.59
C ILE F 311 -60.10 15.57 -30.96
N ARG F 312 -58.86 15.65 -31.43
CA ARG F 312 -58.48 15.01 -32.67
C ARG F 312 -58.42 13.51 -32.44
N SER F 313 -58.57 12.75 -33.53
CA SER F 313 -58.72 11.30 -33.39
C SER F 313 -57.71 10.57 -34.25
N GLY F 314 -57.23 9.45 -33.73
CA GLY F 314 -56.41 8.52 -34.48
C GLY F 314 -57.12 7.19 -34.67
N GLU F 315 -58.42 7.18 -34.39
CA GLU F 315 -59.21 5.95 -34.46
C GLU F 315 -59.37 5.48 -35.90
N MET F 316 -59.48 4.16 -36.06
CA MET F 316 -59.73 3.55 -37.36
C MET F 316 -60.96 2.64 -37.23
N TYR F 317 -61.94 2.86 -38.10
CA TYR F 317 -63.19 2.12 -38.07
C TYR F 317 -63.42 1.46 -39.43
N ARG F 318 -64.03 0.28 -39.41
CA ARG F 318 -64.30 -0.49 -40.63
C ARG F 318 -65.78 -0.84 -40.69
N PHE F 319 -66.45 -0.40 -41.75
CA PHE F 319 -67.82 -0.80 -42.04
C PHE F 319 -67.80 -1.87 -43.12
N GLN F 320 -68.40 -3.02 -42.81
CA GLN F 320 -68.47 -4.14 -43.75
C GLN F 320 -69.72 -3.99 -44.62
N PHE F 321 -69.52 -3.67 -45.89
CA PHE F 321 -70.63 -3.74 -46.84
C PHE F 321 -71.10 -5.19 -46.98
N SER F 322 -72.20 -5.36 -47.69
CA SER F 322 -72.73 -6.70 -47.96
C SER F 322 -71.67 -7.58 -48.63
N GLY G 1 4.06 -3.33 41.97
CA GLY G 1 5.45 -3.73 41.78
C GLY G 1 5.68 -4.49 40.49
N MET G 2 6.88 -4.35 39.94
CA MET G 2 7.25 -5.01 38.68
C MET G 2 8.63 -5.61 38.82
N THR G 3 8.70 -6.92 38.98
CA THR G 3 9.95 -7.65 39.11
C THR G 3 9.99 -8.77 38.09
N GLU G 4 11.19 -9.08 37.60
CA GLU G 4 11.41 -10.11 36.59
C GLU G 4 11.84 -11.41 37.24
N TYR G 5 11.43 -12.53 36.64
CA TYR G 5 11.67 -13.86 37.21
C TYR G 5 12.12 -14.79 36.10
N LYS G 6 13.30 -15.38 36.28
CA LYS G 6 13.86 -16.32 35.32
C LYS G 6 13.52 -17.74 35.79
N LEU G 7 12.67 -18.42 35.04
CA LEU G 7 12.28 -19.79 35.36
C LEU G 7 12.82 -20.76 34.33
N VAL G 8 13.15 -21.96 34.79
CA VAL G 8 13.67 -23.03 33.94
C VAL G 8 12.88 -24.30 34.23
N VAL G 9 12.27 -24.86 33.19
CA VAL G 9 11.50 -26.10 33.30
C VAL G 9 12.42 -27.25 32.91
N VAL G 10 12.77 -28.09 33.87
CA VAL G 10 13.65 -29.22 33.63
C VAL G 10 12.85 -30.51 33.83
N GLY G 11 13.43 -31.60 33.34
CA GLY G 11 12.80 -32.90 33.47
C GLY G 11 13.12 -33.78 32.28
N ALA G 12 12.83 -35.07 32.46
CA ALA G 12 13.10 -36.05 31.41
C ALA G 12 12.27 -35.75 30.17
N GLY G 13 12.70 -36.32 29.05
CA GLY G 13 11.99 -36.10 27.80
C GLY G 13 10.59 -36.68 27.84
N GLY G 14 9.64 -35.91 27.31
CA GLY G 14 8.27 -36.39 27.20
C GLY G 14 7.49 -36.40 28.49
N VAL G 15 7.90 -35.64 29.50
CA VAL G 15 7.13 -35.61 30.73
C VAL G 15 6.00 -34.58 30.63
N GLY G 16 6.16 -33.56 29.79
CA GLY G 16 5.12 -32.55 29.64
C GLY G 16 5.64 -31.13 29.56
N LYS G 17 6.95 -30.95 29.76
CA LYS G 17 7.56 -29.62 29.84
C LYS G 17 7.04 -28.65 28.78
N SER G 18 7.13 -29.05 27.51
CA SER G 18 6.68 -28.17 26.43
C SER G 18 5.18 -27.90 26.53
N ALA G 19 4.37 -28.96 26.46
CA ALA G 19 2.92 -28.79 26.47
C ALA G 19 2.44 -28.07 27.72
N LEU G 20 3.20 -28.17 28.81
CA LEU G 20 2.80 -27.51 30.05
C LEU G 20 3.12 -26.02 30.01
N THR G 21 4.30 -25.67 29.48
CA THR G 21 4.63 -24.25 29.32
C THR G 21 3.77 -23.59 28.27
N ILE G 22 3.51 -24.28 27.15
CA ILE G 22 2.63 -23.73 26.12
C ILE G 22 1.25 -23.46 26.69
N GLN G 23 0.77 -24.34 27.58
CA GLN G 23 -0.55 -24.17 28.17
C GLN G 23 -0.62 -22.89 29.00
N LEU G 24 0.44 -22.60 29.77
CA LEU G 24 0.47 -21.39 30.57
C LEU G 24 0.41 -20.15 29.70
N ILE G 25 0.87 -20.25 28.45
CA ILE G 25 1.07 -19.08 27.61
C ILE G 25 -0.13 -18.81 26.71
N GLN G 26 -0.65 -19.85 26.05
CA GLN G 26 -1.72 -19.65 25.07
C GLN G 26 -3.05 -20.28 25.47
N ASN G 27 -3.15 -20.88 26.65
CA ASN G 27 -4.41 -21.48 27.10
C ASN G 27 -4.91 -22.55 26.14
N HIS G 28 -3.98 -23.35 25.62
CA HIS G 28 -4.34 -24.42 24.69
C HIS G 28 -3.34 -25.56 24.82
N PHE G 29 -3.86 -26.78 24.78
CA PHE G 29 -3.01 -27.97 24.85
C PHE G 29 -2.46 -28.30 23.47
N VAL G 30 -1.20 -28.71 23.42
CA VAL G 30 -0.54 -29.09 22.18
C VAL G 30 0.01 -30.49 22.36
N ASP G 31 -0.52 -31.44 21.59
CA ASP G 31 -0.14 -32.84 21.74
C ASP G 31 1.33 -33.04 21.39
N GLU G 32 1.65 -32.94 20.11
CA GLU G 32 2.98 -33.28 19.60
C GLU G 32 3.74 -32.00 19.26
N TYR G 33 4.76 -31.71 20.06
CA TYR G 33 5.66 -30.58 19.85
C TYR G 33 7.09 -31.12 19.87
N ASP G 34 7.87 -30.81 18.83
CA ASP G 34 9.22 -31.29 18.60
C ASP G 34 9.97 -31.49 19.92
N PRO G 35 10.35 -32.71 20.25
CA PRO G 35 10.92 -32.99 21.59
C PRO G 35 12.29 -32.36 21.83
N ALA G 36 12.94 -31.83 20.79
CA ALA G 36 14.29 -31.28 20.96
C ALA G 36 14.32 -29.77 20.69
N ILE G 37 13.18 -29.11 20.77
CA ILE G 37 13.14 -27.66 20.58
C ILE G 37 13.20 -27.01 21.95
N GLU G 38 14.21 -26.17 22.16
CA GLU G 38 14.44 -25.49 23.43
C GLU G 38 14.48 -23.99 23.16
N ASP G 39 13.46 -23.28 23.63
CA ASP G 39 13.41 -21.84 23.46
C ASP G 39 12.69 -21.24 24.66
N SER G 40 12.80 -19.93 24.79
CA SER G 40 12.20 -19.25 25.93
C SER G 40 10.81 -18.75 25.59
N TYR G 41 10.00 -18.56 26.63
CA TYR G 41 8.68 -17.97 26.53
C TYR G 41 8.58 -16.86 27.57
N ARG G 42 7.76 -15.86 27.27
CA ARG G 42 7.64 -14.69 28.14
C ARG G 42 6.17 -14.38 28.36
N LYS G 43 5.85 -13.96 29.58
CA LYS G 43 4.48 -13.65 29.96
C LYS G 43 4.49 -12.66 31.12
N GLN G 44 3.63 -11.65 31.01
CA GLN G 44 3.42 -10.68 32.07
C GLN G 44 2.10 -11.01 32.76
N VAL G 45 2.16 -11.36 34.04
CA VAL G 45 0.99 -11.78 34.79
C VAL G 45 1.13 -11.28 36.22
N VAL G 46 -0.01 -11.03 36.85
CA VAL G 46 -0.05 -10.54 38.23
C VAL G 46 -0.04 -11.73 39.17
N ILE G 47 0.89 -11.72 40.12
CA ILE G 47 1.03 -12.78 41.12
C ILE G 47 1.17 -12.12 42.48
N ASP G 48 0.29 -12.47 43.40
CA ASP G 48 0.33 -11.95 44.78
C ASP G 48 0.32 -10.43 44.80
N GLY G 49 -0.53 -9.84 43.95
CA GLY G 49 -0.63 -8.39 43.90
C GLY G 49 0.63 -7.70 43.42
N GLU G 50 1.36 -8.31 42.48
CA GLU G 50 2.53 -7.69 41.90
C GLU G 50 2.65 -8.15 40.45
N THR G 51 2.88 -7.20 39.54
CA THR G 51 3.03 -7.53 38.13
C THR G 51 4.35 -8.27 37.92
N CYS G 52 4.28 -9.54 37.59
CA CYS G 52 5.47 -10.38 37.43
C CYS G 52 5.81 -10.50 35.96
N LEU G 53 7.10 -10.40 35.66
CA LEU G 53 7.61 -10.56 34.30
C LEU G 53 8.35 -11.90 34.26
N LEU G 54 7.79 -12.84 33.51
CA LEU G 54 8.26 -14.23 33.51
C LEU G 54 9.13 -14.50 32.29
N ASP G 55 10.35 -14.98 32.56
CA ASP G 55 11.29 -15.40 31.53
C ASP G 55 11.48 -16.91 31.73
N ILE G 56 10.75 -17.70 30.95
CA ILE G 56 10.66 -19.14 31.14
C ILE G 56 11.38 -19.84 30.01
N LEU G 57 12.25 -20.80 30.35
CA LEU G 57 13.02 -21.57 29.37
C LEU G 57 12.48 -23.00 29.33
N ASP G 58 11.85 -23.34 28.21
CA ASP G 58 11.49 -24.72 27.92
C ASP G 58 12.76 -25.45 27.50
N THR G 59 13.19 -26.42 28.30
CA THR G 59 14.47 -27.06 28.06
C THR G 59 14.29 -28.33 27.22
N ALA G 60 15.34 -28.65 26.49
CA ALA G 60 15.40 -29.87 25.69
C ALA G 60 16.86 -30.15 25.40
N GLY G 61 17.13 -31.30 24.79
CA GLY G 61 18.48 -31.66 24.46
C GLY G 61 19.16 -32.45 25.55
N GLN G 62 20.06 -33.36 25.19
CA GLN G 62 20.74 -34.23 26.15
C GLN G 62 22.25 -34.04 26.19
N ALA G 63 22.83 -33.33 25.22
CA ALA G 63 24.27 -33.16 25.16
C ALA G 63 24.64 -31.88 25.94
N GLU G 64 25.83 -31.34 25.68
CA GLU G 64 26.29 -30.17 26.40
C GLU G 64 25.38 -28.97 26.15
N TYR G 65 25.37 -28.05 27.11
CA TYR G 65 24.41 -26.96 27.10
C TYR G 65 24.72 -25.97 26.00
N SER G 66 23.70 -25.60 25.23
CA SER G 66 23.83 -24.45 24.37
C SER G 66 24.15 -23.22 25.20
N ALA G 67 24.87 -22.27 24.60
CA ALA G 67 25.30 -21.10 25.34
C ALA G 67 24.13 -20.37 25.98
N MET G 68 22.95 -20.44 25.37
CA MET G 68 21.77 -19.82 25.97
C MET G 68 21.33 -20.59 27.21
N ARG G 69 21.26 -21.92 27.11
CA ARG G 69 20.88 -22.71 28.28
C ARG G 69 21.91 -22.59 29.38
N ASP G 70 23.19 -22.72 29.04
CA ASP G 70 24.27 -22.55 30.02
C ASP G 70 24.05 -21.32 30.89
N GLN G 71 23.64 -20.22 30.27
CA GLN G 71 23.41 -19.00 31.04
C GLN G 71 22.08 -19.02 31.78
N TYR G 72 21.04 -19.59 31.17
CA TYR G 72 19.77 -19.78 31.87
C TYR G 72 19.94 -20.66 33.10
N MET G 73 20.77 -21.71 33.00
CA MET G 73 20.95 -22.60 34.13
C MET G 73 21.71 -21.94 35.27
N ARG G 74 22.62 -21.01 34.95
CA ARG G 74 23.38 -20.34 35.98
C ARG G 74 22.66 -19.13 36.57
N THR G 75 21.86 -18.44 35.76
CA THR G 75 21.13 -17.25 36.22
C THR G 75 19.69 -17.54 36.60
N GLY G 76 19.15 -18.71 36.25
CA GLY G 76 17.77 -19.05 36.53
C GLY G 76 17.38 -18.89 37.99
N GLU G 77 16.33 -18.12 38.24
CA GLU G 77 15.92 -17.84 39.61
C GLU G 77 15.12 -18.96 40.25
N GLY G 78 14.45 -19.79 39.45
CA GLY G 78 13.67 -20.90 39.97
C GLY G 78 13.54 -21.98 38.94
N PHE G 79 13.34 -23.22 39.41
CA PHE G 79 13.32 -24.38 38.54
C PHE G 79 12.10 -25.23 38.81
N LEU G 80 11.40 -25.60 37.75
CA LEU G 80 10.32 -26.58 37.81
C LEU G 80 10.90 -27.96 37.49
N CYS G 81 10.84 -28.89 38.46
CA CYS G 81 11.29 -30.26 38.26
C CYS G 81 10.06 -31.11 37.96
N VAL G 82 9.89 -31.48 36.70
CA VAL G 82 8.67 -32.09 36.20
C VAL G 82 8.90 -33.58 35.97
N PHE G 83 7.91 -34.39 36.35
CA PHE G 83 7.89 -35.82 36.08
C PHE G 83 6.46 -36.21 35.73
N ALA G 84 6.32 -37.35 35.06
CA ALA G 84 5.01 -37.88 34.67
C ALA G 84 4.54 -38.88 35.71
N ILE G 85 3.32 -38.67 36.22
CA ILE G 85 2.75 -39.58 37.21
C ILE G 85 2.40 -40.94 36.63
N ASN G 86 2.52 -41.10 35.31
CA ASN G 86 2.27 -42.37 34.66
C ASN G 86 3.55 -43.02 34.16
N ASN G 87 4.71 -42.46 34.52
CA ASN G 87 6.00 -42.99 34.11
C ASN G 87 6.92 -42.94 35.32
N THR G 88 7.19 -44.10 35.91
CA THR G 88 8.03 -44.15 37.11
C THR G 88 9.43 -43.64 36.82
N LYS G 89 9.98 -43.94 35.63
CA LYS G 89 11.35 -43.61 35.33
C LYS G 89 11.59 -42.10 35.37
N SER G 90 10.60 -41.31 34.95
CA SER G 90 10.72 -39.86 35.04
C SER G 90 10.82 -39.39 36.48
N PHE G 91 10.22 -40.14 37.40
CA PHE G 91 10.33 -39.79 38.82
C PHE G 91 11.71 -40.16 39.36
N GLU G 92 12.29 -41.25 38.87
CA GLU G 92 13.63 -41.65 39.30
C GLU G 92 14.66 -40.60 38.92
N ASP G 93 14.49 -39.97 37.76
CA ASP G 93 15.46 -38.98 37.28
C ASP G 93 15.39 -37.67 38.05
N ILE G 94 14.33 -37.44 38.82
CA ILE G 94 14.17 -36.17 39.53
C ILE G 94 15.35 -35.91 40.46
N HIS G 95 15.86 -36.95 41.14
CA HIS G 95 16.93 -36.75 42.10
C HIS G 95 18.20 -36.25 41.42
N HIS G 96 18.49 -36.72 40.20
CA HIS G 96 19.68 -36.25 39.49
C HIS G 96 19.53 -34.80 39.06
N TYR G 97 18.38 -34.44 38.48
CA TYR G 97 18.16 -33.07 38.03
C TYR G 97 18.34 -32.08 39.17
N ARG G 98 18.12 -32.51 40.41
CA ARG G 98 18.31 -31.61 41.55
C ARG G 98 19.80 -31.34 41.79
N GLU G 99 20.63 -32.40 41.77
CA GLU G 99 22.06 -32.19 41.94
C GLU G 99 22.64 -31.37 40.79
N GLN G 100 22.05 -31.48 39.60
CA GLN G 100 22.46 -30.63 38.49
C GLN G 100 22.32 -29.16 38.85
N ILE G 101 21.10 -28.76 39.24
CA ILE G 101 20.83 -27.37 39.57
C ILE G 101 21.67 -26.92 40.74
N LYS G 102 21.84 -27.79 41.74
CA LYS G 102 22.61 -27.41 42.93
C LYS G 102 24.06 -27.11 42.58
N ARG G 103 24.68 -28.00 41.79
CA ARG G 103 26.10 -27.82 41.46
C ARG G 103 26.31 -26.63 40.54
N VAL G 104 25.41 -26.43 39.57
CA VAL G 104 25.59 -25.34 38.61
C VAL G 104 25.61 -23.99 39.32
N LYS G 105 24.78 -23.83 40.35
CA LYS G 105 24.68 -22.56 41.05
C LYS G 105 25.49 -22.52 42.33
N ASP G 106 26.14 -23.63 42.71
CA ASP G 106 26.98 -23.71 43.90
C ASP G 106 26.24 -23.23 45.13
N SER G 107 25.09 -23.87 45.37
CA SER G 107 24.25 -23.53 46.51
C SER G 107 23.30 -24.69 46.78
N GLU G 108 22.93 -24.84 48.05
CA GLU G 108 21.93 -25.82 48.43
C GLU G 108 20.52 -25.22 48.47
N ASP G 109 20.39 -23.91 48.59
CA ASP G 109 19.11 -23.23 48.62
C ASP G 109 18.85 -22.61 47.25
N VAL G 110 18.28 -23.41 46.34
CA VAL G 110 17.80 -22.94 45.04
C VAL G 110 16.30 -23.17 44.99
N PRO G 111 15.51 -22.16 44.62
CA PRO G 111 14.05 -22.34 44.55
C PRO G 111 13.65 -23.43 43.55
N MET G 112 12.84 -24.38 44.03
CA MET G 112 12.38 -25.48 43.19
C MET G 112 10.95 -25.85 43.55
N VAL G 113 10.25 -26.42 42.59
CA VAL G 113 8.90 -26.97 42.78
C VAL G 113 8.80 -28.28 42.03
N LEU G 114 8.39 -29.33 42.73
CA LEU G 114 8.22 -30.66 42.12
C LEU G 114 6.84 -30.76 41.49
N VAL G 115 6.80 -31.17 40.23
CA VAL G 115 5.57 -31.18 39.44
C VAL G 115 5.34 -32.58 38.90
N GLY G 116 4.21 -33.17 39.25
CA GLY G 116 3.78 -34.43 38.66
C GLY G 116 2.73 -34.23 37.60
N ASN G 117 3.15 -34.24 36.34
CA ASN G 117 2.26 -33.98 35.21
C ASN G 117 1.52 -35.24 34.79
N LYS G 118 0.59 -35.07 33.85
CA LYS G 118 -0.21 -36.15 33.26
C LYS G 118 -1.19 -36.76 34.26
N CYS G 119 -1.64 -35.96 35.24
CA CYS G 119 -2.55 -36.47 36.26
C CYS G 119 -3.93 -36.80 35.70
N ASP G 120 -4.26 -36.32 34.50
CA ASP G 120 -5.55 -36.69 33.90
C ASP G 120 -5.58 -38.14 33.44
N LEU G 121 -4.42 -38.76 33.28
CA LEU G 121 -4.38 -40.11 32.77
C LEU G 121 -4.80 -41.10 33.85
N PRO G 122 -5.68 -42.05 33.55
CA PRO G 122 -6.07 -43.06 34.53
C PRO G 122 -5.04 -44.16 34.76
N SER G 123 -3.82 -43.99 34.26
CA SER G 123 -2.79 -45.03 34.36
C SER G 123 -1.69 -44.61 35.34
N ARG G 124 -2.08 -44.11 36.51
CA ARG G 124 -1.11 -43.60 37.46
C ARG G 124 -0.22 -44.71 37.99
N THR G 125 1.08 -44.42 38.06
CA THR G 125 2.07 -45.35 38.59
C THR G 125 2.81 -44.82 39.80
N VAL G 126 3.06 -43.50 39.88
CA VAL G 126 3.72 -42.89 41.02
C VAL G 126 2.64 -42.33 41.93
N ASP G 127 2.46 -42.94 43.10
CA ASP G 127 1.45 -42.51 44.04
C ASP G 127 1.75 -41.09 44.55
N THR G 128 0.67 -40.35 44.80
CA THR G 128 0.82 -38.98 45.30
C THR G 128 1.61 -38.94 46.60
N LYS G 129 1.43 -39.94 47.47
CA LYS G 129 2.16 -39.97 48.72
C LYS G 129 3.67 -40.03 48.48
N GLN G 130 4.12 -40.81 47.51
CA GLN G 130 5.54 -40.93 47.22
C GLN G 130 6.15 -39.56 46.90
N ALA G 131 5.60 -38.87 45.90
CA ALA G 131 6.14 -37.57 45.53
C ALA G 131 5.98 -36.55 46.65
N GLN G 132 4.89 -36.66 47.42
CA GLN G 132 4.74 -35.81 48.59
C GLN G 132 5.88 -36.04 49.58
N ASP G 133 6.25 -37.30 49.81
CA ASP G 133 7.38 -37.60 50.69
C ASP G 133 8.67 -37.02 50.13
N LEU G 134 8.91 -37.19 48.83
CA LEU G 134 10.13 -36.68 48.23
C LEU G 134 10.21 -35.16 48.33
N ALA G 135 9.11 -34.48 48.01
CA ALA G 135 9.13 -33.02 48.05
C ALA G 135 9.32 -32.50 49.47
N ARG G 136 8.69 -33.16 50.45
CA ARG G 136 8.86 -32.75 51.84
C ARG G 136 10.31 -32.92 52.27
N SER G 137 10.96 -34.01 51.84
CA SER G 137 12.37 -34.21 52.16
C SER G 137 13.24 -33.14 51.52
N TYR G 138 12.94 -32.77 50.27
CA TYR G 138 13.68 -31.71 49.61
C TYR G 138 13.32 -30.32 50.14
N GLY G 139 12.18 -30.20 50.82
CA GLY G 139 11.75 -28.90 51.31
C GLY G 139 11.12 -28.01 50.26
N ILE G 140 10.50 -28.60 49.24
CA ILE G 140 9.90 -27.85 48.15
C ILE G 140 8.45 -28.30 47.98
N PRO G 141 7.60 -27.44 47.42
CA PRO G 141 6.20 -27.85 47.18
C PRO G 141 6.09 -28.91 46.10
N PHE G 142 4.97 -29.62 46.12
CA PHE G 142 4.65 -30.63 45.12
C PHE G 142 3.25 -30.38 44.59
N ILE G 143 3.13 -30.16 43.29
CA ILE G 143 1.86 -29.89 42.62
C ILE G 143 1.68 -30.91 41.51
N GLU G 144 0.52 -31.57 41.48
CA GLU G 144 0.16 -32.42 40.36
C GLU G 144 -0.54 -31.58 39.29
N THR G 145 -0.14 -31.78 38.04
CA THR G 145 -0.63 -30.98 36.93
C THR G 145 -1.11 -31.88 35.79
N SER G 146 -1.92 -31.30 34.92
CA SER G 146 -2.33 -31.93 33.68
C SER G 146 -2.34 -30.87 32.59
N ALA G 147 -1.32 -30.88 31.72
CA ALA G 147 -1.31 -29.93 30.62
C ALA G 147 -2.48 -30.14 29.67
N LYS G 148 -3.08 -31.33 29.64
CA LYS G 148 -4.22 -31.57 28.76
C LYS G 148 -5.46 -30.85 29.27
N THR G 149 -5.73 -30.92 30.58
CA THR G 149 -6.89 -30.31 31.18
C THR G 149 -6.58 -28.99 31.89
N ARG G 150 -5.33 -28.54 31.85
CA ARG G 150 -4.85 -27.32 32.51
C ARG G 150 -4.90 -27.40 34.03
N GLN G 151 -5.13 -28.58 34.59
CA GLN G 151 -5.17 -28.72 36.04
C GLN G 151 -3.82 -28.35 36.65
N GLY G 152 -3.84 -27.40 37.57
CA GLY G 152 -2.63 -27.03 38.30
C GLY G 152 -1.57 -26.30 37.51
N VAL G 153 -1.80 -26.03 36.22
CA VAL G 153 -0.75 -25.43 35.39
C VAL G 153 -0.41 -24.03 35.90
N ASP G 154 -1.44 -23.21 36.14
CA ASP G 154 -1.20 -21.89 36.71
C ASP G 154 -0.62 -22.00 38.12
N ASP G 155 -1.14 -22.94 38.91
CA ASP G 155 -0.67 -23.10 40.29
C ASP G 155 0.82 -23.41 40.34
N ALA G 156 1.25 -24.42 39.57
CA ALA G 156 2.64 -24.86 39.61
C ALA G 156 3.60 -23.71 39.31
N PHE G 157 3.30 -22.91 38.28
CA PHE G 157 4.19 -21.83 37.92
C PHE G 157 4.18 -20.72 38.95
N TYR G 158 2.99 -20.31 39.40
CA TYR G 158 2.93 -19.25 40.40
C TYR G 158 3.56 -19.67 41.72
N THR G 159 3.47 -20.96 42.07
CA THR G 159 4.12 -21.44 43.28
C THR G 159 5.63 -21.27 43.21
N LEU G 160 6.22 -21.54 42.03
CA LEU G 160 7.64 -21.32 41.85
C LEU G 160 8.00 -19.86 42.05
N VAL G 161 7.15 -18.95 41.56
CA VAL G 161 7.39 -17.52 41.75
C VAL G 161 7.34 -17.16 43.24
N ARG G 162 6.41 -17.78 43.97
CA ARG G 162 6.35 -17.53 45.41
C ARG G 162 7.61 -18.01 46.12
N GLU G 163 8.16 -19.14 45.66
CA GLU G 163 9.36 -19.68 46.28
C GLU G 163 10.59 -18.80 46.01
N ILE G 164 10.65 -18.14 44.86
CA ILE G 164 11.78 -17.26 44.58
C ILE G 164 11.78 -16.05 45.50
N ARG G 165 10.63 -15.44 45.73
CA ARG G 165 10.58 -14.31 46.66
C ARG G 165 10.94 -14.75 48.08
N LYS G 166 10.47 -15.92 48.49
CA LYS G 166 10.79 -16.40 49.83
C LYS G 166 12.28 -16.58 50.00
N HIS G 167 12.95 -17.12 48.96
CA HIS G 167 14.39 -17.26 49.01
C HIS G 167 15.08 -15.90 48.97
N LYS G 168 14.46 -14.92 48.30
CA LYS G 168 14.98 -13.56 48.28
C LYS G 168 14.80 -12.85 49.61
N GLU G 169 13.91 -13.35 50.48
CA GLU G 169 13.64 -12.69 51.75
C GLU G 169 14.76 -12.94 52.77
N LYS G 170 15.26 -14.18 52.82
CA LYS G 170 16.29 -14.64 53.77
C LYS G 170 17.14 -13.56 54.43
N GLY H 1 48.18 -39.72 5.25
CA GLY H 1 48.93 -39.91 4.03
C GLY H 1 48.06 -40.15 2.81
N THR H 2 47.05 -41.00 2.98
CA THR H 2 46.10 -41.25 1.91
C THR H 2 45.09 -40.12 1.80
N VAL H 3 44.50 -39.97 0.61
CA VAL H 3 43.45 -38.99 0.41
C VAL H 3 42.21 -39.42 1.19
N HIS H 4 41.51 -38.44 1.77
CA HIS H 4 40.30 -38.68 2.55
C HIS H 4 40.57 -39.65 3.70
N ARG H 5 41.56 -39.29 4.53
CA ARG H 5 42.01 -40.14 5.61
C ARG H 5 42.00 -39.37 6.93
N TRP H 6 41.36 -39.94 7.95
CA TRP H 6 41.43 -39.42 9.31
C TRP H 6 42.64 -40.04 10.00
N ARG H 7 43.65 -39.22 10.28
CA ARG H 7 44.78 -39.63 11.09
C ARG H 7 44.61 -39.09 12.51
N ARG H 8 44.94 -39.93 13.48
CA ARG H 8 44.88 -39.55 14.89
C ARG H 8 46.24 -38.97 15.29
N LEU H 9 46.28 -37.65 15.47
CA LEU H 9 47.50 -36.96 15.85
C LEU H 9 47.67 -37.01 17.36
N PRO H 10 48.89 -36.82 17.86
CA PRO H 10 49.11 -36.95 19.32
C PRO H 10 48.32 -35.91 20.08
N PRO H 11 47.45 -36.35 20.99
CA PRO H 11 46.62 -35.39 21.74
C PRO H 11 47.46 -34.51 22.65
N CYS H 12 46.89 -33.37 23.01
CA CYS H 12 47.53 -32.46 23.95
C CYS H 12 47.43 -33.04 25.35
N ASP H 13 48.57 -33.42 25.93
CA ASP H 13 48.58 -33.93 27.28
C ASP H 13 48.17 -32.85 28.27
N GLU H 14 47.53 -33.29 29.37
CA GLU H 14 47.15 -32.34 30.42
C GLU H 14 48.35 -31.62 30.99
N PHE H 15 49.55 -32.17 30.80
CA PHE H 15 50.78 -31.53 31.24
C PHE H 15 51.03 -30.20 30.53
N VAL H 16 50.44 -30.01 29.35
CA VAL H 16 50.59 -28.77 28.60
C VAL H 16 49.36 -27.89 28.73
N GLY H 17 48.17 -28.48 28.71
CA GLY H 17 46.92 -27.76 28.85
C GLY H 17 45.78 -28.73 29.05
N ALA H 18 44.82 -28.37 29.90
CA ALA H 18 43.76 -29.31 30.23
C ALA H 18 42.86 -29.56 29.02
N ARG H 19 42.37 -30.79 28.92
CA ARG H 19 41.37 -31.12 27.92
C ARG H 19 40.16 -30.21 28.09
N ARG H 20 39.63 -29.72 26.96
CA ARG H 20 38.73 -28.58 27.01
C ARG H 20 37.73 -28.65 25.88
N SER H 21 36.69 -27.81 26.01
CA SER H 21 35.72 -27.59 24.95
C SER H 21 35.37 -26.11 24.94
N LYS H 22 34.57 -25.71 23.95
CA LYS H 22 34.12 -24.33 23.78
C LYS H 22 35.29 -23.37 23.55
N HIS H 23 36.40 -23.88 23.02
CA HIS H 23 37.60 -23.09 22.78
C HIS H 23 37.63 -22.58 21.34
N THR H 24 38.72 -21.93 20.98
CA THR H 24 38.96 -21.45 19.62
C THR H 24 40.26 -22.04 19.09
N VAL H 25 40.27 -22.36 17.79
CA VAL H 25 41.44 -22.85 17.09
C VAL H 25 41.73 -21.92 15.92
N VAL H 26 43.01 -21.65 15.71
CA VAL H 26 43.48 -20.70 14.71
C VAL H 26 44.67 -21.31 13.98
N ALA H 27 44.67 -21.22 12.65
CA ALA H 27 45.77 -21.70 11.84
C ALA H 27 46.64 -20.53 11.42
N TYR H 28 47.96 -20.68 11.60
CA TYR H 28 48.93 -19.68 11.16
C TYR H 28 50.23 -20.38 10.80
N LYS H 29 50.76 -20.07 9.61
CA LYS H 29 51.89 -20.77 9.05
C LYS H 29 51.64 -22.27 9.04
N ASP H 30 52.49 -23.03 9.73
CA ASP H 30 52.35 -24.47 9.81
C ASP H 30 52.11 -24.90 11.26
N ALA H 31 51.35 -24.08 11.99
CA ALA H 31 51.07 -24.33 13.39
C ALA H 31 49.62 -23.96 13.69
N ILE H 32 49.04 -24.67 14.64
CA ILE H 32 47.69 -24.42 15.13
C ILE H 32 47.75 -23.80 16.52
N TYR H 33 46.96 -22.75 16.73
CA TYR H 33 46.96 -22.01 17.99
C TYR H 33 45.62 -22.19 18.69
N VAL H 34 45.64 -22.79 19.87
CA VAL H 34 44.45 -23.04 20.68
C VAL H 34 44.38 -21.99 21.79
N PHE H 35 43.20 -21.39 21.98
CA PHE H 35 43.02 -20.37 22.99
C PHE H 35 41.72 -20.57 23.76
N GLY H 36 41.80 -20.39 25.09
CA GLY H 36 40.64 -20.37 25.96
C GLY H 36 39.91 -21.70 26.05
N GLY H 37 38.68 -21.64 26.54
CA GLY H 37 37.81 -22.79 26.66
C GLY H 37 37.46 -23.09 28.10
N ASP H 38 36.93 -24.29 28.30
CA ASP H 38 36.44 -24.78 29.58
C ASP H 38 36.94 -26.20 29.78
N ASN H 39 37.54 -26.48 30.93
CA ASN H 39 38.09 -27.80 31.23
C ASN H 39 37.15 -28.63 32.09
N GLY H 40 35.98 -28.10 32.46
CA GLY H 40 35.05 -28.77 33.34
C GLY H 40 35.00 -28.20 34.73
N LYS H 41 36.00 -27.43 35.14
CA LYS H 41 36.02 -26.80 36.45
C LYS H 41 36.17 -25.29 36.41
N THR H 42 36.99 -24.77 35.49
CA THR H 42 37.26 -23.33 35.44
C THR H 42 37.36 -22.88 33.99
N MET H 43 37.26 -21.57 33.80
CA MET H 43 37.50 -20.97 32.50
C MET H 43 39.00 -20.81 32.28
N LEU H 44 39.41 -20.89 31.01
CA LEU H 44 40.82 -20.88 30.66
C LEU H 44 41.15 -19.67 29.80
N ASN H 45 42.41 -19.24 29.88
CA ASN H 45 42.93 -18.20 29.00
C ASN H 45 44.35 -18.51 28.53
N ASP H 46 44.80 -19.76 28.65
CA ASP H 46 46.11 -20.14 28.15
C ASP H 46 46.10 -20.22 26.63
N LEU H 47 47.30 -20.22 26.05
CA LEU H 47 47.47 -20.27 24.60
C LEU H 47 48.38 -21.43 24.25
N LEU H 48 47.86 -22.35 23.44
CA LEU H 48 48.58 -23.55 23.02
C LEU H 48 49.00 -23.42 21.56
N ARG H 49 50.11 -24.04 21.22
CA ARG H 49 50.64 -24.01 19.85
C ARG H 49 51.03 -25.42 19.45
N PHE H 50 50.34 -25.97 18.46
CA PHE H 50 50.61 -27.30 17.94
C PHE H 50 51.25 -27.16 16.56
N ASP H 51 52.51 -27.58 16.44
CA ASP H 51 53.24 -27.52 15.18
C ASP H 51 52.98 -28.81 14.40
N VAL H 52 52.40 -28.66 13.20
CA VAL H 52 52.02 -29.85 12.42
C VAL H 52 53.25 -30.63 11.96
N LYS H 53 54.40 -29.97 11.83
CA LYS H 53 55.58 -30.63 11.27
C LYS H 53 56.09 -31.71 12.20
N ASP H 54 56.52 -31.33 13.40
CA ASP H 54 57.04 -32.30 14.37
C ASP H 54 55.95 -32.86 15.27
N CYS H 55 54.71 -32.45 15.09
CA CYS H 55 53.58 -32.88 15.92
C CYS H 55 53.87 -32.63 17.40
N SER H 56 54.33 -31.42 17.70
CA SER H 56 54.79 -31.06 19.03
C SER H 56 53.81 -30.07 19.65
N TRP H 57 53.21 -30.47 20.78
CA TRP H 57 52.36 -29.59 21.56
C TRP H 57 53.22 -28.72 22.47
N CYS H 58 52.71 -27.53 22.79
CA CYS H 58 53.55 -26.52 23.41
C CYS H 58 52.73 -25.36 23.98
N ARG H 59 53.05 -24.95 25.20
CA ARG H 59 52.43 -23.76 25.78
C ARG H 59 53.11 -22.54 25.18
N ALA H 60 52.37 -21.82 24.33
CA ALA H 60 52.95 -20.77 23.49
C ALA H 60 53.46 -19.59 24.32
N PHE H 61 54.51 -18.95 23.80
CA PHE H 61 55.14 -17.84 24.49
C PHE H 61 54.33 -16.56 24.28
N THR H 62 54.01 -15.88 25.38
CA THR H 62 53.26 -14.63 25.37
C THR H 62 53.98 -13.61 26.25
N THR H 63 53.56 -12.35 26.15
CA THR H 63 54.13 -11.28 26.96
C THR H 63 53.06 -10.48 27.68
N GLY H 64 52.27 -9.72 26.93
CA GLY H 64 51.31 -8.80 27.51
C GLY H 64 50.20 -9.45 28.32
N THR H 65 49.32 -8.64 28.88
CA THR H 65 48.20 -9.15 29.65
C THR H 65 47.21 -9.86 28.73
N PRO H 66 46.92 -11.14 28.94
CA PRO H 66 46.03 -11.86 28.03
C PRO H 66 44.58 -11.52 28.32
N PRO H 67 43.66 -11.91 27.44
CA PRO H 67 42.23 -11.73 27.74
C PRO H 67 41.82 -12.52 28.97
N ALA H 68 40.74 -12.08 29.59
CA ALA H 68 40.20 -12.81 30.73
C ALA H 68 39.78 -14.20 30.31
N PRO H 69 39.90 -15.19 31.20
CA PRO H 69 39.48 -16.56 30.86
C PRO H 69 38.02 -16.58 30.41
N ARG H 70 37.75 -17.33 29.35
CA ARG H 70 36.46 -17.26 28.69
C ARG H 70 36.25 -18.49 27.83
N TYR H 71 35.01 -18.71 27.43
CA TYR H 71 34.68 -19.69 26.41
C TYR H 71 33.54 -19.16 25.55
N HIS H 72 33.21 -19.91 24.50
CA HIS H 72 32.26 -19.48 23.47
C HIS H 72 32.64 -18.13 22.89
N HIS H 73 33.93 -17.88 22.76
CA HIS H 73 34.44 -16.66 22.16
C HIS H 73 34.89 -16.95 20.74
N SER H 74 35.26 -15.89 20.02
CA SER H 74 35.69 -15.99 18.64
C SER H 74 37.17 -15.66 18.53
N ALA H 75 37.81 -16.25 17.52
CA ALA H 75 39.21 -15.97 17.21
C ALA H 75 39.44 -16.09 15.72
N VAL H 76 40.07 -15.09 15.13
CA VAL H 76 40.32 -15.03 13.69
C VAL H 76 41.75 -14.56 13.46
N VAL H 77 42.15 -14.54 12.18
CA VAL H 77 43.50 -14.20 11.79
C VAL H 77 43.45 -12.96 10.89
N TYR H 78 44.46 -12.11 11.01
CA TYR H 78 44.62 -11.00 10.06
C TYR H 78 46.11 -10.66 10.03
N GLY H 79 46.81 -11.16 9.01
CA GLY H 79 48.23 -10.87 8.89
C GLY H 79 49.00 -11.60 9.97
N SER H 80 49.87 -10.86 10.66
CA SER H 80 50.75 -11.43 11.67
C SER H 80 50.11 -11.50 13.05
N SER H 81 48.78 -11.39 13.14
CA SER H 81 48.12 -11.28 14.43
C SER H 81 46.86 -12.13 14.47
N MET H 82 46.49 -12.51 15.68
CA MET H 82 45.22 -13.16 15.99
C MET H 82 44.32 -12.17 16.71
N PHE H 83 43.01 -12.29 16.49
CA PHE H 83 42.04 -11.34 17.06
C PHE H 83 40.95 -12.10 17.79
N VAL H 84 40.82 -11.86 19.08
CA VAL H 84 39.82 -12.49 19.93
C VAL H 84 38.78 -11.44 20.29
N PHE H 85 37.50 -11.83 20.19
CA PHE H 85 36.39 -10.92 20.48
C PHE H 85 35.30 -11.65 21.26
N GLY H 86 34.80 -10.98 22.29
CA GLY H 86 33.65 -11.48 23.02
C GLY H 86 33.93 -12.73 23.84
N GLY H 87 32.84 -13.40 24.22
CA GLY H 87 32.89 -14.62 25.01
C GLY H 87 32.17 -14.45 26.32
N TYR H 88 32.33 -15.46 27.18
CA TYR H 88 31.66 -15.53 28.48
C TYR H 88 32.71 -15.60 29.58
N THR H 89 32.64 -14.67 30.54
CA THR H 89 33.70 -14.47 31.51
C THR H 89 33.15 -14.56 32.92
N GLY H 90 33.91 -15.17 33.82
CA GLY H 90 33.54 -15.21 35.22
C GLY H 90 34.24 -16.35 35.94
N ASP H 91 33.55 -16.89 36.94
CA ASP H 91 34.04 -18.02 37.73
C ASP H 91 32.96 -19.10 37.73
N ILE H 92 33.24 -20.20 37.01
CA ILE H 92 32.28 -21.30 36.93
C ILE H 92 32.14 -21.99 38.26
N TYR H 93 33.26 -22.25 38.95
CA TYR H 93 33.24 -23.09 40.14
C TYR H 93 32.40 -22.45 41.26
N SER H 94 32.50 -21.13 41.42
CA SER H 94 31.71 -20.43 42.42
C SER H 94 30.44 -19.80 41.86
N ASN H 95 30.25 -19.83 40.55
CA ASN H 95 29.06 -19.28 39.89
C ASN H 95 28.86 -17.81 40.27
N SER H 96 29.93 -17.02 40.14
CA SER H 96 29.91 -15.62 40.49
C SER H 96 30.64 -14.82 39.42
N ASN H 97 30.29 -13.53 39.33
CA ASN H 97 30.97 -12.58 38.46
C ASN H 97 30.87 -13.00 36.99
N LEU H 98 29.73 -13.55 36.60
CA LEU H 98 29.54 -14.05 35.25
C LEU H 98 28.95 -12.95 34.36
N LYS H 99 29.57 -12.74 33.20
CA LYS H 99 29.10 -11.73 32.27
C LYS H 99 29.61 -12.06 30.87
N ASN H 100 28.86 -11.65 29.86
CA ASN H 100 29.34 -11.70 28.50
C ASN H 100 30.25 -10.50 28.23
N LYS H 101 31.03 -10.60 27.15
CA LYS H 101 32.05 -9.61 26.87
C LYS H 101 31.87 -9.04 25.46
N ASN H 102 32.51 -7.89 25.22
CA ASN H 102 32.62 -7.34 23.88
C ASN H 102 33.99 -6.72 23.63
N ASP H 103 35.01 -7.10 24.41
CA ASP H 103 36.35 -6.59 24.24
C ASP H 103 37.05 -7.28 23.07
N LEU H 104 38.15 -6.68 22.63
CA LEU H 104 38.86 -7.12 21.43
C LEU H 104 40.35 -7.13 21.71
N PHE H 105 40.97 -8.29 21.57
CA PHE H 105 42.38 -8.48 21.88
C PHE H 105 43.15 -8.90 20.63
N GLU H 106 44.42 -8.51 20.58
CA GLU H 106 45.31 -8.85 19.48
C GLU H 106 46.48 -9.67 20.01
N TYR H 107 46.86 -10.70 19.26
CA TYR H 107 48.01 -11.53 19.57
C TYR H 107 48.93 -11.58 18.35
N LYS H 108 50.05 -10.86 18.41
CA LYS H 108 51.03 -10.89 17.33
C LYS H 108 51.83 -12.18 17.40
N PHE H 109 51.71 -13.02 16.35
CA PHE H 109 52.43 -14.29 16.34
C PHE H 109 53.94 -14.09 16.37
N ALA H 110 54.43 -12.96 15.87
CA ALA H 110 55.87 -12.73 15.79
C ALA H 110 56.49 -12.54 17.17
N THR H 111 55.86 -11.73 18.02
CA THR H 111 56.42 -11.37 19.32
C THR H 111 55.68 -12.00 20.50
N GLY H 112 54.51 -12.60 20.27
CA GLY H 112 53.71 -13.07 21.39
C GLY H 112 53.07 -11.96 22.18
N GLN H 113 52.77 -10.83 21.55
CA GLN H 113 52.32 -9.62 22.22
C GLN H 113 50.81 -9.61 22.34
N TRP H 114 50.30 -9.71 23.57
CA TRP H 114 48.89 -9.49 23.85
C TRP H 114 48.63 -7.99 23.96
N THR H 115 47.66 -7.49 23.20
CA THR H 115 47.31 -6.06 23.22
C THR H 115 45.80 -5.92 23.08
N GLU H 116 45.16 -5.31 24.07
CA GLU H 116 43.73 -5.04 23.99
C GLU H 116 43.47 -3.82 23.12
N TRP H 117 42.54 -3.97 22.18
CA TRP H 117 42.09 -2.85 21.34
C TRP H 117 40.95 -2.14 22.07
N LYS H 118 41.28 -1.07 22.78
CA LYS H 118 40.28 -0.28 23.50
C LYS H 118 39.59 0.64 22.51
N ILE H 119 38.45 0.18 21.99
CA ILE H 119 37.75 0.88 20.91
C ILE H 119 36.75 1.84 21.52
N GLU H 120 36.70 3.06 20.97
CA GLU H 120 35.76 4.06 21.43
C GLU H 120 34.48 4.01 20.58
N GLY H 121 33.54 4.90 20.91
CA GLY H 121 32.25 4.90 20.29
C GLY H 121 31.38 3.78 20.81
N ARG H 122 30.19 3.67 20.21
CA ARG H 122 29.26 2.62 20.62
C ARG H 122 29.77 1.26 20.15
N LEU H 123 29.55 0.24 20.97
CA LEU H 123 30.04 -1.09 20.73
C LEU H 123 28.89 -2.07 20.50
N PRO H 124 29.15 -3.17 19.80
CA PRO H 124 28.13 -4.22 19.72
C PRO H 124 27.82 -4.78 21.10
N VAL H 125 26.59 -5.28 21.24
CA VAL H 125 26.17 -5.83 22.53
C VAL H 125 27.10 -6.97 22.93
N ALA H 126 27.51 -6.97 24.19
CA ALA H 126 28.35 -8.05 24.71
C ALA H 126 27.64 -9.38 24.52
N ARG H 127 28.36 -10.36 23.96
CA ARG H 127 27.72 -11.57 23.47
C ARG H 127 28.67 -12.74 23.55
N SER H 128 28.10 -13.94 23.38
CA SER H 128 28.85 -15.18 23.31
C SER H 128 28.22 -16.05 22.22
N ALA H 129 28.92 -17.13 21.87
CA ALA H 129 28.49 -18.09 20.87
C ALA H 129 28.24 -17.46 19.51
N HIS H 130 28.76 -16.26 19.28
CA HIS H 130 28.57 -15.58 18.01
C HIS H 130 29.45 -16.22 16.94
N GLY H 131 29.24 -15.77 15.71
CA GLY H 131 30.09 -16.15 14.58
C GLY H 131 30.98 -14.99 14.20
N ALA H 132 32.15 -15.31 13.66
CA ALA H 132 33.10 -14.27 13.30
C ALA H 132 34.00 -14.74 12.16
N THR H 133 34.41 -13.78 11.33
CA THR H 133 35.30 -14.06 10.21
C THR H 133 35.89 -12.73 9.75
N VAL H 134 36.90 -12.82 8.88
CA VAL H 134 37.59 -11.65 8.36
C VAL H 134 37.36 -11.57 6.85
N TYR H 135 37.10 -10.36 6.37
CA TYR H 135 36.91 -10.12 4.95
C TYR H 135 37.16 -8.65 4.68
N SER H 136 37.86 -8.37 3.58
CA SER H 136 38.16 -7.00 3.14
C SER H 136 38.70 -6.17 4.30
N ASP H 137 39.70 -6.72 4.99
CA ASP H 137 40.45 -6.02 6.03
C ASP H 137 39.56 -5.64 7.21
N LYS H 138 38.46 -6.34 7.41
CA LYS H 138 37.53 -6.04 8.49
C LYS H 138 37.10 -7.32 9.19
N LEU H 139 36.90 -7.22 10.50
CA LEU H 139 36.38 -8.33 11.29
C LEU H 139 34.87 -8.26 11.32
N TRP H 140 34.22 -9.32 10.87
CA TRP H 140 32.76 -9.41 10.84
C TRP H 140 32.30 -10.32 11.97
N ILE H 141 31.36 -9.82 12.78
CA ILE H 141 30.75 -10.60 13.86
C ILE H 141 29.25 -10.65 13.62
N PHE H 142 28.65 -11.80 13.91
CA PHE H 142 27.25 -12.04 13.55
C PHE H 142 26.57 -12.87 14.63
N ALA H 143 25.37 -12.45 15.02
CA ALA H 143 24.47 -13.21 15.88
C ALA H 143 25.08 -13.46 17.27
N GLY H 144 24.64 -14.52 17.93
CA GLY H 144 25.12 -14.86 19.24
C GLY H 144 24.04 -14.71 20.30
N TYR H 145 24.45 -14.93 21.55
CA TYR H 145 23.61 -14.76 22.71
C TYR H 145 24.21 -13.68 23.60
N ASP H 146 23.38 -12.73 24.03
CA ASP H 146 23.85 -11.55 24.76
C ASP H 146 23.52 -11.58 26.25
N GLY H 147 22.87 -12.64 26.73
CA GLY H 147 22.41 -12.70 28.10
C GLY H 147 20.93 -12.41 28.26
N ASN H 148 20.28 -11.90 27.22
CA ASN H 148 18.85 -11.64 27.23
C ASN H 148 18.10 -12.44 26.18
N ALA H 149 18.62 -12.51 24.96
CA ALA H 149 18.00 -13.29 23.90
C ALA H 149 19.05 -13.58 22.84
N ARG H 150 18.73 -14.51 21.95
CA ARG H 150 19.59 -14.78 20.82
C ARG H 150 19.56 -13.62 19.85
N LEU H 151 20.67 -13.42 19.14
CA LEU H 151 20.87 -12.25 18.30
C LEU H 151 20.92 -12.62 16.82
N ASN H 152 20.75 -11.61 15.97
CA ASN H 152 20.96 -11.79 14.53
C ASN H 152 21.51 -10.54 13.88
N ASP H 153 22.05 -9.60 14.65
CA ASP H 153 22.67 -8.41 14.09
C ASP H 153 24.07 -8.73 13.57
N MET H 154 24.68 -7.74 12.93
CA MET H 154 26.01 -7.92 12.37
C MET H 154 26.79 -6.61 12.48
N TRP H 155 28.05 -6.72 12.88
CA TRP H 155 28.92 -5.57 13.07
C TRP H 155 30.26 -5.81 12.38
N THR H 156 30.93 -4.72 12.03
CA THR H 156 32.26 -4.78 11.45
C THR H 156 33.21 -3.86 12.20
N ILE H 157 34.50 -4.11 12.05
CA ILE H 157 35.55 -3.31 12.67
C ILE H 157 36.81 -3.43 11.83
N GLY H 158 37.36 -2.29 11.41
CA GLY H 158 38.59 -2.31 10.65
C GLY H 158 39.76 -2.80 11.50
N LEU H 159 40.59 -3.65 10.90
CA LEU H 159 41.72 -4.26 11.59
C LEU H 159 43.06 -3.70 11.13
N GLN H 160 43.07 -2.46 10.64
CA GLN H 160 44.28 -1.84 10.10
C GLN H 160 44.93 -0.86 11.07
N ASP H 161 44.15 0.06 11.63
CA ASP H 161 44.67 1.09 12.53
C ASP H 161 43.86 1.07 13.82
N ARG H 162 44.51 0.70 14.91
CA ARG H 162 43.83 0.61 16.20
C ARG H 162 43.30 1.97 16.66
N GLU H 163 44.04 3.04 16.34
CA GLU H 163 43.66 4.37 16.81
C GLU H 163 42.51 4.95 16.00
N LEU H 164 42.48 4.68 14.70
CA LEU H 164 41.50 5.29 13.80
C LEU H 164 40.21 4.49 13.67
N THR H 165 40.24 3.19 13.96
CA THR H 165 39.10 2.33 13.67
C THR H 165 38.02 2.43 14.75
N CYS H 166 36.79 2.08 14.37
CA CYS H 166 35.65 2.05 15.27
C CYS H 166 34.61 1.09 14.71
N TRP H 167 33.71 0.65 15.60
CA TRP H 167 32.70 -0.33 15.24
C TRP H 167 31.57 0.29 14.42
N GLU H 168 31.14 -0.43 13.39
CA GLU H 168 29.93 -0.09 12.64
C GLU H 168 28.98 -1.28 12.64
N GLU H 169 27.68 -1.00 12.71
CA GLU H 169 26.67 -2.04 12.61
C GLU H 169 26.22 -2.19 11.17
N VAL H 170 26.17 -3.43 10.69
CA VAL H 170 25.85 -3.71 9.30
C VAL H 170 24.34 -3.63 9.10
N ALA H 171 23.92 -2.93 8.04
CA ALA H 171 22.52 -2.87 7.64
C ALA H 171 22.25 -4.08 6.76
N GLN H 172 21.85 -5.18 7.40
CA GLN H 172 21.59 -6.42 6.68
C GLN H 172 20.27 -6.36 5.93
N SER H 173 20.24 -6.97 4.75
CA SER H 173 19.01 -7.15 3.99
C SER H 173 18.93 -8.60 3.52
N GLY H 174 17.77 -8.99 3.05
CA GLY H 174 17.56 -10.35 2.58
C GLY H 174 16.95 -11.25 3.64
N GLU H 175 16.97 -12.55 3.35
CA GLU H 175 16.43 -13.55 4.26
C GLU H 175 17.46 -13.82 5.36
N ILE H 176 17.43 -12.97 6.37
CA ILE H 176 18.37 -13.06 7.50
C ILE H 176 18.13 -14.36 8.25
N PRO H 177 19.17 -15.07 8.68
CA PRO H 177 18.95 -16.24 9.52
C PRO H 177 18.23 -15.85 10.80
N PRO H 178 17.39 -16.74 11.33
CA PRO H 178 16.78 -16.47 12.64
C PRO H 178 17.85 -16.36 13.72
N SER H 179 17.46 -15.80 14.86
CA SER H 179 18.37 -15.58 15.96
C SER H 179 19.09 -16.88 16.33
N CYS H 180 20.42 -16.89 16.16
CA CYS H 180 21.22 -18.11 16.24
C CYS H 180 22.35 -17.95 17.24
N CYS H 181 22.88 -19.09 17.67
CA CYS H 181 24.09 -19.14 18.48
C CYS H 181 24.64 -20.56 18.40
N ASN H 182 25.92 -20.70 18.74
CA ASN H 182 26.62 -21.99 18.72
C ASN H 182 26.58 -22.61 17.33
N PHE H 183 26.92 -21.82 16.32
CA PHE H 183 26.96 -22.28 14.94
C PHE H 183 28.34 -22.01 14.34
N PRO H 184 28.70 -22.72 13.27
CA PRO H 184 29.97 -22.45 12.60
C PRO H 184 29.82 -21.52 11.42
N VAL H 185 30.87 -20.77 11.10
CA VAL H 185 30.87 -19.87 9.96
C VAL H 185 32.03 -20.24 9.04
N ALA H 186 31.82 -20.11 7.73
CA ALA H 186 32.85 -20.39 6.75
C ALA H 186 32.74 -19.39 5.62
N VAL H 187 33.89 -18.92 5.13
CA VAL H 187 33.95 -17.95 4.05
C VAL H 187 34.48 -18.62 2.79
N CYS H 188 33.83 -18.33 1.66
CA CYS H 188 34.29 -18.83 0.37
C CYS H 188 33.93 -17.79 -0.70
N ARG H 189 34.84 -17.58 -1.64
CA ARG H 189 34.66 -16.59 -2.69
C ARG H 189 34.38 -15.22 -2.09
N ASP H 190 33.17 -14.69 -2.33
CA ASP H 190 32.74 -13.42 -1.75
C ASP H 190 31.52 -13.61 -0.88
N LYS H 191 31.36 -14.80 -0.28
CA LYS H 191 30.18 -15.13 0.49
C LYS H 191 30.61 -15.71 1.82
N MET H 192 29.79 -15.47 2.83
CA MET H 192 29.96 -16.04 4.16
C MET H 192 28.83 -17.05 4.37
N PHE H 193 29.18 -18.23 4.88
CA PHE H 193 28.21 -19.32 4.99
C PHE H 193 27.93 -19.68 6.44
N VAL H 194 26.67 -20.05 6.70
CA VAL H 194 26.22 -20.46 8.02
C VAL H 194 25.28 -21.65 7.86
N PHE H 195 25.54 -22.73 8.59
CA PHE H 195 24.71 -23.93 8.55
C PHE H 195 24.15 -24.18 9.95
N SER H 196 22.82 -24.25 10.04
CA SER H 196 22.09 -24.59 11.25
C SER H 196 22.49 -23.73 12.45
N GLY H 197 22.61 -24.36 13.60
CA GLY H 197 22.91 -23.71 14.86
C GLY H 197 21.69 -23.63 15.77
N GLN H 198 21.96 -23.50 17.07
CA GLN H 198 20.87 -23.45 18.03
C GLN H 198 20.11 -22.14 17.87
N SER H 199 19.04 -22.17 17.07
CA SER H 199 18.12 -21.07 16.93
C SER H 199 16.78 -21.40 17.58
N GLY H 200 16.82 -22.21 18.63
CA GLY H 200 15.67 -22.55 19.45
C GLY H 200 14.50 -23.12 18.68
N ALA H 201 13.39 -22.39 18.66
CA ALA H 201 12.18 -22.88 18.03
C ALA H 201 12.34 -23.01 16.51
N LYS H 202 13.23 -22.24 15.91
CA LYS H 202 13.37 -22.19 14.46
C LYS H 202 14.57 -22.98 13.96
N ILE H 203 15.05 -23.96 14.73
CA ILE H 203 16.24 -24.69 14.35
C ILE H 203 15.91 -25.66 13.22
N THR H 204 16.66 -25.55 12.12
CA THR H 204 16.57 -26.49 11.00
C THR H 204 17.97 -26.63 10.40
N ASN H 205 18.05 -27.39 9.32
CA ASN H 205 19.30 -27.60 8.59
C ASN H 205 19.36 -26.75 7.34
N ASN H 206 19.07 -25.46 7.48
CA ASN H 206 19.13 -24.53 6.38
C ASN H 206 20.54 -23.96 6.23
N LEU H 207 20.96 -23.78 4.99
CA LEU H 207 22.26 -23.19 4.69
C LEU H 207 22.03 -21.77 4.19
N PHE H 208 22.63 -20.81 4.89
CA PHE H 208 22.53 -19.40 4.55
C PHE H 208 23.86 -18.90 4.03
N GLN H 209 23.82 -18.05 3.00
CA GLN H 209 25.01 -17.38 2.51
C GLN H 209 24.80 -15.88 2.58
N PHE H 210 25.87 -15.15 2.90
CA PHE H 210 25.83 -13.70 3.07
C PHE H 210 26.81 -13.08 2.09
N GLU H 211 26.28 -12.38 1.09
CA GLU H 211 27.13 -11.68 0.13
C GLU H 211 27.71 -10.43 0.77
N PHE H 212 29.04 -10.37 0.85
CA PHE H 212 29.70 -9.29 1.58
C PHE H 212 29.50 -7.94 0.91
N LYS H 213 29.40 -7.91 -0.43
CA LYS H 213 29.47 -6.63 -1.15
C LYS H 213 28.19 -5.82 -1.03
N ASP H 214 27.03 -6.46 -0.96
CA ASP H 214 25.76 -5.74 -0.90
C ASP H 214 24.94 -6.13 0.34
N LYS H 215 25.57 -6.76 1.32
CA LYS H 215 24.98 -7.07 2.62
C LYS H 215 23.62 -7.75 2.46
N THR H 216 23.62 -8.87 1.73
CA THR H 216 22.38 -9.56 1.40
C THR H 216 22.49 -11.02 1.80
N TRP H 217 21.55 -11.47 2.63
CA TRP H 217 21.46 -12.87 3.03
C TRP H 217 20.58 -13.64 2.05
N THR H 218 20.87 -14.93 1.91
CA THR H 218 20.11 -15.79 1.01
C THR H 218 20.12 -17.21 1.56
N ARG H 219 18.94 -17.80 1.70
CA ARG H 219 18.85 -19.21 2.07
C ARG H 219 18.99 -20.04 0.80
N ILE H 220 19.98 -20.94 0.79
CA ILE H 220 20.21 -21.78 -0.38
C ILE H 220 19.09 -22.82 -0.47
N PRO H 221 18.30 -22.82 -1.54
CA PRO H 221 17.26 -23.85 -1.63
C PRO H 221 17.88 -25.15 -2.05
N THR H 222 18.25 -26.00 -1.08
CA THR H 222 18.85 -27.31 -1.35
C THR H 222 17.73 -28.35 -1.31
N GLU H 223 16.86 -28.26 -2.30
CA GLU H 223 15.64 -29.05 -2.37
C GLU H 223 15.62 -30.00 -3.56
N HIS H 224 16.77 -30.24 -4.20
CA HIS H 224 16.80 -31.14 -5.35
C HIS H 224 16.36 -32.55 -4.97
N LEU H 225 16.55 -32.93 -3.71
CA LEU H 225 16.11 -34.23 -3.20
C LEU H 225 14.59 -34.38 -3.34
N SER H 229 18.91 -36.74 -4.95
CA SER H 229 19.94 -35.87 -4.38
C SER H 229 20.10 -36.13 -2.89
N PRO H 230 21.34 -36.09 -2.40
CA PRO H 230 21.58 -36.43 -1.00
C PRO H 230 20.95 -35.40 -0.08
N PRO H 231 20.44 -35.83 1.07
CA PRO H 231 19.83 -34.88 2.02
C PRO H 231 20.90 -34.08 2.73
N PRO H 232 20.60 -32.84 3.11
CA PRO H 232 21.56 -32.05 3.89
C PRO H 232 21.80 -32.69 5.24
N PRO H 233 22.92 -32.40 5.90
CA PRO H 233 23.17 -32.98 7.23
C PRO H 233 22.10 -32.57 8.21
N GLN H 234 21.82 -33.46 9.15
CA GLN H 234 20.80 -33.21 10.16
C GLN H 234 21.15 -31.95 10.96
N ARG H 235 20.10 -31.22 11.37
CA ARG H 235 20.30 -29.99 12.12
C ARG H 235 21.05 -30.26 13.41
N ARG H 236 21.92 -29.32 13.79
CA ARG H 236 22.83 -29.54 14.90
C ARG H 236 23.29 -28.19 15.43
N TYR H 237 23.99 -28.23 16.55
CA TYR H 237 24.62 -27.04 17.12
C TYR H 237 25.95 -27.42 17.74
N GLY H 238 26.83 -26.44 17.89
CA GLY H 238 28.16 -26.69 18.40
C GLY H 238 29.04 -27.48 17.47
N HIS H 239 28.83 -27.35 16.17
CA HIS H 239 29.59 -28.06 15.14
C HIS H 239 30.55 -27.10 14.45
N THR H 240 31.44 -27.67 13.65
CA THR H 240 32.48 -26.92 12.96
C THR H 240 32.32 -27.05 11.45
N MET H 241 32.52 -25.94 10.75
CA MET H 241 32.44 -25.88 9.31
C MET H 241 33.66 -25.16 8.77
N VAL H 242 34.38 -25.79 7.85
CA VAL H 242 35.51 -25.18 7.18
C VAL H 242 35.31 -25.26 5.67
N ALA H 243 35.96 -24.34 4.95
CA ALA H 243 35.91 -24.27 3.51
C ALA H 243 37.25 -24.67 2.93
N PHE H 244 37.21 -25.42 1.83
CA PHE H 244 38.44 -25.81 1.14
C PHE H 244 38.11 -26.17 -0.30
N ASP H 245 38.74 -25.47 -1.24
CA ASP H 245 38.59 -25.73 -2.67
C ASP H 245 37.11 -25.73 -3.06
N ARG H 246 36.49 -24.56 -2.88
CA ARG H 246 35.07 -24.32 -3.11
C ARG H 246 34.21 -25.53 -2.70
N HIS H 247 34.35 -25.88 -1.41
CA HIS H 247 33.63 -26.99 -0.80
C HIS H 247 33.52 -26.72 0.68
N LEU H 248 32.34 -26.92 1.25
CA LEU H 248 32.13 -26.74 2.69
C LEU H 248 32.16 -28.09 3.39
N TYR H 249 33.02 -28.21 4.40
CA TYR H 249 33.17 -29.45 5.15
C TYR H 249 32.64 -29.24 6.57
N VAL H 250 31.54 -29.91 6.90
CA VAL H 250 30.87 -29.80 8.20
C VAL H 250 31.08 -31.10 8.97
N PHE H 251 31.51 -30.99 10.22
CA PHE H 251 31.76 -32.15 11.07
C PHE H 251 31.25 -31.89 12.47
N GLY H 252 30.78 -32.97 13.11
CA GLY H 252 30.52 -32.95 14.54
C GLY H 252 29.23 -32.26 14.91
N GLY H 253 29.21 -31.72 16.13
CA GLY H 253 28.03 -31.11 16.68
C GLY H 253 27.10 -32.12 17.34
N ALA H 254 26.10 -31.60 18.03
CA ALA H 254 25.08 -32.40 18.68
C ALA H 254 23.77 -32.22 17.94
N ALA H 255 23.19 -33.33 17.46
CA ALA H 255 21.98 -33.29 16.65
C ALA H 255 20.90 -34.13 17.32
N ASP H 256 19.97 -33.47 18.01
CA ASP H 256 18.84 -34.11 18.68
C ASP H 256 19.27 -35.31 19.52
N ASN H 257 20.04 -35.01 20.56
CA ASN H 257 20.49 -35.96 21.57
C ASN H 257 21.45 -37.02 21.01
N THR H 258 22.03 -36.78 19.84
CA THR H 258 23.10 -37.62 19.30
C THR H 258 24.24 -36.74 18.85
N LEU H 259 25.40 -37.37 18.63
CA LEU H 259 26.62 -36.68 18.21
C LEU H 259 27.16 -37.37 16.97
N PRO H 260 26.56 -37.14 15.81
CA PRO H 260 27.01 -37.81 14.59
C PRO H 260 28.40 -37.34 14.18
N ASN H 261 29.15 -38.26 13.55
CA ASN H 261 30.51 -37.96 13.12
C ASN H 261 30.73 -38.19 11.62
N GLU H 262 29.66 -38.12 10.82
CA GLU H 262 29.84 -38.14 9.38
C GLU H 262 30.40 -36.79 8.92
N LEU H 263 31.35 -36.83 7.99
CA LEU H 263 31.91 -35.62 7.41
C LEU H 263 31.12 -35.27 6.16
N HIS H 264 30.40 -34.16 6.21
CA HIS H 264 29.54 -33.73 5.11
C HIS H 264 30.24 -32.69 4.26
N CYS H 265 30.05 -32.78 2.95
CA CYS H 265 30.67 -31.88 1.99
C CYS H 265 29.59 -31.21 1.17
N TYR H 266 29.59 -29.87 1.19
CA TYR H 266 28.67 -29.07 0.38
C TYR H 266 29.42 -28.54 -0.83
N ASP H 267 29.06 -29.02 -2.02
CA ASP H 267 29.57 -28.45 -3.26
C ASP H 267 28.91 -27.09 -3.44
N VAL H 268 29.67 -26.02 -3.20
CA VAL H 268 29.08 -24.69 -3.16
C VAL H 268 28.60 -24.26 -4.54
N ASP H 269 29.33 -24.65 -5.59
CA ASP H 269 28.95 -24.25 -6.94
C ASP H 269 27.78 -25.07 -7.46
N PHE H 270 27.88 -26.40 -7.37
CA PHE H 270 26.77 -27.26 -7.77
C PHE H 270 25.59 -27.17 -6.81
N GLN H 271 25.81 -26.64 -5.60
CA GLN H 271 24.76 -26.50 -4.58
C GLN H 271 24.18 -27.86 -4.19
N THR H 272 25.06 -28.83 -3.98
CA THR H 272 24.67 -30.18 -3.59
C THR H 272 25.45 -30.60 -2.35
N TRP H 273 24.92 -31.58 -1.63
CA TRP H 273 25.54 -32.14 -0.44
C TRP H 273 26.08 -33.53 -0.73
N GLU H 274 26.89 -34.03 0.19
CA GLU H 274 27.57 -35.31 0.03
C GLU H 274 28.16 -35.71 1.37
N VAL H 275 28.19 -37.01 1.63
CA VAL H 275 28.85 -37.56 2.82
C VAL H 275 30.19 -38.11 2.38
N VAL H 276 31.27 -37.52 2.89
CA VAL H 276 32.61 -37.90 2.45
C VAL H 276 32.94 -39.29 2.95
N GLN H 277 33.63 -40.07 2.10
CA GLN H 277 33.98 -41.44 2.43
C GLN H 277 35.39 -41.50 2.98
N PRO H 278 35.58 -41.79 4.26
CA PRO H 278 36.93 -41.92 4.79
C PRO H 278 37.63 -43.17 4.26
N SER H 279 38.95 -43.17 4.36
CA SER H 279 39.74 -44.28 3.84
C SER H 279 39.58 -45.52 4.71
N SER H 280 39.97 -46.66 4.14
CA SER H 280 39.84 -47.93 4.86
C SER H 280 40.65 -47.95 6.14
N ASP H 281 41.77 -47.22 6.17
CA ASP H 281 42.69 -47.22 7.30
C ASP H 281 42.57 -45.96 8.15
N SER H 282 41.43 -45.28 8.07
CA SER H 282 41.24 -44.04 8.82
C SER H 282 41.01 -44.32 10.29
N GLU H 283 41.62 -43.50 11.14
CA GLU H 283 41.33 -43.51 12.58
C GLU H 283 40.21 -42.50 12.81
N LEU H 284 38.98 -43.00 12.86
CA LEU H 284 37.81 -42.13 12.88
C LEU H 284 37.68 -41.41 14.21
N PRO H 285 37.47 -40.09 14.21
CA PRO H 285 37.20 -39.39 15.48
C PRO H 285 35.79 -39.65 15.96
N SER H 286 35.68 -39.85 17.27
CA SER H 286 34.38 -40.07 17.89
C SER H 286 33.52 -38.81 17.84
N GLY H 287 32.21 -39.01 17.89
CA GLY H 287 31.29 -37.87 17.86
C GLY H 287 31.59 -36.90 18.98
N ARG H 288 31.48 -35.60 18.66
CA ARG H 288 31.85 -34.57 19.61
C ARG H 288 31.13 -33.27 19.24
N LEU H 289 31.10 -32.34 20.19
CA LEU H 289 30.55 -31.01 19.97
C LEU H 289 31.43 -30.01 20.71
N PHE H 290 31.26 -28.74 20.33
CA PHE H 290 32.02 -27.62 20.89
C PHE H 290 33.53 -27.79 20.70
N HIS H 291 33.93 -28.55 19.69
CA HIS H 291 35.30 -28.56 19.21
C HIS H 291 35.51 -27.36 18.27
N ALA H 292 36.71 -27.24 17.73
CA ALA H 292 37.00 -26.20 16.76
C ALA H 292 37.95 -26.75 15.71
N ALA H 293 37.91 -26.12 14.53
CA ALA H 293 38.58 -26.66 13.35
C ALA H 293 39.38 -25.58 12.66
N ALA H 294 40.35 -26.02 11.87
CA ALA H 294 41.16 -25.14 11.05
C ALA H 294 41.71 -25.95 9.88
N VAL H 295 42.24 -25.25 8.88
CA VAL H 295 42.76 -25.87 7.68
C VAL H 295 44.18 -25.38 7.45
N ILE H 296 45.10 -26.31 7.26
CA ILE H 296 46.48 -26.02 6.87
C ILE H 296 46.81 -26.87 5.65
N SER H 297 47.38 -26.22 4.63
CA SER H 297 47.62 -26.86 3.33
C SER H 297 46.32 -27.43 2.79
N ASP H 298 46.26 -28.75 2.64
CA ASP H 298 45.06 -29.40 2.14
C ASP H 298 44.55 -30.44 3.14
N ALA H 299 44.48 -30.05 4.42
CA ALA H 299 44.02 -30.97 5.46
C ALA H 299 43.20 -30.20 6.47
N MET H 300 42.23 -30.90 7.07
CA MET H 300 41.39 -30.34 8.12
C MET H 300 41.84 -30.88 9.46
N TYR H 301 41.86 -30.02 10.47
CA TYR H 301 42.32 -30.37 11.80
C TYR H 301 41.21 -30.18 12.81
N ILE H 302 40.94 -31.21 13.61
CA ILE H 302 39.90 -31.20 14.63
C ILE H 302 40.58 -31.33 15.99
N PHE H 303 40.31 -30.38 16.88
CA PHE H 303 40.88 -30.40 18.22
C PHE H 303 39.80 -30.18 19.27
N GLY H 304 39.87 -30.96 20.34
CA GLY H 304 39.06 -30.73 21.51
C GLY H 304 37.61 -31.13 21.34
N GLY H 305 36.81 -30.68 22.29
CA GLY H 305 35.39 -30.93 22.30
C GLY H 305 34.97 -31.82 23.45
N THR H 306 33.65 -31.88 23.65
CA THR H 306 33.05 -32.83 24.58
C THR H 306 32.63 -34.07 23.82
N VAL H 307 33.01 -35.24 24.32
CA VAL H 307 32.86 -36.49 23.59
C VAL H 307 32.01 -37.48 24.38
N ASP H 308 30.69 -37.33 24.30
CA ASP H 308 29.75 -38.18 25.02
C ASP H 308 29.89 -37.97 26.52
N ASN H 309 28.95 -38.50 27.29
CA ASN H 309 28.83 -38.17 28.71
C ASN H 309 29.11 -36.68 28.90
N ASN H 310 30.15 -36.36 29.67
CA ASN H 310 30.70 -35.01 29.66
C ASN H 310 32.22 -35.04 29.58
N ILE H 311 32.79 -36.14 29.09
CA ILE H 311 34.23 -36.29 28.96
C ILE H 311 34.77 -35.24 27.99
N ARG H 312 35.48 -34.25 28.52
CA ARG H 312 36.15 -33.29 27.66
C ARG H 312 37.33 -33.96 26.98
N SER H 313 37.75 -33.41 25.85
CA SER H 313 38.73 -34.08 25.01
C SER H 313 39.91 -33.17 24.72
N GLY H 314 41.09 -33.77 24.67
CA GLY H 314 42.28 -33.07 24.21
C GLY H 314 42.82 -33.69 22.93
N GLU H 315 42.00 -34.53 22.30
CA GLU H 315 42.42 -35.25 21.10
C GLU H 315 42.56 -34.29 19.92
N MET H 316 43.49 -34.63 19.02
CA MET H 316 43.72 -33.88 17.79
C MET H 316 43.62 -34.83 16.61
N TYR H 317 42.74 -34.50 15.66
CA TYR H 317 42.49 -35.34 14.50
C TYR H 317 42.73 -34.54 13.23
N ARG H 318 43.23 -35.23 12.20
CA ARG H 318 43.54 -34.62 10.91
C ARG H 318 42.85 -35.39 9.80
N PHE H 319 41.99 -34.71 9.05
CA PHE H 319 41.40 -35.26 7.84
C PHE H 319 42.12 -34.72 6.63
N GLN H 320 42.62 -35.62 5.79
CA GLN H 320 43.36 -35.26 4.59
C GLN H 320 42.38 -35.07 3.43
N PHE H 321 42.20 -33.82 2.99
CA PHE H 321 41.47 -33.58 1.76
C PHE H 321 42.25 -34.17 0.57
N SER H 322 41.61 -34.13 -0.60
CA SER H 322 42.24 -34.62 -1.82
C SER H 322 43.58 -33.93 -2.06
N GLY I 1 57.86 -44.24 24.76
CA GLY I 1 56.71 -44.18 25.65
C GLY I 1 56.30 -42.76 26.02
N MET I 2 56.30 -42.46 27.32
CA MET I 2 55.90 -41.14 27.79
C MET I 2 56.60 -40.90 29.13
N THR I 3 57.66 -40.09 29.10
CA THR I 3 58.43 -39.74 30.28
C THR I 3 58.60 -38.24 30.38
N GLU I 4 58.69 -37.75 31.61
CA GLU I 4 58.88 -36.33 31.88
C GLU I 4 60.36 -36.05 32.14
N TYR I 5 60.80 -34.85 31.73
CA TYR I 5 62.20 -34.48 31.81
C TYR I 5 62.33 -33.06 32.34
N LYS I 6 63.04 -32.90 33.45
CA LYS I 6 63.27 -31.60 34.07
C LYS I 6 64.63 -31.08 33.60
N LEU I 7 64.61 -30.01 32.80
CA LEU I 7 65.83 -29.42 32.26
C LEU I 7 66.04 -28.03 32.86
N VAL I 8 67.31 -27.66 33.03
CA VAL I 8 67.69 -26.36 33.57
C VAL I 8 68.75 -25.74 32.68
N VAL I 9 68.48 -24.54 32.18
CA VAL I 9 69.41 -23.80 31.33
C VAL I 9 70.20 -22.83 32.22
N VAL I 10 71.48 -23.08 32.40
CA VAL I 10 72.34 -22.23 33.23
C VAL I 10 73.38 -21.57 32.33
N GLY I 11 74.01 -20.53 32.88
CA GLY I 11 75.03 -19.81 32.15
C GLY I 11 75.04 -18.34 32.54
N ALA I 12 76.12 -17.67 32.14
CA ALA I 12 76.28 -16.26 32.45
C ALA I 12 75.19 -15.43 31.77
N GLY I 13 75.00 -14.21 32.26
CA GLY I 13 73.99 -13.34 31.71
C GLY I 13 74.32 -12.94 30.28
N GLY I 14 73.28 -12.93 29.44
CA GLY I 14 73.43 -12.49 28.06
C GLY I 14 74.13 -13.43 27.12
N VAL I 15 74.21 -14.72 27.46
CA VAL I 15 74.82 -15.68 26.56
C VAL I 15 73.83 -16.21 25.52
N GLY I 16 72.54 -16.19 25.84
CA GLY I 16 71.54 -16.68 24.91
C GLY I 16 70.45 -17.51 25.56
N LYS I 17 70.61 -17.81 26.85
CA LYS I 17 69.73 -18.74 27.57
C LYS I 17 68.25 -18.50 27.26
N SER I 18 67.78 -17.27 27.48
CA SER I 18 66.38 -16.97 27.23
C SER I 18 66.04 -17.13 25.75
N ALA I 19 66.72 -16.36 24.89
CA ALA I 19 66.42 -16.40 23.46
C ALA I 19 66.58 -17.80 22.88
N LEU I 20 67.42 -18.63 23.49
CA LEU I 20 67.63 -19.99 22.99
C LEU I 20 66.47 -20.90 23.39
N THR I 21 66.00 -20.80 24.63
CA THR I 21 64.85 -21.58 25.05
C THR I 21 63.58 -21.11 24.34
N ILE I 22 63.41 -19.80 24.17
CA ILE I 22 62.28 -19.27 23.43
C ILE I 22 62.26 -19.82 22.01
N GLN I 23 63.43 -19.97 21.40
CA GLN I 23 63.51 -20.50 20.04
C GLN I 23 63.04 -21.93 19.98
N LEU I 24 63.40 -22.75 20.97
CA LEU I 24 62.97 -24.14 21.00
C LEU I 24 61.45 -24.25 21.10
N ILE I 25 60.81 -23.23 21.68
CA ILE I 25 59.41 -23.35 22.08
C ILE I 25 58.47 -22.85 20.99
N GLN I 26 58.74 -21.67 20.43
CA GLN I 26 57.85 -21.11 19.43
C GLN I 26 58.51 -20.97 18.06
N ASN I 27 59.76 -21.41 17.91
CA ASN I 27 60.49 -21.34 16.63
C ASN I 27 60.59 -19.90 16.14
N HIS I 28 60.91 -18.98 17.07
CA HIS I 28 61.08 -17.58 16.73
C HIS I 28 62.14 -16.97 17.64
N PHE I 29 63.00 -16.15 17.04
CA PHE I 29 64.06 -15.48 17.77
C PHE I 29 63.55 -14.20 18.42
N VAL I 30 64.05 -13.91 19.62
CA VAL I 30 63.67 -12.73 20.38
C VAL I 30 64.93 -11.93 20.68
N ASP I 31 65.00 -10.71 20.11
CA ASP I 31 66.19 -9.88 20.28
C ASP I 31 66.39 -9.48 21.73
N GLU I 32 65.48 -8.67 22.26
CA GLU I 32 65.60 -8.13 23.62
C GLU I 32 64.50 -8.74 24.50
N TYR I 33 64.88 -9.73 25.30
CA TYR I 33 64.03 -10.30 26.33
C TYR I 33 64.70 -10.05 27.67
N ASP I 34 63.96 -9.45 28.61
CA ASP I 34 64.41 -9.02 29.92
C ASP I 34 65.43 -10.00 30.49
N PRO I 35 66.68 -9.57 30.68
CA PRO I 35 67.75 -10.51 31.09
C PRO I 35 67.59 -11.05 32.50
N ALA I 36 66.67 -10.52 33.30
CA ALA I 36 66.51 -10.94 34.69
C ALA I 36 65.17 -11.64 34.93
N ILE I 37 64.56 -12.15 33.86
CA ILE I 37 63.31 -12.89 33.96
C ILE I 37 63.65 -14.38 34.04
N GLU I 38 63.19 -15.04 35.10
CA GLU I 38 63.45 -16.45 35.32
C GLU I 38 62.11 -17.15 35.47
N ASP I 39 61.74 -17.94 34.46
CA ASP I 39 60.49 -18.70 34.51
C ASP I 39 60.68 -19.97 33.71
N SER I 40 59.73 -20.89 33.88
CA SER I 40 59.79 -22.18 33.23
C SER I 40 58.99 -22.17 31.92
N TYR I 41 59.35 -23.10 31.04
CA TYR I 41 58.64 -23.35 29.80
C TYR I 41 58.38 -24.83 29.68
N ARG I 42 57.30 -25.19 28.99
CA ARG I 42 56.89 -26.59 28.87
C ARG I 42 56.57 -26.92 27.43
N LYS I 43 56.97 -28.12 27.00
CA LYS I 43 56.81 -28.55 25.61
C LYS I 43 56.72 -30.07 25.54
N GLN I 44 55.78 -30.55 24.73
CA GLN I 44 55.63 -31.96 24.42
C GLN I 44 56.16 -32.20 23.02
N VAL I 45 57.24 -32.99 22.92
CA VAL I 45 57.88 -33.24 21.62
C VAL I 45 58.41 -34.67 21.63
N VAL I 46 58.46 -35.26 20.44
CA VAL I 46 58.93 -36.63 20.28
C VAL I 46 60.45 -36.61 20.08
N ILE I 47 61.15 -37.42 20.89
CA ILE I 47 62.60 -37.56 20.81
C ILE I 47 62.92 -39.04 20.86
N ASP I 48 63.65 -39.53 19.84
CA ASP I 48 64.06 -40.93 19.75
C ASP I 48 62.85 -41.87 19.79
N GLY I 49 61.79 -41.50 19.09
CA GLY I 49 60.58 -42.31 19.06
C GLY I 49 59.86 -42.43 20.38
N GLU I 50 59.84 -41.35 21.18
CA GLU I 50 59.12 -41.35 22.45
C GLU I 50 58.62 -39.94 22.71
N THR I 51 57.34 -39.82 23.08
CA THR I 51 56.77 -38.52 23.41
C THR I 51 57.35 -38.04 24.74
N CYS I 52 58.18 -37.01 24.69
CA CYS I 52 58.85 -36.49 25.87
C CYS I 52 58.13 -35.24 26.37
N LEU I 53 58.01 -35.14 27.69
CA LEU I 53 57.40 -33.99 28.35
C LEU I 53 58.53 -33.17 28.97
N LEU I 54 58.74 -31.98 28.42
CA LEU I 54 59.90 -31.15 28.76
C LEU I 54 59.51 -30.05 29.75
N ASP I 55 60.22 -30.00 30.87
CA ASP I 55 60.06 -28.94 31.87
C ASP I 55 61.39 -28.19 31.92
N ILE I 56 61.46 -27.06 31.22
CA ILE I 56 62.70 -26.31 31.02
C ILE I 56 62.62 -25.00 31.77
N LEU I 57 63.67 -24.68 32.54
CA LEU I 57 63.73 -23.45 33.31
C LEU I 57 64.77 -22.52 32.69
N ASP I 58 64.32 -21.41 32.11
CA ASP I 58 65.21 -20.33 31.72
C ASP I 58 65.63 -19.60 32.99
N THR I 59 66.91 -19.67 33.33
CA THR I 59 67.38 -19.17 34.61
C THR I 59 67.88 -17.74 34.51
N ALA I 60 67.83 -17.03 35.65
CA ALA I 60 68.33 -15.68 35.75
C ALA I 60 68.58 -15.38 37.22
N GLY I 61 69.17 -14.23 37.49
CA GLY I 61 69.45 -13.87 38.87
C GLY I 61 70.82 -14.30 39.32
N GLN I 62 71.43 -13.47 40.17
CA GLN I 62 72.77 -13.70 40.64
C GLN I 62 72.87 -13.91 42.14
N ALA I 63 71.80 -13.60 42.86
CA ALA I 63 71.83 -13.72 44.33
C ALA I 63 71.29 -15.08 44.75
N GLU I 64 70.69 -15.15 45.94
CA GLU I 64 70.22 -16.46 46.45
C GLU I 64 69.14 -17.00 45.53
N TYR I 65 68.92 -18.30 45.59
CA TYR I 65 67.99 -18.93 44.62
C TYR I 65 66.56 -18.83 45.08
N SER I 66 65.71 -18.21 44.27
CA SER I 66 64.29 -18.25 44.56
C SER I 66 63.86 -19.68 44.86
N ALA I 67 62.82 -19.81 45.70
CA ALA I 67 62.38 -21.14 46.11
C ALA I 67 62.04 -22.04 44.92
N MET I 68 61.58 -21.44 43.83
CA MET I 68 61.30 -22.24 42.63
C MET I 68 62.59 -22.73 41.99
N ARG I 69 63.58 -21.84 41.85
CA ARG I 69 64.87 -22.27 41.31
C ARG I 69 65.56 -23.25 42.25
N ASP I 70 65.58 -22.94 43.55
CA ASP I 70 66.17 -23.83 44.54
C ASP I 70 65.73 -25.28 44.32
N GLN I 71 64.45 -25.50 44.05
CA GLN I 71 63.95 -26.86 43.84
C GLN I 71 64.27 -27.37 42.44
N TYR I 72 64.21 -26.49 41.43
CA TYR I 72 64.63 -26.89 40.09
C TYR I 72 66.08 -27.37 40.07
N MET I 73 66.94 -26.70 40.83
CA MET I 73 68.36 -27.08 40.84
C MET I 73 68.58 -28.41 41.56
N ARG I 74 67.74 -28.73 42.55
CA ARG I 74 67.90 -29.98 43.29
C ARG I 74 67.23 -31.16 42.60
N THR I 75 66.13 -30.92 41.90
CA THR I 75 65.41 -31.99 41.21
C THR I 75 65.73 -32.06 39.71
N GLY I 76 66.40 -31.05 39.16
CA GLY I 76 66.71 -31.00 37.75
C GLY I 76 67.40 -32.25 37.23
N GLU I 77 66.83 -32.86 36.20
CA GLU I 77 67.36 -34.10 35.65
C GLU I 77 68.52 -33.86 34.68
N GLY I 78 68.59 -32.68 34.08
CA GLY I 78 69.67 -32.37 33.16
C GLY I 78 69.88 -30.87 33.08
N PHE I 79 71.11 -30.47 32.74
CA PHE I 79 71.50 -29.07 32.75
C PHE I 79 72.20 -28.71 31.45
N LEU I 80 71.74 -27.61 30.83
CA LEU I 80 72.43 -27.02 29.69
C LEU I 80 73.40 -25.95 30.20
N CYS I 81 74.70 -26.16 29.94
CA CYS I 81 75.73 -25.20 30.31
C CYS I 81 76.05 -24.36 29.07
N VAL I 82 75.54 -23.13 29.05
CA VAL I 82 75.56 -22.28 27.87
C VAL I 82 76.62 -21.20 28.03
N PHE I 83 77.36 -20.94 26.95
CA PHE I 83 78.31 -19.85 26.89
C PHE I 83 78.27 -19.25 25.48
N ALA I 84 78.75 -18.03 25.36
CA ALA I 84 78.80 -17.35 24.08
C ALA I 84 80.17 -17.54 23.44
N ILE I 85 80.18 -18.00 22.18
CA ILE I 85 81.44 -18.24 21.48
C ILE I 85 82.17 -16.94 21.15
N ASN I 86 81.56 -15.79 21.39
CA ASN I 86 82.19 -14.49 21.17
C ASN I 86 82.54 -13.78 22.46
N ASN I 87 82.43 -14.45 23.60
CA ASN I 87 82.71 -13.84 24.90
C ASN I 87 83.47 -14.86 25.74
N THR I 88 84.76 -14.62 25.95
CA THR I 88 85.58 -15.55 26.73
C THR I 88 85.05 -15.68 28.15
N LYS I 89 84.58 -14.58 28.74
CA LYS I 89 84.19 -14.60 30.15
C LYS I 89 83.05 -15.59 30.39
N SER I 90 82.13 -15.72 29.43
CA SER I 90 81.09 -16.72 29.55
C SER I 90 81.66 -18.13 29.50
N PHE I 91 82.76 -18.33 28.78
CA PHE I 91 83.44 -19.61 28.76
C PHE I 91 84.19 -19.85 30.06
N GLU I 92 84.76 -18.77 30.63
CA GLU I 92 85.44 -18.90 31.92
C GLU I 92 84.46 -19.30 33.02
N ASP I 93 83.21 -18.82 32.94
CA ASP I 93 82.24 -19.13 33.98
C ASP I 93 81.77 -20.57 33.94
N ILE I 94 82.02 -21.27 32.82
CA ILE I 94 81.55 -22.66 32.71
C ILE I 94 82.14 -23.52 33.82
N HIS I 95 83.41 -23.31 34.16
CA HIS I 95 84.05 -24.13 35.18
C HIS I 95 83.38 -23.96 36.54
N HIS I 96 82.93 -22.74 36.85
CA HIS I 96 82.22 -22.50 38.10
C HIS I 96 80.83 -23.13 38.11
N TYR I 97 80.07 -22.90 37.03
CA TYR I 97 78.70 -23.42 36.95
C TYR I 97 78.63 -24.94 37.12
N ARG I 98 79.71 -25.65 36.76
CA ARG I 98 79.69 -27.10 36.92
C ARG I 98 79.80 -27.50 38.38
N GLU I 99 80.66 -26.82 39.15
CA GLU I 99 80.76 -27.12 40.58
C GLU I 99 79.45 -26.83 41.30
N GLN I 100 78.70 -25.82 40.85
CA GLN I 100 77.40 -25.54 41.43
C GLN I 100 76.48 -26.74 41.34
N ILE I 101 76.28 -27.26 40.12
CA ILE I 101 75.37 -28.37 39.90
C ILE I 101 75.86 -29.61 40.64
N LYS I 102 77.17 -29.86 40.63
CA LYS I 102 77.71 -31.05 41.28
C LYS I 102 77.48 -30.99 42.79
N ARG I 103 77.66 -29.83 43.40
CA ARG I 103 77.51 -29.69 44.84
C ARG I 103 76.05 -29.74 45.28
N VAL I 104 75.14 -29.21 44.48
CA VAL I 104 73.74 -29.13 44.88
C VAL I 104 73.13 -30.52 44.98
N LYS I 105 73.46 -31.41 44.06
CA LYS I 105 72.86 -32.74 44.01
C LYS I 105 73.75 -33.81 44.64
N ASP I 106 74.95 -33.46 45.10
CA ASP I 106 75.86 -34.38 45.76
C ASP I 106 76.12 -35.61 44.88
N SER I 107 76.61 -35.33 43.67
CA SER I 107 76.90 -36.38 42.71
C SER I 107 77.88 -35.84 41.68
N GLU I 108 78.71 -36.74 41.15
CA GLU I 108 79.62 -36.40 40.07
C GLU I 108 79.04 -36.68 38.69
N ASP I 109 78.07 -37.58 38.60
CA ASP I 109 77.42 -37.92 37.33
C ASP I 109 76.05 -37.25 37.32
N VAL I 110 76.02 -36.00 36.86
CA VAL I 110 74.78 -35.28 36.58
C VAL I 110 74.72 -34.99 35.10
N PRO I 111 73.61 -35.30 34.42
CA PRO I 111 73.53 -35.08 32.97
C PRO I 111 73.76 -33.62 32.61
N MET I 112 74.70 -33.37 31.71
CA MET I 112 75.04 -32.02 31.28
C MET I 112 75.38 -32.02 29.80
N VAL I 113 75.17 -30.86 29.18
CA VAL I 113 75.54 -30.62 27.78
C VAL I 113 76.16 -29.23 27.68
N LEU I 114 77.35 -29.15 27.11
CA LEU I 114 78.02 -27.87 26.92
C LEU I 114 77.56 -27.25 25.60
N VAL I 115 77.11 -26.01 25.64
CA VAL I 115 76.50 -25.34 24.49
C VAL I 115 77.23 -24.02 24.25
N GLY I 116 77.80 -23.87 23.06
CA GLY I 116 78.35 -22.61 22.64
C GLY I 116 77.45 -21.86 21.70
N ASN I 117 76.69 -20.90 22.22
CA ASN I 117 75.70 -20.18 21.41
C ASN I 117 76.36 -19.03 20.64
N LYS I 118 75.56 -18.40 19.77
CA LYS I 118 75.96 -17.24 18.97
C LYS I 118 77.00 -17.61 17.91
N CYS I 119 76.97 -18.86 17.43
CA CYS I 119 77.92 -19.30 16.41
C CYS I 119 77.68 -18.60 15.07
N ASP I 120 76.52 -17.97 14.88
CA ASP I 120 76.27 -17.22 13.65
C ASP I 120 77.09 -15.95 13.59
N LEU I 121 77.62 -15.48 14.71
CA LEU I 121 78.38 -14.24 14.72
C LEU I 121 79.75 -14.47 14.09
N PRO I 122 80.19 -13.59 13.19
CA PRO I 122 81.54 -13.73 12.61
C PRO I 122 82.66 -13.27 13.53
N SER I 123 82.36 -13.02 14.81
CA SER I 123 83.34 -12.51 15.76
C SER I 123 83.70 -13.57 16.79
N ARG I 124 83.98 -14.79 16.33
CA ARG I 124 84.25 -15.88 17.25
C ARG I 124 85.52 -15.62 18.05
N THR I 125 85.46 -15.89 19.35
CA THR I 125 86.60 -15.71 20.24
C THR I 125 87.04 -17.00 20.91
N VAL I 126 86.11 -17.88 21.26
CA VAL I 126 86.42 -19.17 21.87
C VAL I 126 86.38 -20.20 20.76
N ASP I 127 87.56 -20.72 20.41
CA ASP I 127 87.68 -21.69 19.33
C ASP I 127 86.95 -22.99 19.69
N THR I 128 86.39 -23.64 18.66
CA THR I 128 85.70 -24.91 18.84
C THR I 128 86.61 -25.94 19.50
N LYS I 129 87.89 -25.91 19.17
CA LYS I 129 88.85 -26.84 19.77
C LYS I 129 88.88 -26.70 21.30
N GLN I 130 88.87 -25.46 21.79
CA GLN I 130 88.89 -25.23 23.24
C GLN I 130 87.71 -25.90 23.92
N ALA I 131 86.49 -25.56 23.50
CA ALA I 131 85.30 -26.11 24.11
C ALA I 131 85.20 -27.62 23.89
N GLN I 132 85.67 -28.10 22.73
CA GLN I 132 85.76 -29.54 22.52
C GLN I 132 86.65 -30.21 23.55
N ASP I 133 87.81 -29.59 23.82
CA ASP I 133 88.71 -30.13 24.84
C ASP I 133 88.04 -30.10 26.22
N LEU I 134 87.40 -28.98 26.57
CA LEU I 134 86.75 -28.87 27.87
C LEU I 134 85.62 -29.88 28.02
N ALA I 135 84.78 -30.01 26.99
CA ALA I 135 83.64 -30.92 27.08
C ALA I 135 84.11 -32.37 27.16
N ARG I 136 85.16 -32.73 26.42
CA ARG I 136 85.69 -34.08 26.50
C ARG I 136 86.24 -34.37 27.89
N SER I 137 86.90 -33.38 28.50
CA SER I 137 87.41 -33.55 29.87
C SER I 137 86.27 -33.73 30.86
N TYR I 138 85.19 -32.96 30.70
CA TYR I 138 84.02 -33.11 31.57
C TYR I 138 83.22 -34.37 31.27
N GLY I 139 83.42 -34.98 30.09
CA GLY I 139 82.65 -36.15 29.73
C GLY I 139 81.25 -35.86 29.22
N ILE I 140 81.04 -34.69 28.63
CA ILE I 140 79.72 -34.27 28.15
C ILE I 140 79.81 -33.85 26.70
N PRO I 141 78.73 -33.92 25.93
CA PRO I 141 78.76 -33.44 24.54
C PRO I 141 78.89 -31.92 24.48
N PHE I 142 79.34 -31.44 23.32
CA PHE I 142 79.45 -30.02 23.06
C PHE I 142 78.78 -29.71 21.73
N ILE I 143 77.78 -28.82 21.77
CA ILE I 143 77.03 -28.43 20.58
C ILE I 143 77.11 -26.91 20.44
N GLU I 144 77.48 -26.45 19.24
CA GLU I 144 77.44 -25.03 18.91
C GLU I 144 76.04 -24.68 18.40
N THR I 145 75.48 -23.59 18.90
CA THR I 145 74.12 -23.20 18.57
C THR I 145 74.08 -21.73 18.15
N SER I 146 73.01 -21.37 17.46
CA SER I 146 72.70 -19.99 17.13
C SER I 146 71.21 -19.78 17.31
N ALA I 147 70.81 -19.11 18.39
CA ALA I 147 69.39 -18.82 18.59
C ALA I 147 68.82 -17.93 17.50
N LYS I 148 69.67 -17.16 16.81
CA LYS I 148 69.17 -16.30 15.75
C LYS I 148 68.76 -17.11 14.52
N THR I 149 69.58 -18.09 14.13
CA THR I 149 69.31 -18.91 12.96
C THR I 149 68.76 -20.29 13.28
N ARG I 150 68.55 -20.60 14.57
CA ARG I 150 68.04 -21.88 15.05
C ARG I 150 69.00 -23.04 14.80
N GLN I 151 70.23 -22.75 14.38
CA GLN I 151 71.21 -23.81 14.15
C GLN I 151 71.51 -24.55 15.45
N GLY I 152 71.32 -25.85 15.45
CA GLY I 152 71.65 -26.67 16.61
C GLY I 152 70.75 -26.51 17.80
N VAL I 153 69.72 -25.66 17.72
CA VAL I 153 68.87 -25.41 18.88
C VAL I 153 68.12 -26.68 19.30
N ASP I 154 67.51 -27.36 18.33
CA ASP I 154 66.85 -28.63 18.64
C ASP I 154 67.87 -29.67 19.08
N ASP I 155 69.01 -29.73 18.41
CA ASP I 155 70.02 -30.73 18.73
C ASP I 155 70.50 -30.59 20.17
N ALA I 156 70.88 -29.38 20.58
CA ALA I 156 71.42 -29.16 21.92
C ALA I 156 70.44 -29.63 22.99
N PHE I 157 69.16 -29.29 22.84
CA PHE I 157 68.16 -29.69 23.83
C PHE I 157 67.89 -31.19 23.78
N TYR I 158 67.73 -31.74 22.58
CA TYR I 158 67.47 -33.18 22.46
C TYR I 158 68.65 -34.00 22.96
N THR I 159 69.88 -33.49 22.79
CA THR I 159 71.05 -34.19 23.30
C THR I 159 71.01 -34.32 24.81
N LEU I 160 70.58 -33.27 25.50
CA LEU I 160 70.44 -33.33 26.95
C LEU I 160 69.43 -34.39 27.37
N VAL I 161 68.35 -34.53 26.60
CA VAL I 161 67.37 -35.58 26.89
C VAL I 161 68.00 -36.96 26.69
N ARG I 162 68.83 -37.11 25.65
CA ARG I 162 69.52 -38.38 25.42
C ARG I 162 70.49 -38.70 26.55
N GLU I 163 71.18 -37.68 27.07
CA GLU I 163 72.11 -37.90 28.17
C GLU I 163 71.39 -38.28 29.45
N ILE I 164 70.20 -37.72 29.67
CA ILE I 164 69.41 -38.12 30.83
C ILE I 164 68.96 -39.57 30.70
N ARG I 165 68.58 -39.98 29.48
CA ARG I 165 68.22 -41.36 29.26
C ARG I 165 69.39 -42.30 29.56
N LYS I 166 70.59 -41.91 29.12
CA LYS I 166 71.77 -42.73 29.36
C LYS I 166 72.09 -42.82 30.85
N HIS I 167 71.98 -41.70 31.58
CA HIS I 167 72.25 -41.74 33.01
C HIS I 167 71.19 -42.54 33.76
N LYS I 168 69.96 -42.57 33.26
CA LYS I 168 68.92 -43.40 33.85
C LYS I 168 69.17 -44.89 33.61
N GLU I 169 70.05 -45.22 32.66
CA GLU I 169 70.32 -46.62 32.35
C GLU I 169 71.20 -47.27 33.42
N LYS I 170 72.15 -46.51 33.96
CA LYS I 170 73.01 -47.00 35.02
C LYS I 170 72.22 -47.20 36.31
N GLY J 1 67.67 4.95 69.34
CA GLY J 1 67.12 5.91 70.27
C GLY J 1 66.48 7.10 69.58
N THR J 2 67.14 7.60 68.55
CA THR J 2 66.61 8.70 67.76
C THR J 2 65.53 8.20 66.81
N VAL J 3 64.67 9.12 66.39
CA VAL J 3 63.65 8.78 65.39
C VAL J 3 64.31 8.52 64.06
N HIS J 4 63.80 7.52 63.34
CA HIS J 4 64.31 7.12 62.03
C HIS J 4 65.81 6.80 62.13
N ARG J 5 66.13 5.86 63.02
CA ARG J 5 67.51 5.51 63.31
C ARG J 5 67.71 4.01 63.20
N TRP J 6 68.72 3.60 62.43
CA TRP J 6 69.16 2.22 62.38
C TRP J 6 70.19 1.99 63.48
N ARG J 7 69.81 1.21 64.49
CA ARG J 7 70.74 0.77 65.52
C ARG J 7 71.19 -0.65 65.24
N ARG J 8 72.48 -0.92 65.42
CA ARG J 8 73.02 -2.27 65.25
C ARG J 8 72.98 -2.98 66.59
N LEU J 9 72.07 -3.93 66.72
CA LEU J 9 71.88 -4.70 67.94
C LEU J 9 72.87 -5.86 67.97
N PRO J 10 73.17 -6.41 69.14
CA PRO J 10 74.16 -7.49 69.21
C PRO J 10 73.70 -8.70 68.43
N PRO J 11 74.47 -9.13 67.43
CA PRO J 11 74.06 -10.27 66.61
C PRO J 11 74.01 -11.56 67.42
N CYS J 12 73.28 -12.52 66.90
CA CYS J 12 73.18 -13.84 67.51
C CYS J 12 74.46 -14.61 67.28
N ASP J 13 75.19 -14.88 68.36
CA ASP J 13 76.41 -15.66 68.27
C ASP J 13 76.11 -17.10 67.84
N GLU J 14 77.07 -17.70 67.14
CA GLU J 14 76.91 -19.10 66.73
C GLU J 14 76.80 -20.03 67.92
N PHE J 15 77.19 -19.57 69.12
CA PHE J 15 77.05 -20.36 70.33
C PHE J 15 75.60 -20.61 70.70
N VAL J 16 74.68 -19.75 70.25
CA VAL J 16 73.26 -19.91 70.52
C VAL J 16 72.53 -20.46 69.30
N GLY J 17 72.90 -20.01 68.11
CA GLY J 17 72.27 -20.48 66.89
C GLY J 17 73.05 -20.05 65.67
N ALA J 18 73.10 -20.91 64.66
CA ALA J 18 73.92 -20.64 63.49
C ALA J 18 73.35 -19.48 62.68
N ARG J 19 74.23 -18.70 62.07
CA ARG J 19 73.83 -17.67 61.14
C ARG J 19 73.01 -18.28 60.01
N ARG J 20 71.91 -17.64 59.66
CA ARG J 20 70.91 -18.31 58.83
C ARG J 20 70.18 -17.31 57.95
N SER J 21 69.47 -17.86 56.96
CA SER J 21 68.55 -17.11 56.11
C SER J 21 67.34 -18.00 55.85
N LYS J 22 66.33 -17.42 55.18
CA LYS J 22 65.10 -18.13 54.85
C LYS J 22 64.34 -18.57 56.11
N HIS J 23 64.55 -17.88 57.21
CA HIS J 23 63.93 -18.20 58.48
C HIS J 23 62.67 -17.37 58.69
N THR J 24 62.03 -17.55 59.85
CA THR J 24 60.89 -16.77 60.26
C THR J 24 61.16 -16.12 61.61
N VAL J 25 60.66 -14.90 61.78
CA VAL J 25 60.75 -14.17 63.04
C VAL J 25 59.35 -13.80 63.49
N VAL J 26 59.11 -13.89 64.79
CA VAL J 26 57.81 -13.65 65.39
C VAL J 26 58.00 -12.80 66.63
N ALA J 27 57.16 -11.77 66.78
CA ALA J 27 57.21 -10.88 67.93
C ALA J 27 56.14 -11.31 68.93
N TYR J 28 56.54 -11.42 70.19
CA TYR J 28 55.62 -11.72 71.28
C TYR J 28 56.15 -11.04 72.54
N LYS J 29 55.27 -10.30 73.23
CA LYS J 29 55.68 -9.44 74.33
C LYS J 29 56.77 -8.50 73.86
N ASP J 30 57.95 -8.56 74.48
CA ASP J 30 59.07 -7.70 74.13
C ASP J 30 60.25 -8.52 73.61
N ALA J 31 59.97 -9.58 72.86
CA ALA J 31 60.99 -10.48 72.36
C ALA J 31 60.68 -10.91 70.93
N ILE J 32 61.73 -11.20 70.17
CA ILE J 32 61.63 -11.73 68.81
C ILE J 32 61.96 -13.22 68.86
N TYR J 33 61.16 -14.02 68.19
CA TYR J 33 61.33 -15.48 68.19
C TYR J 33 61.71 -15.94 66.79
N VAL J 34 62.91 -16.52 66.66
CA VAL J 34 63.44 -16.99 65.40
C VAL J 34 63.27 -18.51 65.33
N PHE J 35 62.75 -19.00 64.20
CA PHE J 35 62.53 -20.42 64.02
C PHE J 35 63.01 -20.89 62.65
N GLY J 36 63.67 -22.03 62.62
CA GLY J 36 64.03 -22.68 61.38
C GLY J 36 65.04 -21.91 60.55
N GLY J 37 65.12 -22.28 59.28
CA GLY J 37 66.01 -21.62 58.35
C GLY J 37 67.09 -22.51 57.77
N ASP J 38 68.11 -21.88 57.17
CA ASP J 38 69.20 -22.57 56.51
C ASP J 38 70.50 -21.88 56.90
N ASN J 39 71.47 -22.66 57.36
CA ASN J 39 72.76 -22.12 57.80
C ASN J 39 73.85 -22.23 56.74
N GLY J 40 73.54 -22.77 55.57
CA GLY J 40 74.50 -22.99 54.52
C GLY J 40 74.93 -24.44 54.36
N LYS J 41 74.63 -25.28 55.35
CA LYS J 41 74.95 -26.70 55.30
C LYS J 41 73.73 -27.59 55.50
N THR J 42 72.83 -27.25 56.42
CA THR J 42 71.67 -28.07 56.72
C THR J 42 70.49 -27.19 57.09
N MET J 43 69.31 -27.79 57.07
CA MET J 43 68.10 -27.12 57.52
C MET J 43 68.02 -27.17 59.04
N LEU J 44 67.38 -26.15 59.62
CA LEU J 44 67.32 -25.98 61.07
C LEU J 44 65.89 -26.07 61.57
N ASN J 45 65.76 -26.50 62.83
CA ASN J 45 64.46 -26.46 63.50
C ASN J 45 64.58 -25.94 64.94
N ASP J 46 65.70 -25.29 65.28
CA ASP J 46 65.84 -24.70 66.60
C ASP J 46 64.99 -23.44 66.70
N LEU J 47 64.76 -23.00 67.94
CA LEU J 47 63.93 -21.84 68.23
C LEU J 47 64.74 -20.87 69.09
N LEU J 48 64.93 -19.66 68.58
CA LEU J 48 65.73 -18.64 69.24
C LEU J 48 64.82 -17.54 69.79
N ARG J 49 65.26 -16.92 70.89
CA ARG J 49 64.50 -15.86 71.55
C ARG J 49 65.43 -14.71 71.88
N PHE J 50 65.19 -13.55 71.25
CA PHE J 50 65.97 -12.33 71.49
C PHE J 50 65.12 -11.35 72.27
N ASP J 51 65.54 -11.05 73.50
CA ASP J 51 64.82 -10.13 74.37
C ASP J 51 65.28 -8.70 74.10
N VAL J 52 64.34 -7.83 73.71
CA VAL J 52 64.66 -6.46 73.32
C VAL J 52 65.19 -5.65 74.50
N LYS J 53 64.81 -5.99 75.72
CA LYS J 53 65.19 -5.17 76.87
C LYS J 53 66.67 -5.25 77.15
N ASP J 54 67.19 -6.44 77.45
CA ASP J 54 68.60 -6.62 77.75
C ASP J 54 69.44 -6.91 76.52
N CYS J 55 68.83 -6.94 75.33
CA CYS J 55 69.53 -7.30 74.09
C CYS J 55 70.23 -8.65 74.25
N SER J 56 69.48 -9.62 74.77
CA SER J 56 70.02 -10.92 75.17
C SER J 56 69.51 -12.00 74.23
N TRP J 57 70.43 -12.68 73.56
CA TRP J 57 70.09 -13.84 72.74
C TRP J 57 70.01 -15.10 73.60
N CYS J 58 69.19 -16.04 73.15
CA CYS J 58 68.81 -17.17 74.00
C CYS J 58 68.15 -18.29 73.21
N ARG J 59 68.60 -19.53 73.42
CA ARG J 59 67.95 -20.69 72.82
C ARG J 59 66.71 -21.03 73.64
N ALA J 60 65.54 -20.78 73.06
CA ALA J 60 64.28 -20.83 73.80
C ALA J 60 63.96 -22.24 74.30
N PHE J 61 63.29 -22.30 75.44
CA PHE J 61 62.92 -23.56 76.06
C PHE J 61 61.66 -24.13 75.40
N THR J 62 61.72 -25.40 75.01
CA THR J 62 60.61 -26.11 74.37
C THR J 62 60.43 -27.47 75.06
N THR J 63 59.32 -28.12 74.74
CA THR J 63 59.03 -29.45 75.31
C THR J 63 58.69 -30.45 74.22
N GLY J 64 57.54 -30.27 73.57
CA GLY J 64 57.03 -31.26 72.62
C GLY J 64 57.89 -31.46 71.40
N THR J 65 57.48 -32.38 70.52
CA THR J 65 58.21 -32.64 69.29
C THR J 65 58.09 -31.46 68.34
N PRO J 66 59.19 -30.83 67.94
CA PRO J 66 59.10 -29.65 67.08
C PRO J 66 58.84 -30.04 65.64
N PRO J 67 58.51 -29.08 64.78
CA PRO J 67 58.39 -29.39 63.34
C PRO J 67 59.72 -29.85 62.77
N ALA J 68 59.63 -30.56 61.66
CA ALA J 68 60.84 -31.00 60.97
C ALA J 68 61.62 -29.78 60.50
N PRO J 69 62.96 -29.87 60.48
CA PRO J 69 63.76 -28.74 60.00
C PRO J 69 63.36 -28.31 58.59
N ARG J 70 63.27 -27.00 58.39
CA ARG J 70 62.67 -26.49 57.16
C ARG J 70 63.07 -25.03 56.96
N TYR J 71 62.87 -24.55 55.73
CA TYR J 71 62.98 -23.14 55.43
C TYR J 71 61.92 -22.77 54.40
N HIS J 72 61.83 -21.46 54.13
CA HIS J 72 60.76 -20.89 53.29
C HIS J 72 59.38 -21.24 53.84
N HIS J 73 59.27 -21.31 55.16
CA HIS J 73 58.01 -21.59 55.84
C HIS J 73 57.42 -20.30 56.39
N SER J 74 56.20 -20.42 56.92
CA SER J 74 55.48 -19.29 57.49
C SER J 74 55.37 -19.44 59.00
N ALA J 75 55.28 -18.31 59.68
CA ALA J 75 55.05 -18.30 61.13
C ALA J 75 54.23 -17.07 61.49
N VAL J 76 53.17 -17.27 62.27
CA VAL J 76 52.26 -16.21 62.65
C VAL J 76 51.96 -16.31 64.14
N VAL J 77 51.21 -15.33 64.64
CA VAL J 77 50.87 -15.23 66.05
C VAL J 77 49.35 -15.27 66.20
N TYR J 78 48.87 -15.93 67.25
CA TYR J 78 47.45 -15.87 67.60
C TYR J 78 47.32 -16.13 69.09
N GLY J 79 47.18 -15.06 69.87
CA GLY J 79 47.05 -15.21 71.30
C GLY J 79 48.36 -15.66 71.92
N SER J 80 48.29 -16.71 72.74
CA SER J 80 49.44 -17.21 73.48
C SER J 80 50.26 -18.23 72.69
N SER J 81 50.08 -18.32 71.37
CA SER J 81 50.70 -19.38 70.59
C SER J 81 51.26 -18.84 69.28
N MET J 82 52.26 -19.54 68.76
CA MET J 82 52.81 -19.32 67.43
C MET J 82 52.39 -20.46 66.53
N PHE J 83 52.19 -20.17 65.24
CA PHE J 83 51.69 -21.15 64.29
C PHE J 83 52.61 -21.21 63.08
N VAL J 84 53.18 -22.38 62.83
CA VAL J 84 54.08 -22.62 61.72
C VAL J 84 53.35 -23.49 60.69
N PHE J 85 53.44 -23.10 59.42
CA PHE J 85 52.77 -23.82 58.35
C PHE J 85 53.70 -23.96 57.14
N GLY J 86 53.73 -25.16 56.57
CA GLY J 86 54.44 -25.41 55.33
C GLY J 86 55.96 -25.34 55.48
N GLY J 87 56.61 -25.20 54.32
CA GLY J 87 58.05 -25.13 54.23
C GLY J 87 58.63 -26.23 53.36
N TYR J 88 59.95 -26.35 53.39
CA TYR J 88 60.70 -27.29 52.58
C TYR J 88 61.50 -28.20 53.50
N THR J 89 61.34 -29.51 53.35
CA THR J 89 61.86 -30.50 54.29
C THR J 89 62.73 -31.52 53.58
N GLY J 90 63.82 -31.92 54.23
CA GLY J 90 64.67 -32.98 53.70
C GLY J 90 66.07 -32.91 54.28
N ASP J 91 67.03 -33.32 53.45
CA ASP J 91 68.45 -33.27 53.80
C ASP J 91 69.18 -32.54 52.68
N ILE J 92 69.64 -31.32 52.96
CA ILE J 92 70.33 -30.53 51.94
C ILE J 92 71.69 -31.15 51.63
N TYR J 93 72.42 -31.58 52.65
CA TYR J 93 73.81 -32.01 52.45
C TYR J 93 73.89 -33.22 51.53
N SER J 94 72.94 -34.15 51.66
CA SER J 94 72.89 -35.33 50.80
C SER J 94 71.92 -35.18 49.63
N ASN J 95 71.13 -34.10 49.61
CA ASN J 95 70.15 -33.84 48.56
C ASN J 95 69.18 -35.01 48.40
N SER J 96 68.61 -35.45 49.53
CA SER J 96 67.70 -36.59 49.53
C SER J 96 66.50 -36.28 50.41
N ASN J 97 65.41 -36.99 50.13
CA ASN J 97 64.19 -36.94 50.95
C ASN J 97 63.61 -35.53 50.99
N LEU J 98 63.67 -34.82 49.87
CA LEU J 98 63.22 -33.43 49.78
C LEU J 98 61.75 -33.39 49.39
N LYS J 99 60.97 -32.61 50.14
CA LYS J 99 59.55 -32.45 49.86
C LYS J 99 59.07 -31.14 50.47
N ASN J 100 58.05 -30.56 49.85
CA ASN J 100 57.34 -29.44 50.46
C ASN J 100 56.34 -29.97 51.49
N LYS J 101 55.88 -29.08 52.36
CA LYS J 101 55.03 -29.48 53.48
C LYS J 101 53.73 -28.69 53.48
N ASN J 102 52.75 -29.24 54.23
CA ASN J 102 51.51 -28.54 54.51
C ASN J 102 51.03 -28.79 55.94
N ASP J 103 51.91 -29.21 56.84
CA ASP J 103 51.55 -29.46 58.22
C ASP J 103 51.46 -28.15 59.01
N LEU J 104 50.86 -28.22 60.18
CA LEU J 104 50.55 -27.04 60.98
C LEU J 104 50.90 -27.33 62.44
N PHE J 105 51.80 -26.54 63.00
CA PHE J 105 52.29 -26.73 64.36
C PHE J 105 51.95 -25.52 65.22
N GLU J 106 51.76 -25.77 66.51
CA GLU J 106 51.47 -24.72 67.49
C GLU J 106 52.58 -24.68 68.54
N TYR J 107 53.00 -23.47 68.88
CA TYR J 107 54.00 -23.26 69.94
C TYR J 107 53.44 -22.26 70.94
N LYS J 108 53.03 -22.76 72.11
CA LYS J 108 52.53 -21.90 73.18
C LYS J 108 53.70 -21.21 73.87
N PHE J 109 53.75 -19.87 73.80
CA PHE J 109 54.82 -19.12 74.43
C PHE J 109 54.85 -19.32 75.93
N ALA J 110 53.70 -19.61 76.54
CA ALA J 110 53.63 -19.73 77.99
C ALA J 110 54.38 -20.98 78.47
N THR J 111 54.17 -22.11 77.81
CA THR J 111 54.73 -23.38 78.24
C THR J 111 55.84 -23.90 77.33
N GLY J 112 56.02 -23.31 76.15
CA GLY J 112 56.96 -23.86 75.20
C GLY J 112 56.50 -25.15 74.57
N GLN J 113 55.19 -25.35 74.45
CA GLN J 113 54.60 -26.62 74.05
C GLN J 113 54.47 -26.66 72.53
N TRP J 114 55.23 -27.55 71.90
CA TRP J 114 55.05 -27.84 70.48
C TRP J 114 53.89 -28.82 70.32
N THR J 115 52.93 -28.46 69.46
CA THR J 115 51.77 -29.32 69.22
C THR J 115 51.39 -29.26 67.75
N GLU J 116 51.43 -30.40 67.08
CA GLU J 116 51.00 -30.49 65.69
C GLU J 116 49.48 -30.54 65.62
N TRP J 117 48.91 -29.68 64.78
CA TRP J 117 47.47 -29.70 64.53
C TRP J 117 47.20 -30.68 63.40
N LYS J 118 46.83 -31.90 63.75
CA LYS J 118 46.52 -32.94 62.77
C LYS J 118 45.13 -32.67 62.22
N ILE J 119 45.06 -31.98 61.08
CA ILE J 119 43.79 -31.52 60.52
C ILE J 119 43.27 -32.57 59.54
N GLU J 120 41.97 -32.84 59.63
CA GLU J 120 41.32 -33.75 58.72
C GLU J 120 40.70 -32.99 57.55
N GLY J 121 40.04 -33.71 56.65
CA GLY J 121 39.50 -33.13 55.45
C GLY J 121 40.59 -32.85 54.44
N ARG J 122 40.20 -32.22 53.33
CA ARG J 122 41.16 -31.88 52.29
C ARG J 122 42.06 -30.75 52.77
N LEU J 123 43.32 -30.81 52.37
CA LEU J 123 44.34 -29.86 52.80
C LEU J 123 44.84 -29.03 51.63
N PRO J 124 45.36 -27.83 51.90
CA PRO J 124 46.02 -27.07 50.82
C PRO J 124 47.23 -27.83 50.32
N VAL J 125 47.56 -27.59 49.04
CA VAL J 125 48.70 -28.25 48.44
C VAL J 125 49.96 -27.88 49.22
N ALA J 126 50.78 -28.90 49.51
CA ALA J 126 52.03 -28.65 50.22
C ALA J 126 52.89 -27.66 49.43
N ARG J 127 53.40 -26.65 50.13
CA ARG J 127 53.99 -25.51 49.45
C ARG J 127 55.08 -24.89 50.32
N SER J 128 55.87 -24.03 49.69
CA SER J 128 56.89 -23.24 50.36
C SER J 128 56.88 -21.83 49.78
N ALA J 129 57.60 -20.94 50.45
CA ALA J 129 57.72 -19.52 50.04
C ALA J 129 56.38 -18.82 49.95
N HIS J 130 55.34 -19.38 50.56
CA HIS J 130 54.01 -18.78 50.54
C HIS J 130 53.96 -17.59 51.48
N GLY J 131 52.84 -16.88 51.44
CA GLY J 131 52.55 -15.81 52.37
C GLY J 131 51.52 -16.25 53.38
N ALA J 132 51.56 -15.66 54.57
CA ALA J 132 50.65 -16.05 55.63
C ALA J 132 50.40 -14.87 56.57
N THR J 133 49.20 -14.85 57.13
CA THR J 133 48.80 -13.82 58.08
C THR J 133 47.57 -14.30 58.84
N VAL J 134 47.22 -13.58 59.90
CA VAL J 134 46.07 -13.89 60.72
C VAL J 134 45.05 -12.76 60.63
N TYR J 135 43.78 -13.12 60.51
CA TYR J 135 42.71 -12.13 60.50
C TYR J 135 41.40 -12.82 60.87
N SER J 136 40.61 -12.14 61.70
CA SER J 136 39.30 -12.62 62.16
C SER J 136 39.36 -14.07 62.64
N ASP J 137 40.32 -14.33 63.53
CA ASP J 137 40.48 -15.62 64.22
C ASP J 137 40.78 -16.76 63.25
N LYS J 138 41.35 -16.46 62.09
CA LYS J 138 41.67 -17.48 61.10
C LYS J 138 43.05 -17.22 60.53
N LEU J 139 43.74 -18.31 60.19
CA LEU J 139 45.04 -18.23 59.53
C LEU J 139 44.84 -18.21 58.02
N TRP J 140 45.36 -17.17 57.36
CA TRP J 140 45.26 -17.01 55.92
C TRP J 140 46.60 -17.34 55.29
N ILE J 141 46.60 -18.25 54.32
CA ILE J 141 47.79 -18.60 53.57
C ILE J 141 47.51 -18.37 52.08
N PHE J 142 48.51 -17.87 51.36
CA PHE J 142 48.31 -17.41 49.99
C PHE J 142 49.53 -17.72 49.13
N ALA J 143 49.26 -18.25 47.93
CA ALA J 143 50.26 -18.41 46.86
C ALA J 143 51.36 -19.37 47.32
N GLY J 144 52.55 -19.25 46.74
CA GLY J 144 53.69 -20.08 47.07
C GLY J 144 54.07 -20.98 45.91
N TYR J 145 55.04 -21.85 46.19
CA TYR J 145 55.48 -22.85 45.23
C TYR J 145 55.25 -24.23 45.82
N ASP J 146 54.66 -25.13 45.03
CA ASP J 146 54.23 -26.44 45.51
C ASP J 146 55.14 -27.58 45.05
N GLY J 147 56.18 -27.30 44.27
CA GLY J 147 57.01 -28.33 43.69
C GLY J 147 56.71 -28.62 42.23
N ASN J 148 55.58 -28.12 41.73
CA ASN J 148 55.21 -28.27 40.33
C ASN J 148 55.09 -26.94 39.59
N ALA J 149 54.46 -25.94 40.22
CA ALA J 149 54.33 -24.62 39.62
C ALA J 149 54.03 -23.62 40.72
N ARG J 150 54.19 -22.34 40.39
CA ARG J 150 53.84 -21.28 41.32
C ARG J 150 52.33 -21.23 41.49
N LEU J 151 51.90 -20.81 42.67
CA LEU J 151 50.49 -20.85 43.05
C LEU J 151 49.92 -19.46 43.21
N ASN J 152 48.58 -19.39 43.22
CA ASN J 152 47.89 -18.14 43.55
C ASN J 152 46.58 -18.39 44.29
N ASP J 153 46.37 -19.58 44.84
CA ASP J 153 45.19 -19.87 45.62
C ASP J 153 45.30 -19.27 47.01
N MET J 154 44.21 -19.36 47.78
CA MET J 154 44.17 -18.83 49.12
C MET J 154 43.31 -19.74 49.98
N TRP J 155 43.79 -20.04 51.20
CA TRP J 155 43.09 -20.94 52.11
C TRP J 155 43.01 -20.29 53.49
N THR J 156 42.02 -20.72 54.26
CA THR J 156 41.86 -20.30 55.64
C THR J 156 41.70 -21.53 56.52
N ILE J 157 41.97 -21.32 57.81
CA ILE J 157 41.85 -22.37 58.82
C ILE J 157 41.56 -21.70 60.15
N GLY J 158 40.49 -22.12 60.81
CA GLY J 158 40.16 -21.55 62.10
C GLY J 158 41.20 -21.92 63.16
N LEU J 159 41.57 -20.93 63.96
CA LEU J 159 42.60 -21.10 64.99
C LEU J 159 42.01 -21.10 66.39
N GLN J 160 40.75 -21.52 66.52
CA GLN J 160 40.06 -21.50 67.79
C GLN J 160 40.01 -22.87 68.47
N ASP J 161 39.55 -23.90 67.76
CA ASP J 161 39.44 -25.25 68.30
C ASP J 161 40.07 -26.22 67.31
N ARG J 162 41.16 -26.87 67.70
CA ARG J 162 41.86 -27.77 66.79
C ARG J 162 41.00 -28.96 66.39
N GLU J 163 40.12 -29.43 67.28
CA GLU J 163 39.39 -30.66 67.02
C GLU J 163 38.29 -30.45 65.97
N LEU J 164 37.61 -29.31 66.01
CA LEU J 164 36.48 -29.06 65.12
C LEU J 164 36.87 -28.34 63.83
N THR J 165 38.02 -27.68 63.78
CA THR J 165 38.35 -26.83 62.66
C THR J 165 38.88 -27.64 61.48
N CYS J 166 38.78 -27.04 60.29
CA CYS J 166 39.25 -27.68 59.06
C CYS J 166 39.55 -26.60 58.03
N TRP J 167 40.33 -26.97 57.02
CA TRP J 167 40.78 -26.03 56.00
C TRP J 167 39.66 -25.72 55.02
N GLU J 168 39.54 -24.45 54.64
CA GLU J 168 38.68 -24.01 53.55
C GLU J 168 39.49 -23.27 52.51
N GLU J 169 39.14 -23.44 51.25
CA GLU J 169 39.78 -22.71 50.16
C GLU J 169 38.98 -21.45 49.87
N VAL J 170 39.67 -20.33 49.77
CA VAL J 170 39.02 -19.03 49.59
C VAL J 170 38.66 -18.84 48.12
N ALA J 171 37.42 -18.43 47.87
CA ALA J 171 36.97 -18.08 46.52
C ALA J 171 37.36 -16.63 46.26
N GLN J 172 38.56 -16.44 45.72
CA GLN J 172 39.08 -15.10 45.47
C GLN J 172 38.43 -14.50 44.24
N SER J 173 38.18 -13.19 44.29
CA SER J 173 37.71 -12.43 43.15
C SER J 173 38.55 -11.16 43.02
N GLY J 174 38.41 -10.50 41.88
CA GLY J 174 39.16 -9.29 41.62
C GLY J 174 40.43 -9.56 40.83
N GLU J 175 41.26 -8.52 40.75
CA GLU J 175 42.52 -8.58 40.02
C GLU J 175 43.55 -9.32 40.89
N ILE J 176 43.50 -10.65 40.81
CA ILE J 176 44.39 -11.49 41.62
C ILE J 176 45.83 -11.26 41.19
N PRO J 177 46.78 -11.16 42.11
CA PRO J 177 48.18 -11.10 41.71
C PRO J 177 48.57 -12.34 40.95
N PRO J 178 49.49 -12.22 39.99
CA PRO J 178 50.00 -13.43 39.31
C PRO J 178 50.69 -14.35 40.30
N SER J 179 50.88 -15.60 39.87
CA SER J 179 51.47 -16.63 40.73
C SER J 179 52.81 -16.16 41.29
N CYS J 180 52.89 -16.05 42.61
CA CYS J 180 54.01 -15.43 43.29
C CYS J 180 54.59 -16.37 44.33
N CYS J 181 55.83 -16.07 44.72
CA CYS J 181 56.49 -16.73 45.85
C CYS J 181 57.64 -15.84 46.30
N ASN J 182 58.10 -16.08 47.52
CA ASN J 182 59.21 -15.33 48.12
C ASN J 182 58.89 -13.83 48.14
N PHE J 183 57.71 -13.50 48.64
CA PHE J 183 57.23 -12.14 48.79
C PHE J 183 56.82 -11.89 50.24
N PRO J 184 56.76 -10.62 50.67
CA PRO J 184 56.29 -10.35 52.02
C PRO J 184 54.82 -9.97 52.05
N VAL J 185 54.16 -10.25 53.18
CA VAL J 185 52.76 -9.93 53.39
C VAL J 185 52.67 -9.02 54.60
N ALA J 186 51.76 -8.04 54.53
CA ALA J 186 51.53 -7.12 55.63
C ALA J 186 50.04 -6.80 55.68
N VAL J 187 49.51 -6.71 56.90
CA VAL J 187 48.11 -6.40 57.12
C VAL J 187 48.01 -4.98 57.66
N CYS J 188 47.07 -4.22 57.11
CA CYS J 188 46.82 -2.85 57.55
C CYS J 188 45.34 -2.55 57.43
N ARG J 189 44.81 -1.80 58.39
CA ARG J 189 43.38 -1.53 58.46
C ARG J 189 42.62 -2.85 58.44
N ASP J 190 41.85 -3.07 57.37
CA ASP J 190 41.16 -4.34 57.15
C ASP J 190 41.57 -4.95 55.82
N LYS J 191 42.81 -4.72 55.40
CA LYS J 191 43.30 -5.14 54.10
C LYS J 191 44.61 -5.90 54.26
N MET J 192 44.86 -6.82 53.32
CA MET J 192 46.11 -7.56 53.23
C MET J 192 46.89 -7.06 52.02
N PHE J 193 48.18 -6.80 52.21
CA PHE J 193 49.00 -6.19 51.18
C PHE J 193 50.11 -7.15 50.72
N VAL J 194 50.43 -7.07 49.43
CA VAL J 194 51.51 -7.84 48.83
C VAL J 194 52.23 -6.93 47.85
N PHE J 195 53.56 -6.83 47.98
CA PHE J 195 54.37 -5.98 47.12
C PHE J 195 55.37 -6.83 46.36
N SER J 196 55.33 -6.73 45.03
CA SER J 196 56.29 -7.42 44.16
C SER J 196 56.38 -8.89 44.47
N GLY J 197 57.59 -9.44 44.47
CA GLY J 197 57.81 -10.85 44.71
C GLY J 197 58.13 -11.59 43.43
N GLN J 198 58.80 -12.73 43.60
CA GLN J 198 59.19 -13.56 42.46
C GLN J 198 57.97 -14.18 41.80
N SER J 199 57.45 -13.52 40.75
CA SER J 199 56.40 -14.07 39.91
C SER J 199 56.93 -14.39 38.51
N GLY J 200 58.22 -14.73 38.41
CA GLY J 200 58.84 -15.15 37.18
C GLY J 200 58.73 -14.18 36.02
N ALA J 201 58.01 -14.59 34.97
CA ALA J 201 57.90 -13.75 33.78
C ALA J 201 57.12 -12.46 34.05
N LYS J 202 56.23 -12.48 35.04
CA LYS J 202 55.34 -11.36 35.31
C LYS J 202 55.78 -10.53 36.51
N ILE J 203 57.06 -10.56 36.85
CA ILE J 203 57.53 -9.86 38.04
C ILE J 203 57.56 -8.36 37.77
N THR J 204 56.89 -7.59 38.63
CA THR J 204 56.93 -6.13 38.60
C THR J 204 56.87 -5.63 40.03
N ASN J 205 56.84 -4.31 40.17
CA ASN J 205 56.73 -3.66 41.48
C ASN J 205 55.31 -3.17 41.73
N ASN J 206 54.34 -4.06 41.50
CA ASN J 206 52.94 -3.74 41.74
C ASN J 206 52.57 -4.02 43.19
N LEU J 207 51.74 -3.16 43.76
CA LEU J 207 51.24 -3.31 45.11
C LEU J 207 49.80 -3.77 45.03
N PHE J 208 49.51 -4.92 45.62
CA PHE J 208 48.17 -5.49 45.63
C PHE J 208 47.61 -5.43 47.05
N GLN J 209 46.32 -5.11 47.15
CA GLN J 209 45.61 -5.16 48.43
C GLN J 209 44.43 -6.11 48.33
N PHE J 210 44.18 -6.82 49.43
CA PHE J 210 43.12 -7.83 49.48
C PHE J 210 42.17 -7.48 50.61
N GLU J 211 40.94 -7.08 50.26
CA GLU J 211 39.93 -6.78 51.27
C GLU J 211 39.40 -8.07 51.85
N PHE J 212 39.58 -8.26 53.16
CA PHE J 212 39.25 -9.52 53.80
C PHE J 212 37.75 -9.79 53.80
N LYS J 213 36.92 -8.74 53.86
CA LYS J 213 35.50 -8.95 54.10
C LYS J 213 34.75 -9.48 52.88
N ASP J 214 35.17 -9.10 51.66
CA ASP J 214 34.48 -9.52 50.44
C ASP J 214 35.39 -10.26 49.47
N LYS J 215 36.56 -10.70 49.94
CA LYS J 215 37.48 -11.55 49.17
C LYS J 215 37.78 -10.96 47.79
N THR J 216 38.26 -9.71 47.78
CA THR J 216 38.48 -8.98 46.53
C THR J 216 39.90 -8.43 46.49
N TRP J 217 40.64 -8.78 45.44
CA TRP J 217 41.98 -8.24 45.20
C TRP J 217 41.89 -6.96 44.38
N THR J 218 42.86 -6.06 44.60
CA THR J 218 42.92 -4.81 43.87
C THR J 218 44.36 -4.36 43.73
N ARG J 219 44.77 -4.05 42.49
CA ARG J 219 46.09 -3.48 42.24
C ARG J 219 46.06 -1.98 42.48
N ILE J 220 46.90 -1.50 43.38
CA ILE J 220 46.96 -0.07 43.69
C ILE J 220 47.65 0.65 42.54
N PRO J 221 46.98 1.60 41.88
CA PRO J 221 47.62 2.33 40.78
C PRO J 221 48.60 3.37 41.32
N THR J 222 49.29 4.01 40.40
CA THR J 222 50.23 5.07 40.77
C THR J 222 50.37 6.03 39.60
N GLU J 223 50.47 7.32 39.92
CA GLU J 223 50.59 8.36 38.91
C GLU J 223 52.00 8.92 38.81
N HIS J 224 52.73 8.96 39.92
CA HIS J 224 54.12 9.45 40.05
C HIS J 224 54.71 10.14 38.81
N PRO J 230 56.38 10.14 44.00
CA PRO J 230 57.63 9.37 44.02
C PRO J 230 57.45 7.98 43.41
N PRO J 231 58.50 7.45 42.76
CA PRO J 231 58.37 6.14 42.13
C PRO J 231 58.35 5.05 43.18
N PRO J 232 57.63 3.95 42.93
CA PRO J 232 57.65 2.83 43.87
C PRO J 232 59.02 2.17 43.88
N PRO J 233 59.35 1.44 44.95
CA PRO J 233 60.64 0.75 44.99
C PRO J 233 60.76 -0.26 43.84
N GLN J 234 61.97 -0.44 43.37
CA GLN J 234 62.23 -1.36 42.28
C GLN J 234 61.81 -2.78 42.65
N ARG J 235 61.34 -3.54 41.65
CA ARG J 235 60.84 -4.88 41.89
C ARG J 235 61.94 -5.76 42.48
N ARG J 236 61.54 -6.66 43.37
CA ARG J 236 62.50 -7.44 44.15
C ARG J 236 61.81 -8.71 44.64
N TYR J 237 62.61 -9.60 45.23
CA TYR J 237 62.10 -10.79 45.88
C TYR J 237 62.96 -11.10 47.11
N GLY J 238 62.38 -11.85 48.04
CA GLY J 238 63.05 -12.15 49.28
C GLY J 238 63.20 -10.95 50.20
N HIS J 239 62.27 -10.00 50.13
CA HIS J 239 62.30 -8.81 50.95
C HIS J 239 61.21 -8.89 52.02
N THR J 240 61.26 -7.97 52.97
CA THR J 240 60.34 -7.95 54.10
C THR J 240 59.52 -6.67 54.09
N MET J 241 58.24 -6.82 54.41
CA MET J 241 57.30 -5.69 54.47
C MET J 241 56.53 -5.78 55.78
N VAL J 242 56.57 -4.70 56.57
CA VAL J 242 55.81 -4.60 57.81
C VAL J 242 54.96 -3.35 57.76
N ALA J 243 53.90 -3.35 58.56
CA ALA J 243 52.97 -2.23 58.66
C ALA J 243 53.12 -1.54 60.00
N PHE J 244 53.03 -0.21 60.00
CA PHE J 244 53.05 0.56 61.22
C PHE J 244 52.43 1.92 60.97
N ASP J 245 51.38 2.25 61.71
CA ASP J 245 50.73 3.57 61.66
C ASP J 245 50.34 3.95 60.23
N ARG J 246 49.55 3.09 59.61
CA ARG J 246 49.03 3.32 58.26
C ARG J 246 50.17 3.63 57.27
N HIS J 247 51.30 2.98 57.48
CA HIS J 247 52.47 3.13 56.62
C HIS J 247 53.09 1.77 56.42
N LEU J 248 53.41 1.42 55.18
CA LEU J 248 54.04 0.14 54.86
C LEU J 248 55.54 0.37 54.68
N TYR J 249 56.34 -0.40 55.42
CA TYR J 249 57.79 -0.28 55.40
C TYR J 249 58.37 -1.52 54.73
N VAL J 250 58.98 -1.33 53.56
CA VAL J 250 59.57 -2.41 52.78
C VAL J 250 61.08 -2.24 52.80
N PHE J 251 61.80 -3.32 53.13
CA PHE J 251 63.26 -3.28 53.22
C PHE J 251 63.87 -4.52 52.59
N GLY J 252 65.04 -4.34 51.98
CA GLY J 252 65.87 -5.47 51.59
C GLY J 252 65.40 -6.15 50.32
N GLY J 253 65.72 -7.44 50.23
CA GLY J 253 65.45 -8.21 49.04
C GLY J 253 66.53 -8.07 47.98
N ALA J 254 66.40 -8.90 46.95
CA ALA J 254 67.30 -8.85 45.79
C ALA J 254 66.53 -8.29 44.61
N ALA J 255 67.05 -7.22 44.03
CA ALA J 255 66.38 -6.51 42.93
C ALA J 255 67.32 -6.50 41.72
N ASP J 256 67.03 -7.38 40.76
CA ASP J 256 67.80 -7.50 39.53
C ASP J 256 69.30 -7.58 39.80
N ASN J 257 69.67 -8.69 40.45
CA ASN J 257 71.06 -9.05 40.72
C ASN J 257 71.75 -8.03 41.65
N THR J 258 70.98 -7.21 42.35
CA THR J 258 71.51 -6.30 43.35
C THR J 258 70.71 -6.47 44.64
N LEU J 259 71.24 -5.95 45.73
CA LEU J 259 70.62 -6.04 47.06
C LEU J 259 70.47 -4.65 47.65
N PRO J 260 69.50 -3.87 47.19
CA PRO J 260 69.35 -2.50 47.71
C PRO J 260 68.90 -2.52 49.17
N ASN J 261 69.31 -1.48 49.89
CA ASN J 261 68.98 -1.36 51.31
C ASN J 261 68.25 -0.05 51.62
N GLU J 262 67.59 0.55 50.64
CA GLU J 262 66.72 1.68 50.93
C GLU J 262 65.46 1.19 51.63
N LEU J 263 65.04 1.92 52.66
CA LEU J 263 63.80 1.62 53.37
C LEU J 263 62.69 2.47 52.74
N HIS J 264 61.75 1.81 52.08
CA HIS J 264 60.68 2.50 51.37
C HIS J 264 59.43 2.49 52.23
N CYS J 265 58.69 3.60 52.20
CA CYS J 265 57.49 3.77 53.01
C CYS J 265 56.32 4.07 52.10
N TYR J 266 55.28 3.25 52.18
CA TYR J 266 54.05 3.45 51.42
C TYR J 266 52.99 4.01 52.36
N ASP J 267 52.62 5.28 52.13
CA ASP J 267 51.49 5.87 52.83
C ASP J 267 50.22 5.25 52.26
N VAL J 268 49.60 4.34 53.03
CA VAL J 268 48.51 3.55 52.47
C VAL J 268 47.30 4.42 52.18
N ASP J 269 47.05 5.44 53.00
CA ASP J 269 45.89 6.29 52.79
C ASP J 269 46.12 7.24 51.63
N PHE J 270 47.23 7.98 51.65
CA PHE J 270 47.56 8.86 50.54
C PHE J 270 47.93 8.10 49.27
N GLN J 271 48.25 6.81 49.38
CA GLN J 271 48.63 5.97 48.24
C GLN J 271 49.86 6.52 47.52
N THR J 272 50.86 6.91 48.30
CA THR J 272 52.11 7.45 47.78
C THR J 272 53.27 6.68 48.38
N TRP J 273 54.42 6.75 47.71
CA TRP J 273 55.64 6.11 48.18
C TRP J 273 56.62 7.15 48.69
N GLU J 274 57.65 6.67 49.37
CA GLU J 274 58.64 7.51 50.01
C GLU J 274 59.84 6.67 50.41
N VAL J 275 61.02 7.25 50.33
CA VAL J 275 62.25 6.64 50.82
C VAL J 275 62.57 7.27 52.16
N VAL J 276 62.55 6.47 53.23
CA VAL J 276 62.72 6.99 54.58
C VAL J 276 64.16 7.48 54.76
N GLN J 277 64.32 8.59 55.47
CA GLN J 277 65.63 9.19 55.70
C GLN J 277 66.20 8.71 57.02
N PRO J 278 67.24 7.88 57.02
CA PRO J 278 67.84 7.46 58.29
C PRO J 278 68.59 8.61 58.95
N SER J 279 68.80 8.47 60.26
CA SER J 279 69.44 9.51 61.03
C SER J 279 70.92 9.61 60.70
N SER J 280 71.52 10.74 61.07
CA SER J 280 72.93 10.97 60.80
C SER J 280 73.82 9.95 61.50
N ASP J 281 73.37 9.41 62.63
CA ASP J 281 74.17 8.49 63.43
C ASP J 281 73.70 7.05 63.28
N SER J 282 73.00 6.73 62.19
CA SER J 282 72.48 5.38 61.98
C SER J 282 73.58 4.43 61.56
N GLU J 283 73.54 3.21 62.10
CA GLU J 283 74.39 2.12 61.64
C GLU J 283 73.60 1.38 60.57
N LEU J 284 73.87 1.71 59.31
CA LEU J 284 73.03 1.22 58.22
C LEU J 284 73.27 -0.27 58.01
N PRO J 285 72.20 -1.08 57.92
CA PRO J 285 72.40 -2.49 57.59
C PRO J 285 72.73 -2.66 56.12
N SER J 286 73.68 -3.55 55.84
CA SER J 286 74.05 -3.85 54.47
C SER J 286 72.91 -4.56 53.75
N GLY J 287 72.93 -4.45 52.42
CA GLY J 287 71.93 -5.11 51.60
C GLY J 287 71.85 -6.59 51.87
N ARG J 288 70.65 -7.13 51.91
CA ARG J 288 70.46 -8.53 52.29
C ARG J 288 69.16 -9.02 51.69
N LEU J 289 69.01 -10.35 51.67
CA LEU J 289 67.80 -11.00 51.17
C LEU J 289 67.49 -12.20 52.04
N PHE J 290 66.24 -12.66 51.93
CA PHE J 290 65.74 -13.81 52.71
C PHE J 290 65.91 -13.58 54.20
N HIS J 291 65.94 -12.31 54.61
CA HIS J 291 65.85 -11.93 56.01
C HIS J 291 64.39 -12.01 56.46
N ALA J 292 64.14 -11.64 57.71
CA ALA J 292 62.78 -11.60 58.23
C ALA J 292 62.64 -10.39 59.15
N ALA J 293 61.42 -9.91 59.28
CA ALA J 293 61.15 -8.66 59.98
C ALA J 293 59.98 -8.82 60.95
N ALA J 294 59.96 -7.93 61.95
CA ALA J 294 58.89 -7.88 62.93
C ALA J 294 58.86 -6.49 63.53
N VAL J 295 57.77 -6.18 64.23
CA VAL J 295 57.57 -4.87 64.82
C VAL J 295 57.23 -5.04 66.31
N ILE J 296 57.97 -4.34 67.16
CA ILE J 296 57.67 -4.24 68.59
C ILE J 296 57.64 -2.78 68.97
N SER J 297 56.59 -2.37 69.69
CA SER J 297 56.33 -0.97 70.00
C SER J 297 56.32 -0.14 68.73
N ASP J 298 57.26 0.80 68.61
CA ASP J 298 57.35 1.65 67.43
C ASP J 298 58.71 1.51 66.78
N ALA J 299 59.17 0.28 66.59
CA ALA J 299 60.46 0.01 65.99
C ALA J 299 60.37 -1.24 65.13
N MET J 300 61.19 -1.27 64.08
CA MET J 300 61.28 -2.42 63.18
C MET J 300 62.57 -3.18 63.47
N TYR J 301 62.49 -4.51 63.44
CA TYR J 301 63.63 -5.36 63.75
C TYR J 301 63.94 -6.25 62.56
N ILE J 302 65.21 -6.24 62.14
CA ILE J 302 65.68 -7.01 61.00
C ILE J 302 66.72 -8.00 61.52
N PHE J 303 66.49 -9.29 61.25
CA PHE J 303 67.41 -10.34 61.66
C PHE J 303 67.75 -11.24 60.48
N GLY J 304 69.03 -11.61 60.39
CA GLY J 304 69.43 -12.64 59.47
C GLY J 304 69.45 -12.21 58.01
N GLY J 305 69.54 -13.21 57.15
CA GLY J 305 69.56 -13.02 55.72
C GLY J 305 70.90 -13.37 55.11
N THR J 306 70.89 -13.46 53.79
CA THR J 306 72.12 -13.62 53.03
C THR J 306 72.59 -12.23 52.59
N VAL J 307 73.86 -11.93 52.86
CA VAL J 307 74.39 -10.58 52.70
C VAL J 307 75.54 -10.58 51.71
N ASP J 308 75.22 -10.55 50.41
CA ASP J 308 76.21 -10.56 49.34
C ASP J 308 76.95 -11.90 49.35
N ASN J 309 77.74 -12.16 48.31
CA ASN J 309 78.31 -13.48 48.07
C ASN J 309 77.27 -14.54 48.45
N ASN J 310 77.60 -15.38 49.43
CA ASN J 310 76.60 -16.23 50.06
C ASN J 310 76.74 -16.21 51.57
N ILE J 311 77.37 -15.17 52.12
CA ILE J 311 77.60 -15.03 53.55
C ILE J 311 76.26 -14.92 54.27
N ARG J 312 75.89 -15.95 55.02
CA ARG J 312 74.69 -15.89 55.83
C ARG J 312 74.94 -14.97 57.01
N SER J 313 73.86 -14.42 57.56
CA SER J 313 73.98 -13.37 58.56
C SER J 313 73.23 -13.73 59.83
N GLY J 314 73.81 -13.34 60.95
CA GLY J 314 73.14 -13.41 62.24
C GLY J 314 72.97 -12.04 62.84
N GLU J 315 73.17 -11.02 62.00
CA GLU J 315 73.09 -9.65 62.48
C GLU J 315 71.66 -9.29 62.85
N MET J 316 71.52 -8.41 63.83
CA MET J 316 70.22 -7.91 64.26
C MET J 316 70.27 -6.40 64.18
N TYR J 317 69.32 -5.82 63.44
CA TYR J 317 69.26 -4.38 63.23
C TYR J 317 67.88 -3.88 63.66
N ARG J 318 67.85 -2.67 64.21
CA ARG J 318 66.61 -2.07 64.68
C ARG J 318 66.45 -0.70 64.05
N PHE J 319 65.34 -0.50 63.33
CA PHE J 319 64.97 0.81 62.83
C PHE J 319 63.91 1.40 63.75
N GLN J 320 64.19 2.58 64.30
CA GLN J 320 63.28 3.26 65.20
C GLN J 320 62.32 4.12 64.39
N PHE J 321 61.05 3.72 64.32
CA PHE J 321 60.04 4.60 63.77
C PHE J 321 59.88 5.84 64.66
N SER J 322 59.09 6.78 64.16
CA SER J 322 58.80 8.00 64.93
C SER J 322 58.24 7.66 66.30
MG MG K . -27.91 -0.66 -44.94
PB GDP L . -27.01 -3.67 -45.66
O1B GDP L . -25.63 -3.07 -45.55
O2B GDP L . -28.03 -2.60 -45.38
O3B GDP L . -27.18 -4.83 -44.69
O3A GDP L . -27.22 -4.24 -47.13
PA GDP L . -28.54 -3.90 -47.98
O1A GDP L . -28.47 -2.50 -48.53
O2A GDP L . -29.79 -4.13 -47.17
O5' GDP L . -28.38 -5.02 -49.12
C5' GDP L . -27.14 -5.04 -49.85
C4' GDP L . -27.35 -5.76 -51.16
O4' GDP L . -27.91 -7.05 -50.93
C3' GDP L . -28.36 -4.99 -51.98
O3' GDP L . -27.91 -4.88 -53.34
C2' GDP L . -29.63 -5.80 -51.92
O2' GDP L . -30.34 -5.69 -53.16
C1' GDP L . -29.11 -7.22 -51.67
N9 GDP L . -30.09 -8.01 -50.88
C8 GDP L . -30.56 -7.69 -49.66
N7 GDP L . -31.41 -8.65 -49.22
C5 GDP L . -31.45 -9.62 -50.15
C6 GDP L . -32.14 -10.92 -50.32
O6 GDP L . -32.91 -11.36 -49.43
N1 GDP L . -31.92 -11.62 -51.44
C2 GDP L . -31.09 -11.18 -52.40
N2 GDP L . -30.92 -11.95 -53.51
N3 GDP L . -30.42 -10.00 -52.32
C4 GDP L . -30.57 -9.20 -51.24
PB GDP M . 0.27 26.57 3.71
O1B GDP M . -0.09 26.08 5.10
O2B GDP M . -0.41 25.69 2.69
O3B GDP M . 1.77 26.52 3.53
O3A GDP M . -0.22 28.08 3.55
PA GDP M . -1.07 28.60 2.29
O1A GDP M . -2.52 28.20 2.41
O2A GDP M . -0.47 28.16 0.98
O5' GDP M . -0.89 30.18 2.50
C5' GDP M . -1.25 30.68 3.78
C4' GDP M . -1.52 32.17 3.67
O4' GDP M . -0.40 32.84 3.10
C3' GDP M . -2.71 32.40 2.76
O3' GDP M . -3.61 33.33 3.36
C2' GDP M . -2.12 32.97 1.49
O2' GDP M . -3.00 33.93 0.93
C1' GDP M . -0.82 33.62 1.98
N9 GDP M . 0.21 33.59 0.92
C8 GDP M . 0.70 32.50 0.30
N7 GDP M . 1.65 32.84 -0.61
C5 GDP M . 1.79 34.18 -0.57
C6 GDP M . 2.62 35.19 -1.26
O6 GDP M . 3.45 34.86 -2.13
N1 GDP M . 2.46 36.48 -0.92
C2 GDP M . 1.58 36.87 0.02
N2 GDP M . 1.48 38.19 0.30
N3 GDP M . 0.78 35.99 0.69
C4 GDP M . 0.84 34.67 0.45
MG MG N . -1.79 24.09 3.06
PB GDP O . -76.75 35.39 -35.06
O1B GDP O . -77.63 34.23 -34.69
O2B GDP O . -76.27 35.36 -36.48
O3B GDP O . -75.71 35.73 -34.04
O3A GDP O . -77.68 36.70 -34.97
PA GDP O . -79.13 36.79 -35.64
O1A GDP O . -79.72 35.43 -35.80
O2A GDP O . -79.02 37.72 -36.82
O5' GDP O . -79.96 37.55 -34.50
C5' GDP O . -80.39 36.82 -33.36
C4' GDP O . -81.86 37.06 -33.13
O4' GDP O . -82.03 38.20 -32.29
C3' GDP O . -82.59 37.35 -34.42
O3' GDP O . -83.76 36.55 -34.51
C2' GDP O . -82.95 38.81 -34.39
O2' GDP O . -84.32 39.00 -34.70
C1' GDP O . -82.68 39.26 -32.97
N9 GDP O . -81.78 40.43 -32.97
C8 GDP O . -80.59 40.52 -33.58
N7 GDP O . -80.03 41.74 -33.37
C5 GDP O . -80.87 42.44 -32.61
C6 GDP O . -80.90 43.78 -32.01
O6 GDP O . -79.95 44.57 -32.19
N1 GDP O . -81.97 44.13 -31.28
C2 GDP O . -83.00 43.30 -31.08
N2 GDP O . -84.03 43.73 -30.33
N3 GDP O . -83.04 42.05 -31.59
C4 GDP O . -82.03 41.57 -32.35
MG MG P . -76.18 34.08 -38.05
PB GDP Q . 8.37 -32.69 26.80
O1B GDP Q . 9.62 -33.39 26.32
O2B GDP Q . 8.29 -31.32 26.18
O3B GDP Q . 8.41 -32.56 28.31
O3A GDP Q . 7.09 -33.57 26.38
PA GDP Q . 5.77 -32.94 25.69
O1A GDP Q . 6.01 -32.65 24.23
O2A GDP Q . 5.29 -31.71 26.41
O5' GDP Q . 4.76 -34.17 25.87
C5' GDP Q . 5.11 -35.46 25.39
C4' GDP Q . 3.85 -36.29 25.24
O4' GDP Q . 3.16 -36.28 26.48
C3' GDP Q . 2.93 -35.69 24.20
O3' GDP Q . 2.39 -36.71 23.37
C2' GDP Q . 1.83 -35.03 24.98
O2' GDP Q . 0.58 -35.19 24.30
C1' GDP Q . 1.83 -35.80 26.29
N9 GDP Q . 1.41 -34.95 27.42
C8 GDP Q . 2.04 -33.85 27.87
N7 GDP Q . 1.38 -33.31 28.94
C5 GDP Q . 0.31 -34.10 29.19
C6 GDP Q . -0.80 -34.10 30.16
O6 GDP Q . -0.90 -33.22 31.04
N1 GDP Q . -1.70 -35.09 30.07
C2 GDP Q . -1.63 -36.06 29.13
N2 GDP Q . -2.59 -37.02 29.11
N3 GDP Q . -0.64 -36.10 28.21
C4 GDP Q . 0.33 -35.17 28.19
MG MG R . 9.54 -30.53 24.92
PB GDP S . 70.39 -14.48 28.51
O1B GDP S . 70.79 -13.71 29.75
O2B GDP S . 68.94 -14.88 28.62
O3B GDP S . 71.25 -15.73 28.40
O3A GDP S . 70.63 -13.57 27.21
PA GDP S . 69.55 -13.39 26.03
O1A GDP S . 68.45 -12.43 26.42
O2A GDP S . 69.00 -14.72 25.57
O5' GDP S . 70.49 -12.73 24.90
C5' GDP S . 71.23 -11.57 25.22
C4' GDP S . 71.62 -10.88 23.92
O4' GDP S . 72.32 -11.81 23.09
C3' GDP S . 70.37 -10.44 23.16
O3' GDP S . 70.56 -9.12 22.67
C2' GDP S . 70.26 -11.42 22.01
O2' GDP S . 69.79 -10.74 20.83
C1' GDP S . 71.67 -11.92 21.82
N9 GDP S . 71.70 -13.31 21.32
C8 GDP S . 71.24 -14.40 21.96
N7 GDP S . 71.41 -15.53 21.22
C5 GDP S . 72.00 -15.16 20.06
C6 GDP S . 72.47 -15.84 18.84
O6 GDP S . 72.35 -17.07 18.70
N1 GDP S . 73.04 -15.09 17.88
C2 GDP S . 73.17 -13.75 18.00
N2 GDP S . 73.76 -13.07 16.98
N3 GDP S . 72.77 -13.07 19.10
C4 GDP S . 72.19 -13.70 20.15
MG MG T . 67.64 -14.30 30.03
#